data_3V0G
#
_entry.id   3V0G
#
_cell.length_a   50.863
_cell.length_b   83.863
_cell.length_c   83.604
_cell.angle_alpha   86.55
_cell.angle_beta   89.55
_cell.angle_gamma   89.38
#
_symmetry.space_group_name_H-M   'P 1'
#
loop_
_entity.id
_entity.type
_entity.pdbx_description
1 polymer 'Voltage-sensor containing phosphatase'
2 non-polymer 'PHOSPHATE ION'
3 water water
#
_entity_poly.entity_id   1
_entity_poly.type   'polypeptide(L)'
_entity_poly.pdbx_seq_one_letter_code
;GHMKASSRRTISQNKRRYRKDGFDLDLTYVTDHVIAMSFPSSGRQSLFRNPIGEVSRFFKTKHPDKFRIYNLCSERGYDE
TKFDNHVYRVMIDDHNVPTLVDLLKFIDDAKVWMTSDPDHVIAIHSKGGKGRTGTLVSSWLLEDGKFDTAKEALEYFGSR
RTDFEVGDVFQGVETASQIRYVGYFEKIKKNYGGQLPPMKKLKVTGVTITAIQGVGRGNGSDLSMQIVSERQEVLLCKFA
EGYNCALQYDATDDCVTCEVKNCPVLAGDIKVRFMSTSKSLPRGYDNCPFYFWFNTSLVEGDHVTLKREEIDNPHKKKTW
KIYRDNFTVKLTFSDAEDI
;
_entity_poly.pdbx_strand_id   A,B,C,D
#
loop_
_chem_comp.id
_chem_comp.type
_chem_comp.name
_chem_comp.formula
PO4 non-polymer 'PHOSPHATE ION' 'O4 P -3'
#
# COMPACT_ATOMS: atom_id res chain seq x y z
N GLN A 13 -2.04 45.56 21.33
CA GLN A 13 -2.14 44.46 20.32
C GLN A 13 -1.71 44.90 18.92
N ASN A 14 -1.46 46.20 18.77
CA ASN A 14 -0.96 46.75 17.50
C ASN A 14 0.48 46.35 17.20
N LYS A 15 1.23 46.04 18.26
CA LYS A 15 2.61 45.55 18.14
C LYS A 15 2.61 44.05 17.84
N ARG A 16 1.56 43.37 18.29
CA ARG A 16 1.45 41.91 18.19
C ARG A 16 1.36 41.40 16.75
N ARG A 17 0.34 41.85 16.03
CA ARG A 17 0.04 41.30 14.71
C ARG A 17 0.59 42.10 13.53
N TYR A 18 1.32 41.41 12.66
CA TYR A 18 1.79 41.94 11.40
C TYR A 18 0.62 41.96 10.43
N ARG A 19 0.35 43.13 9.84
CA ARG A 19 -0.81 43.29 8.96
C ARG A 19 -0.48 43.93 7.60
N LYS A 20 0.82 43.97 7.28
CA LYS A 20 1.29 44.63 6.06
C LYS A 20 1.35 43.70 4.86
N ASP A 21 1.27 44.29 3.67
CA ASP A 21 1.46 43.60 2.39
C ASP A 21 0.65 42.30 2.22
N GLY A 22 -0.60 42.31 2.70
CA GLY A 22 -1.51 41.18 2.54
C GLY A 22 -1.26 40.01 3.47
N PHE A 23 -0.47 40.23 4.52
CA PHE A 23 -0.21 39.20 5.53
C PHE A 23 -0.93 39.52 6.84
N ASP A 24 -1.26 38.50 7.60
CA ASP A 24 -1.94 38.66 8.89
C ASP A 24 -1.41 37.63 9.88
N LEU A 25 -0.30 37.98 10.54
CA LEU A 25 0.42 37.04 11.39
C LEU A 25 0.87 37.65 12.71
N ASP A 26 0.85 36.82 13.76
CA ASP A 26 1.48 37.15 15.03
C ASP A 26 2.98 37.04 14.79
N LEU A 27 3.54 38.14 14.30
CA LEU A 27 4.93 38.21 13.87
C LEU A 27 5.48 39.60 14.19
N THR A 28 6.64 39.64 14.85
CA THR A 28 7.25 40.90 15.27
C THR A 28 8.70 40.95 14.83
N TYR A 29 9.04 41.99 14.06
CA TYR A 29 10.44 42.30 13.82
C TYR A 29 10.98 42.97 15.08
N VAL A 30 11.66 42.17 15.91
CA VAL A 30 12.34 42.66 17.10
C VAL A 30 13.42 43.65 16.66
N THR A 31 14.17 43.26 15.63
CA THR A 31 15.04 44.17 14.88
C THR A 31 14.78 43.91 13.39
N ASP A 32 15.51 44.62 12.53
CA ASP A 32 15.41 44.43 11.07
C ASP A 32 15.70 43.00 10.64
N HIS A 33 16.58 42.32 11.38
CA HIS A 33 17.01 40.97 11.01
C HIS A 33 16.68 39.88 12.04
N VAL A 34 15.93 40.23 13.09
CA VAL A 34 15.54 39.26 14.12
C VAL A 34 14.03 39.29 14.34
N ILE A 35 13.38 38.16 14.03
CA ILE A 35 11.92 38.03 14.07
C ILE A 35 11.46 37.09 15.19
N ALA A 36 10.50 37.57 15.98
CA ALA A 36 9.84 36.74 16.99
C ALA A 36 8.38 36.53 16.60
N MET A 37 7.92 35.28 16.67
CA MET A 37 6.59 34.90 16.17
C MET A 37 6.01 33.68 16.88
N SER A 38 4.71 33.46 16.73
CA SER A 38 4.05 32.28 17.30
C SER A 38 4.23 31.05 16.39
N PHE A 39 3.68 29.92 16.81
CA PHE A 39 3.85 28.65 16.10
C PHE A 39 3.20 28.67 14.71
N PRO A 40 3.96 28.25 13.68
CA PRO A 40 3.36 28.03 12.35
C PRO A 40 2.44 26.81 12.38
N SER A 41 1.16 27.06 12.63
CA SER A 41 0.18 26.01 12.90
C SER A 41 -0.40 25.35 11.66
N SER A 42 -0.84 24.11 11.83
CA SER A 42 -1.53 23.35 10.79
C SER A 42 -2.88 23.99 10.45
N GLY A 43 -3.34 23.76 9.22
CA GLY A 43 -4.62 24.30 8.78
C GLY A 43 -4.56 25.74 8.32
N ARG A 44 -5.72 26.27 7.92
CA ARG A 44 -5.80 27.60 7.32
C ARG A 44 -6.41 28.63 8.28
N GLN A 45 -6.80 28.16 9.48
CA GLN A 45 -7.37 29.03 10.52
C GLN A 45 -6.37 30.09 10.96
N SER A 46 -6.82 31.34 11.03
CA SER A 46 -5.93 32.46 11.33
C SER A 46 -6.40 33.34 12.51
N LEU A 47 -7.34 32.83 13.29
CA LEU A 47 -7.81 33.52 14.49
C LEU A 47 -6.95 33.13 15.70
N PHE A 48 -6.08 34.05 16.08
CA PHE A 48 -5.09 33.84 17.15
C PHE A 48 -4.09 32.72 16.88
N ARG A 49 -3.85 32.45 15.60
CA ARG A 49 -2.82 31.50 15.17
C ARG A 49 -2.28 31.79 13.77
N ASN A 50 -1.02 31.43 13.55
CA ASN A 50 -0.36 31.66 12.27
C ASN A 50 -0.41 30.42 11.38
N PRO A 51 -1.21 30.46 10.29
CA PRO A 51 -1.28 29.30 9.39
C PRO A 51 0.08 29.07 8.74
N ILE A 52 0.54 27.81 8.77
CA ILE A 52 1.87 27.45 8.28
C ILE A 52 2.11 27.80 6.80
N GLY A 53 1.06 27.68 5.98
CA GLY A 53 1.15 28.03 4.57
C GLY A 53 1.42 29.50 4.36
N GLU A 54 0.84 30.32 5.22
CA GLU A 54 1.02 31.77 5.19
C GLU A 54 2.38 32.22 5.75
N VAL A 55 2.86 31.52 6.78
CA VAL A 55 4.18 31.81 7.36
C VAL A 55 5.28 31.40 6.38
N SER A 56 5.06 30.29 5.68
CA SER A 56 5.97 29.83 4.63
C SER A 56 6.04 30.86 3.50
N ARG A 57 4.87 31.35 3.08
CA ARG A 57 4.76 32.38 2.05
C ARG A 57 5.45 33.68 2.46
N PHE A 58 5.31 34.06 3.73
CA PHE A 58 5.95 35.27 4.26
C PHE A 58 7.46 35.27 4.02
N PHE A 59 8.14 34.24 4.52
CA PHE A 59 9.60 34.18 4.46
C PHE A 59 10.16 33.93 3.07
N LYS A 60 9.37 33.29 2.22
CA LYS A 60 9.78 33.03 0.84
C LYS A 60 9.70 34.29 -0.03
N THR A 61 8.74 35.18 0.28
CA THR A 61 8.54 36.40 -0.49
C THR A 61 9.33 37.59 0.07
N LYS A 62 9.38 37.70 1.40
CA LYS A 62 10.00 38.87 2.04
C LYS A 62 11.49 38.70 2.33
N HIS A 63 11.93 37.46 2.50
CA HIS A 63 13.35 37.16 2.73
C HIS A 63 13.83 35.94 1.92
N PRO A 64 13.76 36.03 0.57
CA PRO A 64 14.05 34.87 -0.28
C PRO A 64 15.48 34.36 -0.13
N ASP A 65 15.62 33.10 0.29
CA ASP A 65 16.92 32.44 0.48
C ASP A 65 17.84 33.13 1.49
N LYS A 66 17.23 33.87 2.41
CA LYS A 66 17.96 34.64 3.42
C LYS A 66 17.35 34.51 4.81
N PHE A 67 16.67 33.40 5.07
CA PHE A 67 16.04 33.17 6.36
C PHE A 67 16.43 31.84 7.02
N ARG A 68 16.40 31.84 8.35
CA ARG A 68 16.56 30.64 9.16
C ARG A 68 15.50 30.62 10.25
N ILE A 69 14.76 29.52 10.35
CA ILE A 69 13.67 29.38 11.31
C ILE A 69 14.11 28.55 12.51
N TYR A 70 13.80 29.04 13.71
CA TYR A 70 14.10 28.33 14.95
C TYR A 70 12.82 27.91 15.66
N ASN A 71 12.61 26.59 15.74
CA ASN A 71 11.48 26.01 16.45
C ASN A 71 11.90 25.58 17.84
N LEU A 72 11.39 26.30 18.85
CA LEU A 72 11.78 26.08 20.24
C LEU A 72 10.84 25.15 21.00
N CYS A 73 9.93 24.52 20.26
CA CYS A 73 8.92 23.66 20.87
C CYS A 73 9.35 22.20 20.93
N SER A 74 9.56 21.70 22.16
CA SER A 74 9.78 20.28 22.36
C SER A 74 8.53 19.47 21.99
N GLU A 75 7.37 20.11 22.14
CA GLU A 75 6.07 19.43 22.04
C GLU A 75 5.60 19.20 20.61
N ARG A 76 6.12 19.99 19.66
CA ARG A 76 5.57 19.97 18.30
C ARG A 76 6.52 20.46 17.21
N GLY A 77 6.61 19.66 16.15
CA GLY A 77 7.28 20.06 14.92
C GLY A 77 6.30 20.14 13.76
N TYR A 78 6.85 20.16 12.55
CA TYR A 78 6.07 20.24 11.32
C TYR A 78 6.92 19.79 10.13
N ASP A 79 6.33 19.86 8.94
CA ASP A 79 7.04 19.62 7.69
C ASP A 79 8.00 20.79 7.43
N GLU A 80 9.28 20.56 7.67
CA GLU A 80 10.29 21.63 7.56
C GLU A 80 10.71 21.93 6.12
N THR A 81 10.28 21.07 5.18
CA THR A 81 10.50 21.31 3.75
C THR A 81 9.63 22.47 3.27
N LYS A 82 8.56 22.76 4.00
CA LYS A 82 7.73 23.94 3.77
C LYS A 82 8.53 25.23 3.98
N PHE A 83 9.62 25.14 4.75
CA PHE A 83 10.53 26.27 4.93
C PHE A 83 11.88 26.05 4.24
N ASP A 84 11.85 25.21 3.21
CA ASP A 84 13.04 24.83 2.41
C ASP A 84 14.19 24.23 3.25
N ASN A 85 13.82 23.46 4.27
CA ASN A 85 14.77 22.79 5.17
C ASN A 85 15.69 23.75 5.94
N HIS A 86 15.19 24.96 6.18
CA HIS A 86 15.96 25.96 6.92
C HIS A 86 15.40 26.12 8.34
N VAL A 87 15.16 24.99 8.98
CA VAL A 87 14.61 24.93 10.34
C VAL A 87 15.61 24.28 11.30
N TYR A 88 15.80 24.93 12.45
CA TYR A 88 16.65 24.45 13.53
C TYR A 88 15.75 24.21 14.74
N ARG A 89 15.84 23.03 15.33
CA ARG A 89 15.00 22.70 16.49
C ARG A 89 15.76 22.79 17.81
N VAL A 90 15.17 23.52 18.75
CA VAL A 90 15.64 23.53 20.13
C VAL A 90 14.51 22.97 20.99
N MET A 91 14.79 21.85 21.66
CA MET A 91 13.76 21.14 22.41
C MET A 91 13.55 21.75 23.80
N ILE A 92 12.68 22.76 23.88
CA ILE A 92 12.37 23.39 25.16
C ILE A 92 10.90 23.13 25.53
N ASP A 93 10.68 22.63 26.73
CA ASP A 93 9.33 22.48 27.27
C ASP A 93 8.74 23.85 27.53
N ASP A 94 7.44 24.00 27.26
CA ASP A 94 6.76 25.25 27.55
C ASP A 94 6.97 25.61 29.03
N HIS A 95 7.21 26.90 29.27
CA HIS A 95 7.40 27.46 30.62
C HIS A 95 8.68 26.95 31.29
N ASN A 96 9.61 26.48 30.47
CA ASN A 96 10.91 26.03 30.97
C ASN A 96 12.07 26.61 30.14
N VAL A 97 13.27 26.06 30.32
CA VAL A 97 14.46 26.64 29.71
C VAL A 97 15.23 25.61 28.87
N PRO A 98 16.02 26.09 27.90
CA PRO A 98 16.98 25.20 27.22
C PRO A 98 18.12 24.84 28.16
N THR A 99 18.79 23.72 27.87
CA THR A 99 20.04 23.43 28.57
C THR A 99 21.05 24.47 28.14
N LEU A 100 22.05 24.74 28.98
CA LEU A 100 23.09 25.69 28.60
C LEU A 100 23.86 25.26 27.37
N VAL A 101 24.08 23.94 27.23
CA VAL A 101 24.68 23.37 26.03
C VAL A 101 23.82 23.72 24.80
N ASP A 102 22.51 23.49 24.89
CA ASP A 102 21.59 23.80 23.79
C ASP A 102 21.49 25.29 23.47
N LEU A 103 21.46 26.11 24.51
CA LEU A 103 21.48 27.56 24.31
C LEU A 103 22.75 28.01 23.56
N LEU A 104 23.89 27.47 23.94
CA LEU A 104 25.16 27.84 23.30
C LEU A 104 25.28 27.29 21.88
N LYS A 105 24.68 26.12 21.65
CA LYS A 105 24.64 25.48 20.33
C LYS A 105 23.77 26.33 19.40
N PHE A 106 22.65 26.83 19.93
CA PHE A 106 21.82 27.75 19.18
C PHE A 106 22.58 29.03 18.83
N ILE A 107 23.22 29.63 19.83
CA ILE A 107 23.96 30.87 19.66
C ILE A 107 25.02 30.77 18.54
N ASP A 108 25.76 29.66 18.50
CA ASP A 108 26.76 29.48 17.44
C ASP A 108 26.13 29.30 16.07
N ASP A 109 25.02 28.56 16.02
CA ASP A 109 24.28 28.35 14.77
C ASP A 109 23.76 29.69 14.22
N ALA A 110 23.15 30.48 15.09
CA ALA A 110 22.70 31.82 14.74
C ALA A 110 23.85 32.73 14.28
N LYS A 111 24.96 32.72 15.01
CA LYS A 111 26.08 33.63 14.70
C LYS A 111 26.74 33.35 13.34
N VAL A 112 26.98 32.07 13.04
CA VAL A 112 27.51 31.66 11.74
C VAL A 112 26.57 32.09 10.59
N TRP A 113 25.29 31.78 10.73
CA TRP A 113 24.28 32.15 9.73
C TRP A 113 24.21 33.67 9.52
N MET A 114 24.23 34.43 10.61
CA MET A 114 24.09 35.89 10.53
C MET A 114 25.35 36.62 10.05
N THR A 115 26.51 36.00 10.23
CA THR A 115 27.80 36.61 9.84
C THR A 115 28.09 36.50 8.34
N SER A 116 27.58 35.45 7.71
CA SER A 116 27.85 35.17 6.29
C SER A 116 27.20 36.13 5.30
N ASP A 117 26.13 36.81 5.72
CA ASP A 117 25.38 37.71 4.87
C ASP A 117 24.60 38.72 5.71
N PRO A 118 24.87 40.03 5.52
CA PRO A 118 24.18 41.12 6.21
C PRO A 118 22.66 41.12 6.05
N ASP A 119 22.18 40.51 4.97
CA ASP A 119 20.75 40.49 4.67
C ASP A 119 20.03 39.24 5.23
N HIS A 120 20.80 38.35 5.87
CA HIS A 120 20.24 37.17 6.53
C HIS A 120 19.37 37.54 7.73
N VAL A 121 18.30 36.78 7.93
CA VAL A 121 17.40 36.97 9.06
C VAL A 121 17.16 35.68 9.85
N ILE A 122 16.91 35.83 11.15
CA ILE A 122 16.52 34.70 11.99
C ILE A 122 15.11 34.92 12.51
N ALA A 123 14.30 33.86 12.47
CA ALA A 123 12.95 33.91 12.99
C ALA A 123 12.77 32.87 14.08
N ILE A 124 12.73 33.36 15.31
CA ILE A 124 12.61 32.50 16.48
C ILE A 124 11.15 32.38 16.86
N HIS A 125 10.69 31.15 17.06
CA HIS A 125 9.32 30.90 17.46
C HIS A 125 9.17 29.81 18.52
N SER A 126 8.11 29.95 19.31
CA SER A 126 7.70 28.93 20.26
C SER A 126 6.21 28.67 20.03
N LYS A 127 5.42 28.45 21.09
CA LYS A 127 3.97 28.31 20.90
C LYS A 127 3.31 29.67 20.67
N GLY A 128 3.51 30.57 21.64
CA GLY A 128 2.97 31.92 21.57
C GLY A 128 4.00 32.98 21.21
N GLY A 129 5.27 32.57 21.14
CA GLY A 129 6.36 33.51 20.87
C GLY A 129 6.65 34.44 22.04
N LYS A 130 6.39 33.95 23.25
CA LYS A 130 6.57 34.72 24.49
C LYS A 130 7.84 34.29 25.26
N GLY A 131 7.66 33.39 26.21
CA GLY A 131 8.70 33.01 27.16
C GLY A 131 9.95 32.39 26.58
N ARG A 132 9.79 31.24 25.92
CA ARG A 132 10.93 30.54 25.31
C ARG A 132 11.58 31.38 24.23
N THR A 133 10.74 31.99 23.39
CA THR A 133 11.22 32.86 22.33
C THR A 133 12.00 34.05 22.90
N GLY A 134 11.45 34.67 23.95
CA GLY A 134 12.12 35.78 24.63
C GLY A 134 13.46 35.38 25.20
N THR A 135 13.58 34.13 25.64
CA THR A 135 14.82 33.61 26.21
C THR A 135 15.95 33.58 25.19
N LEU A 136 15.64 33.13 23.97
CA LEU A 136 16.67 33.00 22.95
C LEU A 136 16.91 34.30 22.19
N VAL A 137 15.86 35.09 22.00
CA VAL A 137 16.01 36.38 21.33
C VAL A 137 16.86 37.33 22.19
N SER A 138 16.62 37.36 23.50
CA SER A 138 17.39 38.21 24.40
C SER A 138 18.85 37.76 24.46
N SER A 139 19.06 36.44 24.53
CA SER A 139 20.41 35.89 24.49
C SER A 139 21.14 36.31 23.21
N TRP A 140 20.48 36.16 22.06
CA TRP A 140 21.07 36.57 20.78
C TRP A 140 21.41 38.07 20.72
N LEU A 141 20.53 38.90 21.26
CA LEU A 141 20.76 40.35 21.26
C LEU A 141 21.99 40.73 22.08
N LEU A 142 22.27 39.95 23.13
CA LEU A 142 23.49 40.11 23.92
C LEU A 142 24.70 39.68 23.10
N GLU A 143 24.59 38.55 22.41
CA GLU A 143 25.65 38.01 21.56
C GLU A 143 26.03 38.99 20.45
N ASP A 144 25.02 39.60 19.83
CA ASP A 144 25.25 40.53 18.72
C ASP A 144 25.69 41.91 19.22
N GLY A 145 25.73 42.08 20.53
CA GLY A 145 26.28 43.27 21.18
C GLY A 145 25.38 44.49 21.23
N LYS A 146 24.10 44.31 20.92
CA LYS A 146 23.11 45.38 21.00
C LYS A 146 22.92 45.85 22.45
N PHE A 147 23.05 44.92 23.38
CA PHE A 147 22.96 45.20 24.82
C PHE A 147 24.07 44.46 25.54
N ASP A 148 24.50 45.00 26.69
CA ASP A 148 25.54 44.39 27.51
C ASP A 148 24.96 43.69 28.74
N THR A 149 23.73 44.04 29.10
CA THR A 149 23.07 43.42 30.25
C THR A 149 21.82 42.63 29.85
N ALA A 150 21.60 41.51 30.53
CA ALA A 150 20.43 40.66 30.29
C ALA A 150 19.12 41.42 30.51
N LYS A 151 19.06 42.20 31.59
CA LYS A 151 17.91 43.06 31.90
C LYS A 151 17.51 43.93 30.70
N GLU A 152 18.50 44.58 30.08
CA GLU A 152 18.25 45.46 28.94
C GLU A 152 17.71 44.72 27.73
N ALA A 153 18.25 43.54 27.46
CA ALA A 153 17.81 42.72 26.33
C ALA A 153 16.38 42.23 26.51
N LEU A 154 16.08 41.75 27.72
CA LEU A 154 14.75 41.23 28.07
C LEU A 154 13.68 42.30 28.00
N GLU A 155 14.00 43.48 28.51
CA GLU A 155 13.07 44.60 28.52
C GLU A 155 12.82 45.11 27.10
N TYR A 156 13.86 45.10 26.28
CA TYR A 156 13.71 45.45 24.86
C TYR A 156 12.81 44.44 24.14
N PHE A 157 12.97 43.16 24.45
CA PHE A 157 12.10 42.14 23.85
C PHE A 157 10.65 42.38 24.23
N GLY A 158 10.41 42.69 25.50
CA GLY A 158 9.08 42.99 26.01
C GLY A 158 8.43 44.19 25.34
N SER A 159 9.24 45.20 25.03
CA SER A 159 8.77 46.42 24.38
C SER A 159 8.36 46.21 22.92
N ARG A 160 9.06 45.32 22.23
CA ARG A 160 8.77 45.02 20.82
C ARG A 160 7.63 44.01 20.66
N ARG A 161 7.64 42.97 21.49
CA ARG A 161 6.69 41.87 21.38
C ARG A 161 5.36 42.16 22.08
N THR A 162 5.44 42.57 23.35
CA THR A 162 4.25 42.85 24.14
C THR A 162 4.05 44.36 24.33
N ASP A 163 3.06 44.72 25.14
CA ASP A 163 2.73 46.13 25.40
C ASP A 163 3.57 46.74 26.53
N PHE A 164 4.70 46.11 26.84
CA PHE A 164 5.62 46.61 27.85
C PHE A 164 6.33 47.88 27.38
N GLU A 165 6.51 48.82 28.29
CA GLU A 165 7.24 50.06 28.00
C GLU A 165 8.48 50.19 28.87
N VAL A 166 9.58 50.60 28.25
CA VAL A 166 10.85 50.78 28.94
C VAL A 166 10.82 51.95 29.92
N GLY A 167 10.84 51.61 31.21
CA GLY A 167 10.69 52.58 32.29
C GLY A 167 9.92 51.98 33.46
N ASP A 168 8.94 51.14 33.14
CA ASP A 168 8.15 50.42 34.12
C ASP A 168 8.81 49.09 34.47
N VAL A 169 8.50 48.55 35.65
CA VAL A 169 9.06 47.28 36.12
C VAL A 169 8.77 46.14 35.13
N PHE A 170 9.76 45.28 34.94
CA PHE A 170 9.63 44.15 34.01
C PHE A 170 8.87 43.00 34.65
N GLN A 171 7.67 42.73 34.11
CA GLN A 171 6.82 41.65 34.58
C GLN A 171 6.18 40.90 33.41
N GLY A 172 5.82 39.65 33.63
CA GLY A 172 5.20 38.82 32.60
C GLY A 172 6.20 38.31 31.58
N VAL A 173 5.67 37.84 30.45
CA VAL A 173 6.44 37.28 29.32
C VAL A 173 7.28 36.04 29.69
N GLU A 174 8.45 36.25 30.31
CA GLU A 174 9.34 35.14 30.66
C GLU A 174 9.13 34.67 32.11
N THR A 175 9.42 33.40 32.37
CA THR A 175 9.42 32.86 33.73
C THR A 175 10.69 33.32 34.45
N ALA A 176 10.74 33.09 35.75
CA ALA A 176 11.92 33.42 36.56
C ALA A 176 13.18 32.67 36.11
N SER A 177 13.02 31.39 35.79
CA SER A 177 14.14 30.57 35.28
C SER A 177 14.58 31.02 33.90
N GLN A 178 13.61 31.39 33.05
CA GLN A 178 13.91 31.92 31.73
C GLN A 178 14.72 33.22 31.83
N ILE A 179 14.35 34.10 32.76
CA ILE A 179 15.13 35.30 33.09
C ILE A 179 16.53 34.91 33.58
N ARG A 180 16.60 33.96 34.51
CA ARG A 180 17.86 33.46 35.07
C ARG A 180 18.81 32.99 33.99
N TYR A 181 18.27 32.26 33.01
CA TYR A 181 19.10 31.66 31.97
C TYR A 181 19.67 32.65 30.96
N VAL A 182 18.95 33.75 30.72
CA VAL A 182 19.49 34.85 29.93
C VAL A 182 20.64 35.47 30.71
N GLY A 183 20.45 35.61 32.01
CA GLY A 183 21.50 36.07 32.93
C GLY A 183 22.70 35.15 32.93
N TYR A 184 22.44 33.84 32.90
CA TYR A 184 23.49 32.83 32.76
C TYR A 184 24.33 33.08 31.50
N PHE A 185 23.66 33.28 30.37
CA PHE A 185 24.37 33.55 29.11
C PHE A 185 25.23 34.81 29.16
N GLU A 186 24.72 35.86 29.80
CA GLU A 186 25.49 37.09 30.00
C GLU A 186 26.78 36.81 30.75
N LYS A 187 26.69 36.01 31.83
CA LYS A 187 27.84 35.62 32.64
C LYS A 187 28.81 34.75 31.83
N ILE A 188 28.25 33.92 30.94
CA ILE A 188 29.04 33.07 30.04
C ILE A 188 29.83 33.93 29.05
N LYS A 189 29.16 34.92 28.46
CA LYS A 189 29.79 35.81 27.49
C LYS A 189 30.83 36.74 28.14
N LYS A 190 30.54 37.20 29.35
CA LYS A 190 31.43 38.15 30.04
C LYS A 190 32.61 37.50 30.74
N ASN A 191 32.37 36.38 31.43
CA ASN A 191 33.39 35.74 32.27
C ASN A 191 34.02 34.47 31.69
N TYR A 192 33.34 33.84 30.74
CA TYR A 192 33.81 32.56 30.20
C TYR A 192 34.07 32.60 28.69
N GLY A 193 34.02 33.80 28.12
CA GLY A 193 34.33 34.01 26.70
C GLY A 193 33.40 33.30 25.73
N GLY A 194 32.16 33.10 26.13
CA GLY A 194 31.17 32.38 25.33
C GLY A 194 31.29 30.86 25.41
N GLN A 195 32.23 30.39 26.22
CA GLN A 195 32.46 28.95 26.39
C GLN A 195 31.65 28.43 27.56
N LEU A 196 31.22 27.16 27.48
CA LEU A 196 30.54 26.50 28.58
C LEU A 196 31.44 26.46 29.82
N PRO A 197 30.92 26.92 30.98
CA PRO A 197 31.70 26.89 32.22
C PRO A 197 32.11 25.45 32.57
N PRO A 198 33.27 25.28 33.23
CA PRO A 198 33.72 23.93 33.61
C PRO A 198 32.66 23.17 34.40
N MET A 199 32.61 21.85 34.22
CA MET A 199 31.65 20.99 34.89
C MET A 199 31.83 21.03 36.40
N LYS A 200 30.73 21.24 37.12
CA LYS A 200 30.73 21.21 38.58
C LYS A 200 29.73 20.16 39.08
N LYS A 201 30.23 19.18 39.82
CA LYS A 201 29.41 18.11 40.38
C LYS A 201 28.99 18.43 41.82
N LEU A 202 27.69 18.39 42.08
CA LEU A 202 27.13 18.72 43.39
C LEU A 202 26.09 17.70 43.86
N LYS A 203 25.85 17.67 45.17
CA LYS A 203 24.73 16.93 45.75
C LYS A 203 23.91 17.87 46.61
N VAL A 204 22.59 17.83 46.46
CA VAL A 204 21.70 18.59 47.35
C VAL A 204 21.63 17.87 48.70
N THR A 205 21.91 18.61 49.78
CA THR A 205 21.92 18.04 51.12
C THR A 205 20.85 18.64 52.04
N GLY A 206 20.28 19.76 51.61
CA GLY A 206 19.24 20.44 52.38
C GLY A 206 18.39 21.41 51.57
N VAL A 207 17.15 21.60 51.99
CA VAL A 207 16.30 22.65 51.44
C VAL A 207 15.72 23.47 52.59
N THR A 208 15.68 24.79 52.43
CA THR A 208 15.13 25.70 53.43
C THR A 208 14.13 26.65 52.81
N ILE A 209 12.90 26.65 53.34
CA ILE A 209 11.84 27.53 52.85
C ILE A 209 11.44 28.52 53.95
N THR A 210 11.49 29.80 53.61
CA THR A 210 11.10 30.88 54.53
C THR A 210 9.70 31.39 54.18
N ALA A 211 9.05 32.03 55.15
CA ALA A 211 7.64 32.45 55.03
C ALA A 211 6.75 31.28 54.62
N ILE A 212 6.83 30.19 55.38
CA ILE A 212 6.10 28.96 55.09
C ILE A 212 4.62 29.07 55.50
N GLN A 213 4.34 29.90 56.50
CA GLN A 213 2.98 30.17 56.96
C GLN A 213 2.09 30.60 55.79
N GLY A 214 0.94 29.93 55.66
CA GLY A 214 0.00 30.21 54.58
C GLY A 214 0.30 29.50 53.27
N VAL A 215 1.43 28.79 53.22
CA VAL A 215 1.81 28.00 52.06
C VAL A 215 1.43 26.55 52.32
N GLY A 216 0.34 26.11 51.70
CA GLY A 216 -0.22 24.78 51.94
C GLY A 216 -0.68 24.63 53.38
N ARG A 217 -0.18 23.62 54.07
CA ARG A 217 -0.47 23.41 55.48
C ARG A 217 0.29 24.37 56.40
N GLY A 218 1.22 25.12 55.82
CA GLY A 218 1.97 26.16 56.54
C GLY A 218 3.04 25.65 57.48
N ASN A 219 3.41 24.38 57.31
CA ASN A 219 4.44 23.76 58.16
C ASN A 219 5.27 22.71 57.42
N GLY A 220 5.13 22.69 56.10
CA GLY A 220 5.93 21.79 55.25
C GLY A 220 5.38 20.38 55.13
N SER A 221 4.35 20.07 55.93
CA SER A 221 3.81 18.70 56.01
C SER A 221 3.13 18.20 54.73
N ASP A 222 2.68 19.13 53.90
CA ASP A 222 2.03 18.78 52.62
C ASP A 222 3.02 18.71 51.46
N LEU A 223 4.23 19.22 51.68
CA LEU A 223 5.18 19.43 50.58
C LEU A 223 6.00 18.19 50.21
N SER A 224 6.33 18.09 48.92
CA SER A 224 7.30 17.13 48.42
C SER A 224 8.21 17.81 47.40
N MET A 225 9.42 17.29 47.24
CA MET A 225 10.38 17.89 46.32
C MET A 225 10.95 16.88 45.32
N GLN A 226 10.88 17.23 44.04
CA GLN A 226 11.41 16.41 42.95
C GLN A 226 12.59 17.08 42.27
N ILE A 227 13.71 16.37 42.17
CA ILE A 227 14.86 16.83 41.40
C ILE A 227 14.88 16.12 40.05
N VAL A 228 14.93 16.90 38.98
CA VAL A 228 14.92 16.37 37.61
C VAL A 228 16.21 16.72 36.88
N SER A 229 16.87 15.71 36.33
CA SER A 229 18.07 15.89 35.52
C SER A 229 17.90 15.19 34.17
N GLU A 230 18.19 15.91 33.09
CA GLU A 230 18.06 15.40 31.72
C GLU A 230 16.73 14.66 31.49
N ARG A 231 15.64 15.35 31.84
CA ARG A 231 14.27 14.87 31.63
C ARG A 231 13.90 13.61 32.44
N GLN A 232 14.65 13.33 33.49
CA GLN A 232 14.39 12.17 34.35
C GLN A 232 14.43 12.56 35.83
N GLU A 233 13.51 12.00 36.61
CA GLU A 233 13.55 12.14 38.07
C GLU A 233 14.79 11.43 38.61
N VAL A 234 15.60 12.13 39.38
CA VAL A 234 16.78 11.55 40.02
C VAL A 234 16.62 11.46 41.53
N LEU A 235 15.67 12.22 42.07
CA LEU A 235 15.32 12.14 43.48
C LEU A 235 13.93 12.68 43.76
N LEU A 236 13.25 12.04 44.71
CA LEU A 236 11.98 12.51 45.24
C LEU A 236 12.02 12.47 46.77
N CYS A 237 11.68 13.61 47.38
CA CYS A 237 11.59 13.75 48.83
C CYS A 237 10.16 14.05 49.22
N LYS A 238 9.64 13.34 50.22
CA LYS A 238 8.34 13.66 50.79
C LYS A 238 8.55 14.04 52.26
N PHE A 239 8.20 15.28 52.58
CA PHE A 239 8.69 15.95 53.80
C PHE A 239 8.16 15.40 55.13
N ALA A 240 6.84 15.32 55.26
CA ALA A 240 6.19 14.87 56.50
C ALA A 240 6.51 13.42 56.84
N GLU A 241 6.66 12.61 55.80
CA GLU A 241 6.86 11.17 55.91
C GLU A 241 8.32 10.79 56.14
N GLY A 242 9.24 11.68 55.78
CA GLY A 242 10.67 11.39 55.92
C GLY A 242 11.18 10.56 54.75
N TYR A 243 10.49 10.67 53.63
CA TYR A 243 10.81 9.98 52.39
C TYR A 243 12.04 10.64 51.77
N ASN A 244 13.19 9.97 51.89
CA ASN A 244 14.48 10.51 51.44
C ASN A 244 14.85 11.86 52.08
N CYS A 245 14.37 12.09 53.30
CA CYS A 245 14.56 13.37 54.00
C CYS A 245 14.24 13.35 55.49
N ALA A 246 14.40 14.51 56.13
CA ALA A 246 14.06 14.71 57.54
C ALA A 246 13.65 16.17 57.73
N LEU A 247 12.34 16.39 57.88
CA LEU A 247 11.79 17.73 57.99
C LEU A 247 11.94 18.28 59.40
N GLN A 248 12.23 19.58 59.47
CA GLN A 248 12.15 20.33 60.72
C GLN A 248 11.32 21.58 60.50
N TYR A 249 10.30 21.78 61.33
CA TYR A 249 9.48 22.98 61.26
C TYR A 249 9.79 23.92 62.43
N ASP A 250 10.14 25.15 62.10
CA ASP A 250 10.51 26.17 63.07
C ASP A 250 9.42 27.23 63.12
N ALA A 251 8.47 27.05 64.03
CA ALA A 251 7.31 27.96 64.16
C ALA A 251 7.71 29.39 64.50
N THR A 252 8.74 29.54 65.33
CA THR A 252 9.20 30.85 65.78
C THR A 252 9.86 31.69 64.69
N ASP A 253 10.45 31.03 63.70
CA ASP A 253 11.11 31.71 62.59
C ASP A 253 10.28 31.70 61.31
N ASP A 254 9.16 30.98 61.34
CA ASP A 254 8.26 30.81 60.19
C ASP A 254 9.04 30.22 59.00
N CYS A 255 9.69 29.09 59.25
CA CYS A 255 10.52 28.44 58.24
C CYS A 255 10.58 26.93 58.42
N VAL A 256 10.80 26.22 57.31
CA VAL A 256 11.07 24.80 57.35
C VAL A 256 12.47 24.52 56.83
N THR A 257 13.17 23.60 57.49
CA THR A 257 14.50 23.18 57.07
C THR A 257 14.49 21.66 56.96
N CYS A 258 14.93 21.14 55.82
CA CYS A 258 14.81 19.72 55.54
C CYS A 258 16.13 19.13 55.05
N GLU A 259 16.63 18.12 55.75
CA GLU A 259 17.79 17.38 55.31
C GLU A 259 17.40 16.54 54.10
N VAL A 260 18.15 16.68 53.01
CA VAL A 260 17.90 15.90 51.80
C VAL A 260 18.82 14.68 51.81
N LYS A 261 18.21 13.50 51.77
CA LYS A 261 18.97 12.25 51.82
C LYS A 261 19.02 11.57 50.46
N ASN A 262 20.13 10.88 50.21
CA ASN A 262 20.31 9.99 49.06
C ASN A 262 20.33 10.67 47.68
N CYS A 263 20.63 11.96 47.65
CA CYS A 263 20.71 12.67 46.38
C CYS A 263 21.92 12.18 45.57
N PRO A 264 21.70 11.76 44.32
CA PRO A 264 22.81 11.33 43.48
C PRO A 264 23.62 12.53 42.99
N VAL A 265 24.80 12.27 42.44
CA VAL A 265 25.63 13.33 41.89
C VAL A 265 24.86 14.04 40.79
N LEU A 266 24.76 15.35 40.92
CA LEU A 266 24.07 16.20 39.96
C LEU A 266 25.07 17.03 39.17
N ALA A 267 24.82 17.18 37.87
CA ALA A 267 25.65 18.02 37.01
C ALA A 267 24.83 18.57 35.85
N GLY A 268 25.06 19.84 35.55
CA GLY A 268 24.41 20.50 34.42
C GLY A 268 23.18 21.27 34.84
N ASP A 269 22.13 21.16 34.02
CA ASP A 269 20.87 21.86 34.27
C ASP A 269 19.91 21.01 35.09
N ILE A 270 19.54 21.55 36.24
CA ILE A 270 18.75 20.84 37.24
C ILE A 270 17.42 21.54 37.45
N LYS A 271 16.34 20.78 37.35
CA LYS A 271 14.99 21.29 37.58
C LYS A 271 14.48 20.77 38.92
N VAL A 272 14.06 21.68 39.79
CA VAL A 272 13.55 21.32 41.11
C VAL A 272 12.08 21.72 41.21
N ARG A 273 11.23 20.73 41.44
CA ARG A 273 9.78 20.92 41.48
C ARG A 273 9.25 20.66 42.89
N PHE A 274 8.43 21.57 43.39
CA PHE A 274 7.80 21.38 44.69
C PHE A 274 6.31 21.11 44.52
N MET A 275 5.86 19.99 45.10
CA MET A 275 4.48 19.54 44.97
C MET A 275 3.79 19.52 46.33
N SER A 276 2.47 19.65 46.32
CA SER A 276 1.68 19.68 47.55
C SER A 276 0.44 18.80 47.47
N THR A 277 0.11 18.17 48.60
CA THR A 277 -1.14 17.42 48.73
C THR A 277 -2.32 18.36 48.97
N SER A 278 -2.03 19.54 49.51
CA SER A 278 -3.06 20.53 49.83
C SER A 278 -3.55 21.26 48.58
N LYS A 279 -4.85 21.18 48.33
CA LYS A 279 -5.46 21.83 47.17
C LYS A 279 -5.57 23.35 47.36
N SER A 280 -5.39 23.82 48.60
CA SER A 280 -5.37 25.25 48.92
C SER A 280 -4.07 25.92 48.43
N LEU A 281 -3.25 25.15 47.73
CA LEU A 281 -2.03 25.65 47.11
C LEU A 281 -2.12 25.41 45.61
N PRO A 282 -2.55 26.44 44.84
CA PRO A 282 -2.83 26.33 43.41
C PRO A 282 -1.61 25.97 42.57
N ARG A 283 -1.86 25.38 41.41
CA ARG A 283 -0.81 25.02 40.47
C ARG A 283 -0.74 26.06 39.35
N GLY A 284 0.46 26.61 39.13
CA GLY A 284 0.69 27.55 38.05
C GLY A 284 1.13 26.81 36.80
N TYR A 285 2.32 27.14 36.30
CA TYR A 285 2.94 26.39 35.22
C TYR A 285 3.48 25.07 35.75
N ASP A 286 3.74 24.14 34.82
CA ASP A 286 4.45 22.88 35.10
C ASP A 286 3.75 21.92 36.07
N ASN A 287 2.46 22.16 36.31
CA ASN A 287 1.63 21.26 37.12
C ASN A 287 2.08 21.11 38.58
N CYS A 288 2.60 22.19 39.15
CA CYS A 288 3.00 22.23 40.55
C CYS A 288 2.92 23.66 41.11
N PRO A 289 2.84 23.80 42.45
CA PRO A 289 2.81 25.13 43.08
C PRO A 289 4.02 26.00 42.74
N PHE A 290 5.23 25.47 42.91
CA PHE A 290 6.44 26.20 42.52
C PHE A 290 7.62 25.31 42.11
N TYR A 291 8.46 25.86 41.23
CA TYR A 291 9.62 25.15 40.71
C TYR A 291 10.68 26.15 40.26
N PHE A 292 11.89 25.64 39.98
CA PHE A 292 12.95 26.46 39.40
C PHE A 292 14.01 25.60 38.71
N TRP A 293 14.76 26.24 37.82
CA TRP A 293 15.93 25.65 37.17
C TRP A 293 17.19 26.34 37.67
N PHE A 294 18.27 25.58 37.75
CA PHE A 294 19.60 26.15 37.94
C PHE A 294 20.64 25.24 37.29
N ASN A 295 21.81 25.81 36.98
CA ASN A 295 22.93 25.03 36.47
C ASN A 295 24.02 24.90 37.53
N THR A 296 24.53 23.70 37.70
CA THR A 296 25.47 23.39 38.79
C THR A 296 26.79 24.15 38.69
N SER A 297 27.21 24.43 37.45
CA SER A 297 28.46 25.15 37.19
C SER A 297 28.39 26.62 37.61
N LEU A 298 27.17 27.16 37.64
CA LEU A 298 26.91 28.56 37.96
C LEU A 298 26.59 28.78 39.44
N VAL A 299 26.59 27.69 40.21
CA VAL A 299 26.37 27.75 41.66
C VAL A 299 27.60 28.36 42.34
N GLU A 300 27.36 29.30 43.26
CA GLU A 300 28.43 29.97 43.98
C GLU A 300 28.41 29.58 45.46
N GLY A 301 29.53 29.02 45.93
CA GLY A 301 29.66 28.59 47.32
C GLY A 301 29.09 27.21 47.56
N ASP A 302 28.33 27.06 48.64
CA ASP A 302 27.73 25.78 49.00
C ASP A 302 26.19 25.83 49.00
N HIS A 303 25.63 26.86 48.38
CA HIS A 303 24.18 27.07 48.37
C HIS A 303 23.71 27.94 47.22
N VAL A 304 22.44 27.80 46.86
CA VAL A 304 21.75 28.76 46.01
C VAL A 304 20.45 29.19 46.71
N THR A 305 20.26 30.50 46.83
CA THR A 305 19.06 31.05 47.45
C THR A 305 18.29 31.88 46.43
N LEU A 306 16.98 31.63 46.33
CA LEU A 306 16.13 32.33 45.38
C LEU A 306 15.00 33.08 46.07
N LYS A 307 14.89 34.36 45.78
CA LYS A 307 13.81 35.20 46.26
C LYS A 307 12.50 34.83 45.55
N ARG A 308 11.38 35.37 46.03
CA ARG A 308 10.05 35.07 45.47
C ARG A 308 9.97 35.30 43.95
N GLU A 309 10.45 36.46 43.50
CA GLU A 309 10.42 36.82 42.08
C GLU A 309 11.44 36.03 41.25
N GLU A 310 12.23 35.19 41.91
CA GLU A 310 13.23 34.34 41.24
C GLU A 310 12.78 32.88 41.11
N ILE A 311 11.55 32.60 41.53
CA ILE A 311 10.99 31.25 41.52
C ILE A 311 9.82 31.20 40.55
N ASP A 312 9.73 30.11 39.79
CA ASP A 312 8.66 29.97 38.79
C ASP A 312 7.30 29.67 39.41
N ASN A 313 6.37 30.60 39.17
CA ASN A 313 4.99 30.63 39.69
C ASN A 313 4.74 31.70 40.77
N PRO A 314 5.58 31.75 41.83
CA PRO A 314 5.42 32.86 42.77
C PRO A 314 5.83 34.21 42.18
N HIS A 315 6.62 34.18 41.11
CA HIS A 315 7.07 35.41 40.44
C HIS A 315 5.90 36.24 39.90
N LYS A 316 4.72 35.63 39.84
CA LYS A 316 3.49 36.30 39.42
C LYS A 316 2.81 36.97 40.61
N LYS A 317 2.31 38.18 40.38
CA LYS A 317 1.67 38.99 41.42
C LYS A 317 0.33 38.44 41.92
N LYS A 318 -0.34 37.64 41.08
CA LYS A 318 -1.62 37.02 41.46
C LYS A 318 -1.51 36.03 42.62
N THR A 319 -0.29 35.52 42.85
CA THR A 319 -0.05 34.51 43.88
C THR A 319 0.51 35.11 45.18
N TRP A 320 0.69 36.43 45.20
CA TRP A 320 1.40 37.10 46.30
C TRP A 320 0.66 37.14 47.65
N LYS A 321 -0.56 36.61 47.68
CA LYS A 321 -1.30 36.45 48.94
C LYS A 321 -0.84 35.19 49.67
N ILE A 322 -0.29 34.24 48.90
CA ILE A 322 0.24 32.99 49.45
C ILE A 322 1.75 33.08 49.64
N TYR A 323 2.46 33.42 48.56
CA TYR A 323 3.91 33.64 48.63
C TYR A 323 4.19 35.11 48.93
N ARG A 324 4.61 35.38 50.17
CA ARG A 324 4.85 36.75 50.63
C ARG A 324 6.21 37.30 50.17
N ASP A 325 6.53 38.54 50.55
CA ASP A 325 7.74 39.20 50.04
C ASP A 325 9.05 38.62 50.60
N ASN A 326 8.95 37.86 51.68
CA ASN A 326 10.11 37.20 52.28
C ASN A 326 10.17 35.68 52.02
N PHE A 327 9.28 35.20 51.14
CA PHE A 327 9.30 33.80 50.70
C PHE A 327 10.54 33.52 49.87
N THR A 328 11.39 32.63 50.38
CA THR A 328 12.60 32.22 49.68
C THR A 328 12.78 30.70 49.73
N VAL A 329 13.51 30.15 48.76
CA VAL A 329 13.92 28.75 48.79
C VAL A 329 15.45 28.70 48.66
N LYS A 330 16.08 27.94 49.55
CA LYS A 330 17.53 27.77 49.53
C LYS A 330 17.87 26.29 49.49
N LEU A 331 18.70 25.92 48.50
CA LEU A 331 19.27 24.58 48.44
C LEU A 331 20.70 24.62 48.95
N THR A 332 21.03 23.72 49.87
CA THR A 332 22.39 23.57 50.35
C THR A 332 23.03 22.38 49.63
N PHE A 333 24.30 22.53 49.26
CA PHE A 333 25.02 21.54 48.47
C PHE A 333 26.22 20.95 49.19
N SER A 334 26.65 19.78 48.71
CA SER A 334 27.96 19.23 49.05
C SER A 334 28.76 19.01 47.76
N ASP A 335 30.08 19.11 47.87
CA ASP A 335 30.97 18.98 46.71
C ASP A 335 31.11 17.52 46.30
N ALA A 336 30.61 17.20 45.11
CA ALA A 336 30.59 15.82 44.60
C ALA A 336 31.79 15.49 43.70
N GLU A 337 32.73 16.42 43.62
CA GLU A 337 33.95 16.22 42.83
C GLU A 337 34.85 15.16 43.48
N ASP A 338 35.67 14.51 42.66
CA ASP A 338 36.54 13.43 43.11
C ASP A 338 37.71 13.96 43.93
N GLY B 1 -9.84 -20.42 -29.63
CA GLY B 1 -9.24 -19.07 -29.39
C GLY B 1 -9.68 -18.01 -30.39
N HIS B 2 -8.93 -16.92 -30.48
CA HIS B 2 -7.77 -16.68 -29.62
C HIS B 2 -8.10 -15.68 -28.52
N MET B 3 -7.82 -16.06 -27.28
CA MET B 3 -8.00 -15.18 -26.12
C MET B 3 -7.02 -14.01 -26.20
N LYS B 4 -7.54 -12.80 -25.97
CA LYS B 4 -6.72 -11.59 -25.96
C LYS B 4 -6.06 -11.41 -24.60
N ALA B 5 -4.89 -10.79 -24.60
CA ALA B 5 -4.17 -10.46 -23.36
C ALA B 5 -5.00 -9.53 -22.48
N SER B 6 -5.77 -8.67 -23.13
CA SER B 6 -6.65 -7.71 -22.45
C SER B 6 -7.87 -8.38 -21.81
N SER B 7 -8.05 -9.67 -22.06
CA SER B 7 -9.15 -10.43 -21.49
C SER B 7 -8.75 -11.20 -20.23
N ARG B 8 -7.54 -10.98 -19.74
CA ARG B 8 -7.07 -11.58 -18.49
C ARG B 8 -7.80 -10.96 -17.30
N ARG B 9 -8.16 -11.79 -16.32
CA ARG B 9 -8.87 -11.31 -15.14
C ARG B 9 -7.93 -10.66 -14.12
N THR B 10 -8.53 -9.90 -13.20
CA THR B 10 -7.80 -9.02 -12.28
C THR B 10 -6.96 -9.75 -11.23
N ILE B 11 -5.84 -9.11 -10.86
CA ILE B 11 -5.03 -9.50 -9.71
C ILE B 11 -4.52 -8.25 -9.01
N SER B 12 -5.20 -7.87 -7.93
CA SER B 12 -4.99 -6.58 -7.28
C SER B 12 -3.88 -6.58 -6.23
N GLN B 13 -3.96 -5.64 -5.28
CA GLN B 13 -2.88 -5.38 -4.34
C GLN B 13 -3.35 -5.29 -2.88
N ASN B 14 -3.07 -6.34 -2.13
CA ASN B 14 -3.38 -6.41 -0.70
C ASN B 14 -2.32 -7.21 0.05
N LYS B 15 -1.58 -8.03 -0.69
CA LYS B 15 -0.54 -8.90 -0.14
C LYS B 15 0.61 -8.12 0.51
N ARG B 16 0.88 -6.92 -0.02
CA ARG B 16 1.88 -6.02 0.55
C ARG B 16 1.38 -5.44 1.89
N ARG B 17 0.10 -5.10 1.93
CA ARG B 17 -0.50 -4.41 3.07
C ARG B 17 -0.52 -5.24 4.36
N TYR B 18 -0.18 -4.59 5.47
CA TYR B 18 -0.27 -5.18 6.79
C TYR B 18 -1.71 -5.08 7.27
N ARG B 19 -2.36 -6.23 7.47
CA ARG B 19 -3.77 -6.26 7.88
C ARG B 19 -3.96 -7.19 9.09
N LYS B 20 -3.47 -6.74 10.25
CA LYS B 20 -3.56 -7.51 11.50
C LYS B 20 -3.80 -6.58 12.68
N ASP B 21 -4.51 -7.09 13.68
CA ASP B 21 -4.69 -6.42 14.99
C ASP B 21 -5.31 -5.01 14.90
N GLY B 22 -6.32 -4.86 14.03
CA GLY B 22 -7.01 -3.59 13.88
C GLY B 22 -6.28 -2.56 13.03
N PHE B 23 -5.17 -2.99 12.41
CA PHE B 23 -4.40 -2.14 11.52
C PHE B 23 -4.57 -2.55 10.07
N ASP B 24 -4.60 -1.56 9.19
CA ASP B 24 -4.66 -1.78 7.75
C ASP B 24 -3.80 -0.71 7.10
N LEU B 25 -2.52 -1.03 6.93
CA LEU B 25 -1.51 -0.07 6.50
C LEU B 25 -0.61 -0.66 5.42
N ASP B 26 -0.11 0.21 4.53
CA ASP B 26 0.94 -0.19 3.60
C ASP B 26 2.27 -0.27 4.35
N LEU B 27 2.48 -1.42 4.97
CA LEU B 27 3.63 -1.66 5.82
C LEU B 27 4.05 -3.12 5.67
N THR B 28 5.36 -3.35 5.64
CA THR B 28 5.92 -4.67 5.43
C THR B 28 7.04 -4.95 6.42
N TYR B 29 6.94 -6.08 7.12
CA TYR B 29 8.06 -6.61 7.88
C TYR B 29 8.95 -7.39 6.91
N VAL B 30 10.02 -6.74 6.45
CA VAL B 30 11.01 -7.37 5.58
C VAL B 30 11.74 -8.47 6.36
N THR B 31 12.12 -8.13 7.59
CA THR B 31 12.45 -9.10 8.63
C THR B 31 11.57 -8.76 9.83
N ASP B 32 11.71 -9.52 10.92
CA ASP B 32 10.99 -9.23 12.16
C ASP B 32 11.36 -7.87 12.76
N HIS B 33 12.53 -7.35 12.37
CA HIS B 33 13.07 -6.12 12.95
C HIS B 33 13.38 -5.02 11.91
N VAL B 34 13.09 -5.31 10.64
CA VAL B 34 13.26 -4.30 9.59
C VAL B 34 11.94 -4.13 8.83
N ILE B 35 11.38 -2.93 8.94
CA ILE B 35 10.11 -2.58 8.32
C ILE B 35 10.30 -1.64 7.13
N ALA B 36 9.61 -1.94 6.03
CA ALA B 36 9.50 -1.05 4.87
C ALA B 36 8.06 -0.60 4.77
N MET B 37 7.87 0.70 4.53
CA MET B 37 6.52 1.28 4.44
C MET B 37 6.48 2.51 3.54
N SER B 38 5.26 2.91 3.15
CA SER B 38 5.09 4.13 2.37
C SER B 38 5.05 5.36 3.28
N PHE B 39 4.72 6.51 2.71
CA PHE B 39 4.75 7.77 3.44
C PHE B 39 3.61 7.88 4.46
N PRO B 40 3.93 8.28 5.70
CA PRO B 40 2.89 8.60 6.68
C PRO B 40 2.24 9.94 6.35
N SER B 41 1.13 9.91 5.61
CA SER B 41 0.51 11.12 5.06
C SER B 41 -0.46 11.82 6.03
N SER B 42 -0.51 13.15 5.93
CA SER B 42 -1.26 13.99 6.86
C SER B 42 -2.53 14.61 6.24
N GLY B 43 -3.52 13.77 5.95
CA GLY B 43 -4.78 14.22 5.38
C GLY B 43 -4.65 14.69 3.94
N PHE B 48 -4.00 2.64 -0.20
CA PHE B 48 -3.44 3.78 -0.90
C PHE B 48 -2.41 4.55 -0.05
N ARG B 49 -2.89 5.42 0.84
CA ARG B 49 -2.04 6.23 1.68
C ARG B 49 -2.21 5.87 3.16
N ASN B 50 -1.08 5.69 3.85
CA ASN B 50 -1.08 5.38 5.27
C ASN B 50 -1.27 6.65 6.09
N PRO B 51 -2.37 6.72 6.88
CA PRO B 51 -2.59 7.91 7.70
C PRO B 51 -1.58 7.96 8.84
N ILE B 52 -0.93 9.11 8.99
CA ILE B 52 0.13 9.31 9.99
C ILE B 52 -0.30 8.97 11.42
N GLY B 53 -1.57 9.17 11.72
CA GLY B 53 -2.13 8.82 13.03
C GLY B 53 -2.09 7.34 13.31
N GLU B 54 -2.34 6.53 12.28
CA GLU B 54 -2.34 5.08 12.39
C GLU B 54 -0.93 4.51 12.40
N VAL B 55 -0.02 5.13 11.64
CA VAL B 55 1.38 4.71 11.60
C VAL B 55 2.05 4.96 12.96
N SER B 56 1.80 6.13 13.53
CA SER B 56 2.31 6.47 14.87
C SER B 56 1.73 5.52 15.93
N ARG B 57 0.43 5.25 15.83
CA ARG B 57 -0.22 4.31 16.73
C ARG B 57 0.36 2.90 16.58
N PHE B 58 0.73 2.53 15.36
CA PHE B 58 1.33 1.22 15.09
C PHE B 58 2.62 1.01 15.88
N PHE B 59 3.55 1.95 15.76
CA PHE B 59 4.85 1.83 16.40
C PHE B 59 4.80 2.02 17.91
N LYS B 60 3.84 2.81 18.38
CA LYS B 60 3.60 2.99 19.80
C LYS B 60 3.01 1.75 20.45
N THR B 61 2.15 1.04 19.72
CA THR B 61 1.52 -0.18 20.22
C THR B 61 2.46 -1.39 20.11
N LYS B 62 2.99 -1.62 18.90
CA LYS B 62 3.73 -2.86 18.60
C LYS B 62 5.21 -2.83 18.98
N HIS B 63 5.81 -1.64 19.04
CA HIS B 63 7.24 -1.51 19.34
C HIS B 63 7.55 -0.34 20.27
N PRO B 64 6.87 -0.27 21.43
CA PRO B 64 6.99 0.92 22.28
C PRO B 64 8.42 1.18 22.76
N ASP B 65 8.92 2.37 22.47
CA ASP B 65 10.29 2.79 22.81
C ASP B 65 11.38 1.92 22.18
N LYS B 66 11.02 1.16 21.15
CA LYS B 66 11.93 0.22 20.48
C LYS B 66 12.00 0.43 18.97
N PHE B 67 11.55 1.59 18.48
CA PHE B 67 11.55 1.86 17.05
C PHE B 67 12.36 3.09 16.66
N ARG B 68 12.81 3.09 15.41
CA ARG B 68 13.50 4.22 14.81
C ARG B 68 13.02 4.35 13.36
N ILE B 69 12.48 5.51 13.03
CA ILE B 69 11.92 5.78 11.71
C ILE B 69 12.96 6.45 10.82
N TYR B 70 12.99 6.06 9.55
CA TYR B 70 13.83 6.73 8.57
C TYR B 70 12.97 7.32 7.45
N ASN B 71 12.95 8.65 7.39
CA ASN B 71 12.32 9.37 6.29
C ASN B 71 13.33 9.63 5.18
N LEU B 72 13.09 9.02 4.02
CA LEU B 72 14.02 9.09 2.89
C LEU B 72 13.60 10.10 1.83
N CYS B 73 12.61 10.92 2.16
CA CYS B 73 12.06 11.87 1.22
C CYS B 73 12.64 13.26 1.40
N SER B 74 13.28 13.76 0.34
CA SER B 74 13.74 15.14 0.29
CA SER B 74 13.73 15.14 0.31
C SER B 74 12.54 16.08 0.16
N GLU B 75 11.52 15.61 -0.55
CA GLU B 75 10.32 16.40 -0.87
C GLU B 75 9.42 16.75 0.31
N ARG B 76 9.39 15.90 1.33
CA ARG B 76 8.39 16.02 2.39
C ARG B 76 8.85 15.45 3.72
N GLY B 77 8.65 16.24 4.78
CA GLY B 77 8.84 15.80 6.15
C GLY B 77 7.51 15.83 6.89
N TYR B 78 7.57 15.90 8.22
CA TYR B 78 6.37 15.94 9.07
C TYR B 78 6.73 16.25 10.53
N ASP B 79 5.70 16.45 11.35
CA ASP B 79 5.84 16.59 12.79
C ASP B 79 6.44 15.30 13.36
N GLU B 80 7.73 15.36 13.66
CA GLU B 80 8.50 14.18 14.08
C GLU B 80 8.27 13.79 15.55
N THR B 81 7.67 14.70 16.31
CA THR B 81 7.29 14.42 17.71
C THR B 81 6.13 13.42 17.80
N LYS B 82 5.45 13.21 16.67
CA LYS B 82 4.40 12.19 16.55
C LYS B 82 4.99 10.77 16.60
N PHE B 83 6.27 10.64 16.26
CA PHE B 83 7.01 9.39 16.42
C PHE B 83 8.02 9.50 17.56
N ASP B 84 7.66 10.29 18.58
CA ASP B 84 8.47 10.50 19.79
C ASP B 84 9.90 10.98 19.50
N ASN B 85 10.06 11.73 18.40
CA ASN B 85 11.35 12.32 18.00
C ASN B 85 12.41 11.29 17.59
N HIS B 86 11.96 10.11 17.18
CA HIS B 86 12.84 9.03 16.74
C HIS B 86 12.84 8.92 15.22
N VAL B 87 12.98 10.06 14.57
CA VAL B 87 13.04 10.14 13.11
C VAL B 87 14.44 10.57 12.65
N TYR B 88 14.90 9.95 11.58
CA TYR B 88 16.18 10.24 10.97
C TYR B 88 15.92 10.50 9.49
N ARG B 89 16.38 11.64 8.99
CA ARG B 89 16.11 12.00 7.60
C ARG B 89 17.30 11.81 6.67
N VAL B 90 17.04 11.15 5.54
CA VAL B 90 17.99 11.03 4.44
C VAL B 90 17.34 11.75 3.25
N MET B 91 18.02 12.77 2.73
CA MET B 91 17.42 13.64 1.71
C MET B 91 17.65 13.13 0.30
N ILE B 92 16.86 12.13 -0.08
CA ILE B 92 16.97 11.51 -1.40
C ILE B 92 15.80 11.95 -2.27
N ASP B 93 16.11 12.38 -3.49
CA ASP B 93 15.08 12.66 -4.49
C ASP B 93 14.46 11.36 -4.99
N ASP B 94 13.16 11.42 -5.24
CA ASP B 94 12.44 10.30 -5.83
C ASP B 94 13.10 9.87 -7.14
N HIS B 95 13.26 8.57 -7.31
CA HIS B 95 13.91 7.96 -8.47
C HIS B 95 15.41 8.30 -8.58
N ASN B 96 16.01 8.64 -7.44
CA ASN B 96 17.43 8.92 -7.36
C ASN B 96 18.06 8.20 -6.17
N VAL B 97 19.31 8.52 -5.87
CA VAL B 97 20.09 7.80 -4.86
C VAL B 97 20.59 8.74 -3.77
N PRO B 98 20.97 8.17 -2.60
CA PRO B 98 21.63 9.00 -1.60
C PRO B 98 23.10 9.19 -1.99
N THR B 99 23.75 10.19 -1.40
CA THR B 99 25.20 10.28 -1.47
C THR B 99 25.79 9.11 -0.67
N LEU B 100 26.95 8.62 -1.09
CA LEU B 100 27.62 7.53 -0.39
C LEU B 100 27.90 7.91 1.06
N VAL B 101 28.23 9.18 1.29
CA VAL B 101 28.38 9.73 2.63
C VAL B 101 27.10 9.53 3.45
N ASP B 102 25.96 9.95 2.88
CA ASP B 102 24.67 9.81 3.56
C ASP B 102 24.28 8.34 3.77
N LEU B 103 24.58 7.49 2.79
CA LEU B 103 24.29 6.06 2.91
C LEU B 103 25.08 5.42 4.03
N LEU B 104 26.37 5.77 4.14
CA LEU B 104 27.22 5.26 5.21
C LEU B 104 26.84 5.82 6.58
N LYS B 105 26.44 7.09 6.62
CA LYS B 105 25.90 7.69 7.83
C LYS B 105 24.63 6.97 8.30
N PHE B 106 23.72 6.70 7.37
CA PHE B 106 22.51 5.92 7.65
C PHE B 106 22.87 4.57 8.27
N ILE B 107 23.79 3.84 7.63
CA ILE B 107 24.23 2.53 8.10
C ILE B 107 24.79 2.62 9.52
N ASP B 108 25.64 3.63 9.75
CA ASP B 108 26.26 3.86 11.05
C ASP B 108 25.22 4.11 12.15
N ASP B 109 24.25 4.99 11.86
CA ASP B 109 23.15 5.27 12.77
C ASP B 109 22.30 4.02 13.07
N ALA B 110 21.97 3.27 12.02
CA ALA B 110 21.20 2.04 12.17
C ALA B 110 21.95 0.98 12.98
N LYS B 111 23.25 0.85 12.73
CA LYS B 111 24.10 -0.12 13.41
CA LYS B 111 24.08 -0.14 13.41
C LYS B 111 24.08 0.09 14.92
N VAL B 112 24.45 1.30 15.33
CA VAL B 112 24.48 1.70 16.74
C VAL B 112 23.12 1.46 17.42
N TRP B 113 22.04 1.86 16.74
CA TRP B 113 20.67 1.65 17.22
C TRP B 113 20.30 0.17 17.39
N MET B 114 20.60 -0.65 16.38
CA MET B 114 20.17 -2.04 16.37
C MET B 114 21.02 -2.99 17.25
N THR B 115 22.28 -2.63 17.48
CA THR B 115 23.17 -3.48 18.30
C THR B 115 22.88 -3.37 19.80
N SER B 116 22.45 -2.19 20.24
CA SER B 116 22.24 -1.91 21.67
C SER B 116 21.03 -2.63 22.30
N ASP B 117 20.14 -3.17 21.48
CA ASP B 117 18.93 -3.87 21.95
C ASP B 117 18.44 -4.81 20.86
N PRO B 118 18.34 -6.13 21.17
CA PRO B 118 17.87 -7.12 20.19
C PRO B 118 16.41 -6.98 19.79
N ASP B 119 15.64 -6.20 20.55
CA ASP B 119 14.23 -5.96 20.28
C ASP B 119 14.00 -4.66 19.52
N HIS B 120 15.08 -3.90 19.32
CA HIS B 120 15.02 -2.69 18.51
C HIS B 120 14.67 -3.00 17.07
N VAL B 121 13.83 -2.16 16.47
CA VAL B 121 13.46 -2.29 15.07
C VAL B 121 13.81 -1.01 14.29
N ILE B 122 13.93 -1.13 12.98
CA ILE B 122 14.01 0.04 12.12
C ILE B 122 12.89 0.04 11.08
N ALA B 123 12.33 1.23 10.84
CA ALA B 123 11.25 1.40 9.90
C ALA B 123 11.67 2.43 8.85
N ILE B 124 11.76 1.96 7.61
CA ILE B 124 12.29 2.75 6.52
C ILE B 124 11.17 3.08 5.55
N HIS B 125 10.91 4.37 5.39
CA HIS B 125 9.91 4.82 4.43
C HIS B 125 10.44 5.85 3.45
N SER B 126 9.85 5.85 2.26
CA SER B 126 10.02 6.89 1.26
C SER B 126 8.61 7.39 0.93
N LYS B 127 8.27 7.54 -0.35
CA LYS B 127 6.92 7.94 -0.73
CA LYS B 127 6.92 7.95 -0.76
C LYS B 127 6.03 6.71 -0.92
N GLY B 128 6.45 5.80 -1.79
CA GLY B 128 5.71 4.57 -2.04
C GLY B 128 6.32 3.38 -1.33
N GLY B 129 7.51 3.58 -0.77
CA GLY B 129 8.22 2.51 -0.07
C GLY B 129 8.84 1.51 -1.03
N LYS B 130 9.18 1.98 -2.22
CA LYS B 130 9.74 1.15 -3.28
C LYS B 130 11.24 1.41 -3.46
N GLY B 131 11.59 2.19 -4.49
CA GLY B 131 12.98 2.42 -4.89
C GLY B 131 13.95 2.89 -3.82
N ARG B 132 13.65 4.05 -3.22
CA ARG B 132 14.52 4.65 -2.21
C ARG B 132 14.62 3.79 -0.96
N THR B 133 13.47 3.33 -0.48
CA THR B 133 13.36 2.40 0.64
C THR B 133 14.14 1.11 0.37
N GLY B 134 13.96 0.56 -0.83
CA GLY B 134 14.65 -0.64 -1.25
C GLY B 134 16.15 -0.51 -1.27
N THR B 135 16.63 0.68 -1.61
CA THR B 135 18.07 0.96 -1.67
C THR B 135 18.68 0.84 -0.28
N LEU B 136 18.05 1.47 0.70
CA LEU B 136 18.57 1.50 2.06
C LEU B 136 18.28 0.25 2.87
N VAL B 137 17.13 -0.38 2.65
CA VAL B 137 16.82 -1.66 3.29
C VAL B 137 17.82 -2.72 2.86
N SER B 138 18.02 -2.85 1.55
CA SER B 138 18.95 -3.84 0.98
C SER B 138 20.38 -3.62 1.45
N SER B 139 20.79 -2.34 1.58
CA SER B 139 22.12 -2.01 2.07
C SER B 139 22.26 -2.42 3.54
N TRP B 140 21.21 -2.19 4.33
CA TRP B 140 21.19 -2.62 5.72
C TRP B 140 21.31 -4.15 5.86
N LEU B 141 20.63 -4.88 4.98
CA LEU B 141 20.66 -6.34 4.97
C LEU B 141 22.06 -6.89 4.70
N LEU B 142 22.81 -6.19 3.84
CA LEU B 142 24.21 -6.49 3.58
C LEU B 142 25.06 -6.24 4.82
N GLU B 143 24.79 -5.13 5.51
CA GLU B 143 25.52 -4.80 6.73
C GLU B 143 25.24 -5.79 7.85
N ASP B 144 23.98 -6.26 7.93
CA ASP B 144 23.56 -7.19 8.96
C ASP B 144 23.94 -8.63 8.65
N GLY B 145 24.62 -8.83 7.51
CA GLY B 145 25.17 -10.14 7.14
C GLY B 145 24.15 -11.18 6.72
N LYS B 146 22.90 -10.77 6.60
CA LYS B 146 21.81 -11.63 6.14
C LYS B 146 22.04 -12.06 4.69
N PHE B 147 22.62 -11.15 3.90
CA PHE B 147 23.01 -11.44 2.52
C PHE B 147 24.43 -10.97 2.26
N ASP B 148 25.12 -11.64 1.35
CA ASP B 148 26.52 -11.35 1.01
C ASP B 148 26.63 -10.50 -0.26
N THR B 149 25.61 -10.56 -1.11
CA THR B 149 25.63 -9.86 -2.40
C THR B 149 24.42 -8.93 -2.55
N ALA B 150 24.61 -7.88 -3.34
CA ALA B 150 23.57 -6.89 -3.62
C ALA B 150 22.34 -7.51 -4.29
N LYS B 151 22.57 -8.34 -5.31
CA LYS B 151 21.50 -9.02 -6.03
C LYS B 151 20.53 -9.73 -5.07
N GLU B 152 21.09 -10.55 -4.19
CA GLU B 152 20.30 -11.33 -3.22
C GLU B 152 19.50 -10.45 -2.27
N ALA B 153 20.14 -9.44 -1.70
CA ALA B 153 19.47 -8.50 -0.79
C ALA B 153 18.33 -7.76 -1.50
N LEU B 154 18.59 -7.28 -2.71
CA LEU B 154 17.59 -6.58 -3.53
C LEU B 154 16.41 -7.45 -3.92
N GLU B 155 16.71 -8.68 -4.37
CA GLU B 155 15.67 -9.65 -4.72
C GLU B 155 14.84 -10.04 -3.50
N TYR B 156 15.48 -10.14 -2.34
CA TYR B 156 14.76 -10.38 -1.10
C TYR B 156 13.83 -9.23 -0.73
N PHE B 157 14.28 -7.98 -0.94
CA PHE B 157 13.43 -6.83 -0.68
C PHE B 157 12.20 -6.88 -1.61
N GLY B 158 12.44 -7.21 -2.87
CA GLY B 158 11.37 -7.31 -3.87
C GLY B 158 10.39 -8.44 -3.59
N SER B 159 10.92 -9.53 -3.05
CA SER B 159 10.11 -10.71 -2.72
CA SER B 159 10.12 -10.71 -2.71
C SER B 159 9.22 -10.45 -1.50
N ARG B 160 9.66 -9.55 -0.62
CA ARG B 160 8.93 -9.21 0.59
C ARG B 160 7.94 -8.06 0.37
N ARG B 161 8.36 -7.05 -0.39
CA ARG B 161 7.56 -5.85 -0.59
C ARG B 161 6.50 -6.04 -1.68
N THR B 162 6.92 -6.49 -2.86
CA THR B 162 6.00 -6.66 -3.99
C THR B 162 5.46 -8.08 -4.05
N ASP B 163 4.99 -8.50 -5.22
CA ASP B 163 4.54 -9.87 -5.42
C ASP B 163 5.60 -10.70 -6.14
N PHE B 164 6.73 -10.05 -6.42
CA PHE B 164 7.91 -10.69 -6.99
C PHE B 164 8.33 -11.93 -6.19
N GLU B 165 8.80 -12.95 -6.88
CA GLU B 165 9.32 -14.16 -6.23
C GLU B 165 10.72 -14.46 -6.75
N VAL B 166 11.57 -14.98 -5.87
CA VAL B 166 12.94 -15.37 -6.22
C VAL B 166 12.90 -16.44 -7.33
N GLY B 167 13.14 -15.99 -8.56
CA GLY B 167 13.05 -16.85 -9.74
C GLY B 167 12.10 -16.31 -10.79
N ASP B 168 11.57 -15.11 -10.53
CA ASP B 168 10.67 -14.42 -11.46
C ASP B 168 11.33 -13.15 -12.02
N VAL B 169 10.54 -12.34 -12.73
CA VAL B 169 11.02 -11.11 -13.38
C VAL B 169 11.28 -10.01 -12.35
N PHE B 170 12.50 -9.47 -12.35
CA PHE B 170 12.91 -8.42 -11.43
C PHE B 170 12.58 -7.01 -11.95
N GLN B 171 12.28 -6.92 -13.25
CA GLN B 171 12.08 -5.64 -13.94
C GLN B 171 11.06 -4.72 -13.24
N GLY B 172 11.57 -3.67 -12.62
CA GLY B 172 10.77 -2.70 -11.87
C GLY B 172 11.42 -2.30 -10.57
N VAL B 173 10.58 -1.89 -9.61
CA VAL B 173 10.98 -1.51 -8.25
C VAL B 173 12.09 -0.42 -8.18
N GLU B 174 13.35 -0.84 -8.13
CA GLU B 174 14.48 0.10 -8.04
C GLU B 174 14.94 0.56 -9.41
N THR B 175 15.48 1.78 -9.46
CA THR B 175 16.13 2.29 -10.68
C THR B 175 17.47 1.60 -10.86
N ALA B 176 18.10 1.82 -12.01
CA ALA B 176 19.42 1.28 -12.27
C ALA B 176 20.48 1.85 -11.31
N SER B 177 20.45 3.16 -11.08
CA SER B 177 21.38 3.82 -10.17
C SER B 177 21.20 3.36 -8.72
N GLN B 178 19.96 3.09 -8.33
CA GLN B 178 19.67 2.57 -6.99
C GLN B 178 20.29 1.19 -6.77
N ILE B 179 20.19 0.34 -7.80
CA ILE B 179 20.81 -0.99 -7.81
C ILE B 179 22.33 -0.86 -7.79
N ARG B 180 22.85 0.09 -8.58
CA ARG B 180 24.27 0.44 -8.59
C ARG B 180 24.77 0.77 -7.18
N TYR B 181 24.03 1.61 -6.48
CA TYR B 181 24.46 2.14 -5.18
C TYR B 181 24.44 1.12 -4.05
N VAL B 182 23.52 0.15 -4.12
CA VAL B 182 23.55 -1.01 -3.24
C VAL B 182 24.81 -1.83 -3.52
N GLY B 183 25.13 -1.97 -4.81
CA GLY B 183 26.37 -2.61 -5.25
C GLY B 183 27.61 -1.88 -4.78
N TYR B 184 27.56 -0.55 -4.82
CA TYR B 184 28.62 0.29 -4.24
C TYR B 184 28.85 -0.03 -2.78
N PHE B 185 27.77 -0.22 -2.02
CA PHE B 185 27.88 -0.51 -0.60
C PHE B 185 28.49 -1.89 -0.34
N GLU B 186 28.07 -2.87 -1.14
CA GLU B 186 28.66 -4.21 -1.12
C GLU B 186 30.17 -4.11 -1.28
N LYS B 187 30.61 -3.36 -2.29
CA LYS B 187 32.04 -3.18 -2.57
C LYS B 187 32.76 -2.42 -1.46
N ILE B 188 32.06 -1.45 -0.87
CA ILE B 188 32.58 -0.68 0.28
C ILE B 188 32.77 -1.56 1.52
N LYS B 189 31.83 -2.46 1.78
CA LYS B 189 31.89 -3.34 2.94
C LYS B 189 32.96 -4.42 2.79
N LYS B 190 33.13 -4.92 1.57
CA LYS B 190 34.04 -6.03 1.29
C LYS B 190 35.49 -5.62 1.03
N ASN B 191 35.69 -4.44 0.46
CA ASN B 191 37.04 -4.01 0.05
C ASN B 191 37.63 -2.84 0.83
N TYR B 192 36.75 -1.98 1.35
CA TYR B 192 37.19 -0.76 2.03
C TYR B 192 36.79 -0.76 3.51
N GLY B 193 36.42 -1.94 4.01
CA GLY B 193 36.08 -2.14 5.42
C GLY B 193 34.93 -1.29 5.93
N GLY B 194 33.94 -1.07 5.07
CA GLY B 194 32.77 -0.28 5.43
C GLY B 194 32.97 1.22 5.25
N GLN B 195 34.21 1.63 5.00
CA GLN B 195 34.56 3.04 4.88
C GLN B 195 34.47 3.54 3.44
N LEU B 196 34.41 4.85 3.29
CA LEU B 196 34.47 5.50 1.97
C LEU B 196 35.81 5.21 1.29
N PRO B 197 35.77 4.85 -0.02
CA PRO B 197 36.99 4.62 -0.80
C PRO B 197 37.88 5.88 -0.86
N PRO B 198 39.17 5.72 -1.20
CA PRO B 198 40.04 6.90 -1.32
C PRO B 198 39.51 7.89 -2.36
N MET B 199 39.38 9.15 -1.94
CA MET B 199 38.83 10.21 -2.79
C MET B 199 39.53 10.31 -4.14
N LYS B 200 38.73 10.35 -5.20
CA LYS B 200 39.23 10.44 -6.56
C LYS B 200 38.65 11.66 -7.27
N LYS B 201 39.53 12.47 -7.87
CA LYS B 201 39.12 13.65 -8.61
C LYS B 201 39.24 13.41 -10.11
N LEU B 202 38.14 13.58 -10.82
CA LEU B 202 38.07 13.30 -12.27
C LEU B 202 37.48 14.45 -13.07
N LYS B 203 37.80 14.46 -14.37
CA LYS B 203 37.16 15.37 -15.33
C LYS B 203 36.60 14.54 -16.48
N VAL B 204 35.36 14.80 -16.87
CA VAL B 204 34.81 14.16 -18.07
C VAL B 204 35.40 14.85 -19.29
N THR B 205 36.05 14.08 -20.16
CA THR B 205 36.64 14.63 -21.38
C THR B 205 35.86 14.17 -22.61
N GLY B 206 35.03 13.15 -22.44
CA GLY B 206 34.25 12.59 -23.54
C GLY B 206 33.05 11.78 -23.12
N VAL B 207 32.05 11.75 -24.01
CA VAL B 207 30.88 10.90 -23.84
C VAL B 207 30.61 10.16 -25.15
N THR B 208 30.36 8.87 -25.05
CA THR B 208 30.09 8.01 -26.20
C THR B 208 28.79 7.23 -26.03
N ILE B 209 27.89 7.37 -27.00
CA ILE B 209 26.64 6.63 -26.97
C ILE B 209 26.54 5.72 -28.20
N THR B 210 26.41 4.42 -27.97
CA THR B 210 26.25 3.45 -29.04
C THR B 210 24.78 3.13 -29.27
N ALA B 211 24.46 2.59 -30.45
CA ALA B 211 23.08 2.33 -30.90
C ALA B 211 22.22 3.59 -30.84
N ILE B 212 22.67 4.64 -31.52
CA ILE B 212 21.98 5.93 -31.51
C ILE B 212 20.77 5.97 -32.47
N GLN B 213 20.77 5.09 -33.46
CA GLN B 213 19.63 4.95 -34.37
C GLN B 213 18.33 4.75 -33.60
N GLY B 214 17.33 5.57 -33.90
CA GLY B 214 16.02 5.46 -33.24
C GLY B 214 15.95 6.18 -31.91
N VAL B 215 17.04 6.82 -31.53
CA VAL B 215 17.12 7.61 -30.31
C VAL B 215 17.15 9.08 -30.70
N GLY B 216 16.02 9.75 -30.50
CA GLY B 216 15.87 11.16 -30.88
C GLY B 216 15.99 11.35 -32.38
N ARG B 217 16.98 12.13 -32.77
CA ARG B 217 17.21 12.43 -34.19
C ARG B 217 18.10 11.40 -34.88
N GLY B 218 18.68 10.50 -34.09
CA GLY B 218 19.50 9.41 -34.62
C GLY B 218 20.96 9.75 -34.90
N ASN B 219 21.34 10.99 -34.62
CA ASN B 219 22.71 11.45 -34.88
C ASN B 219 23.27 12.30 -33.74
N GLY B 220 22.57 12.30 -32.61
CA GLY B 220 23.01 13.05 -31.42
C GLY B 220 22.68 14.53 -31.43
N SER B 221 22.19 15.06 -32.55
CA SER B 221 21.97 16.50 -32.73
C SER B 221 20.85 17.07 -31.85
N ASP B 222 20.02 16.19 -31.30
CA ASP B 222 18.93 16.59 -30.42
C ASP B 222 19.36 16.61 -28.96
N LEU B 223 20.51 16.00 -28.67
CA LEU B 223 20.93 15.73 -27.30
C LEU B 223 21.71 16.84 -26.59
N SER B 224 21.49 16.93 -25.29
CA SER B 224 22.29 17.76 -24.40
C SER B 224 22.62 16.95 -23.15
N MET B 225 23.77 17.23 -22.55
CA MET B 225 24.21 16.53 -21.35
C MET B 225 24.43 17.49 -20.19
N GLN B 226 23.80 17.19 -19.05
CA GLN B 226 23.97 18.00 -17.84
C GLN B 226 24.66 17.18 -16.75
N ILE B 227 25.74 17.75 -16.20
CA ILE B 227 26.44 17.12 -15.09
C ILE B 227 26.12 17.87 -13.81
N VAL B 228 25.65 17.12 -12.81
CA VAL B 228 25.18 17.68 -11.55
C VAL B 228 26.01 17.15 -10.38
N SER B 229 26.46 18.06 -9.52
CA SER B 229 27.28 17.72 -8.36
C SER B 229 26.76 18.47 -7.14
N GLU B 230 26.45 17.70 -6.10
CA GLU B 230 25.88 18.25 -4.85
C GLU B 230 24.71 19.20 -5.12
N ARG B 231 23.76 18.71 -5.92
CA ARG B 231 22.49 19.38 -6.22
C ARG B 231 22.64 20.68 -7.05
N GLN B 232 23.77 20.81 -7.73
CA GLN B 232 24.00 21.96 -8.62
C GLN B 232 24.60 21.51 -9.94
N GLU B 233 24.14 22.14 -11.02
CA GLU B 233 24.73 21.93 -12.33
C GLU B 233 26.14 22.53 -12.35
N VAL B 234 27.11 21.71 -12.76
CA VAL B 234 28.50 22.17 -12.88
C VAL B 234 28.98 22.23 -14.33
N LEU B 235 28.22 21.60 -15.23
CA LEU B 235 28.48 21.68 -16.66
C LEU B 235 27.21 21.33 -17.45
N LEU B 236 27.00 22.05 -18.54
CA LEU B 236 25.96 21.72 -19.52
C LEU B 236 26.60 21.65 -20.90
N CYS B 237 26.33 20.56 -21.61
CA CYS B 237 26.83 20.41 -22.98
C CYS B 237 25.66 20.29 -23.94
N LYS B 238 25.68 21.10 -25.00
CA LYS B 238 24.69 21.00 -26.07
C LYS B 238 25.40 20.53 -27.34
N PHE B 239 25.03 19.33 -27.79
CA PHE B 239 25.82 18.55 -28.75
C PHE B 239 25.92 19.14 -30.16
N ALA B 240 24.78 19.40 -30.79
CA ALA B 240 24.77 19.94 -32.16
C ALA B 240 25.42 21.31 -32.24
N GLU B 241 25.17 22.12 -31.22
CA GLU B 241 25.61 23.51 -31.16
C GLU B 241 27.11 23.64 -30.91
N GLY B 242 27.71 22.63 -30.29
CA GLY B 242 29.11 22.68 -29.87
C GLY B 242 29.29 23.49 -28.59
N TYR B 243 28.26 23.52 -27.77
CA TYR B 243 28.25 24.25 -26.51
C TYR B 243 28.96 23.41 -25.44
N ASN B 244 30.17 23.86 -25.07
CA ASN B 244 31.08 23.10 -24.18
C ASN B 244 31.41 21.70 -24.70
N CYS B 245 31.41 21.52 -26.02
CA CYS B 245 31.59 20.21 -26.62
C CYS B 245 31.82 20.24 -28.13
N ALA B 246 32.08 19.06 -28.69
CA ALA B 246 32.23 18.86 -30.13
C ALA B 246 31.71 17.47 -30.50
N LEU B 247 30.60 17.45 -31.24
CA LEU B 247 29.89 16.22 -31.57
C LEU B 247 30.38 15.58 -32.86
N GLN B 248 30.55 14.26 -32.83
CA GLN B 248 30.79 13.47 -34.04
C GLN B 248 29.84 12.28 -34.10
N TYR B 249 29.32 12.01 -35.30
CA TYR B 249 28.45 10.86 -35.52
C TYR B 249 29.10 9.90 -36.52
N ASP B 250 29.16 8.62 -36.16
CA ASP B 250 29.71 7.58 -37.03
C ASP B 250 28.60 6.62 -37.47
N ALA B 251 28.30 6.64 -38.76
CA ALA B 251 27.20 5.86 -39.32
C ALA B 251 27.48 4.36 -39.37
N THR B 252 28.76 4.00 -39.52
CA THR B 252 29.17 2.59 -39.58
C THR B 252 29.03 1.91 -38.21
N ASP B 253 29.46 2.60 -37.16
CA ASP B 253 29.35 2.08 -35.80
C ASP B 253 27.97 2.30 -35.19
N ASP B 254 27.19 3.20 -35.80
CA ASP B 254 25.88 3.61 -35.27
C ASP B 254 26.04 4.23 -33.88
N CYS B 255 26.99 5.16 -33.76
CA CYS B 255 27.30 5.77 -32.48
C CYS B 255 27.66 7.25 -32.57
N VAL B 256 27.47 7.95 -31.45
CA VAL B 256 27.91 9.33 -31.32
C VAL B 256 29.05 9.42 -30.31
N THR B 257 30.09 10.18 -30.67
CA THR B 257 31.17 10.46 -29.76
C THR B 257 31.33 11.97 -29.66
N CYS B 258 31.26 12.46 -28.42
CA CYS B 258 31.30 13.89 -28.19
C CYS B 258 32.44 14.27 -27.29
N GLU B 259 33.28 15.19 -27.77
CA GLU B 259 34.36 15.76 -26.97
C GLU B 259 33.76 16.70 -25.94
N VAL B 260 34.06 16.47 -24.68
CA VAL B 260 33.53 17.29 -23.59
C VAL B 260 34.59 18.30 -23.14
N LYS B 261 34.22 19.58 -23.21
CA LYS B 261 35.15 20.67 -22.91
C LYS B 261 34.78 21.36 -21.62
N ASN B 262 35.79 21.94 -20.95
CA ASN B 262 35.58 22.82 -19.81
C ASN B 262 34.91 22.17 -18.59
N CYS B 263 35.00 20.85 -18.49
CA CYS B 263 34.47 20.15 -17.31
C CYS B 263 35.30 20.48 -16.08
N PRO B 264 34.65 20.96 -15.01
CA PRO B 264 35.37 21.20 -13.76
C PRO B 264 35.81 19.89 -13.11
N VAL B 265 36.69 20.00 -12.11
CA VAL B 265 37.09 18.85 -11.32
C VAL B 265 35.85 18.28 -10.64
N LEU B 266 35.61 17.00 -10.85
CA LEU B 266 34.47 16.29 -10.27
C LEU B 266 34.93 15.41 -9.11
N ALA B 267 34.15 15.42 -8.03
CA ALA B 267 34.44 14.59 -6.86
C ALA B 267 33.16 14.10 -6.17
N GLY B 268 33.15 12.82 -5.80
CA GLY B 268 32.02 12.20 -5.11
C GLY B 268 30.92 11.76 -6.04
N ASP B 269 29.67 12.05 -5.65
CA ASP B 269 28.50 11.58 -6.39
C ASP B 269 28.11 12.53 -7.51
N ILE B 270 28.09 12.00 -8.72
CA ILE B 270 27.85 12.77 -9.93
C ILE B 270 26.62 12.21 -10.62
N LYS B 271 25.68 13.11 -10.96
CA LYS B 271 24.48 12.76 -11.70
C LYS B 271 24.57 13.35 -13.12
N VAL B 272 24.47 12.46 -14.11
CA VAL B 272 24.53 12.88 -15.50
C VAL B 272 23.15 12.71 -16.12
N ARG B 273 22.61 13.82 -16.63
CA ARG B 273 21.28 13.83 -17.27
C ARG B 273 21.40 14.11 -18.76
N PHE B 274 20.69 13.33 -19.56
CA PHE B 274 20.63 13.55 -20.99
C PHE B 274 19.25 14.05 -21.42
N MET B 275 19.22 15.28 -21.93
CA MET B 275 18.00 15.93 -22.39
C MET B 275 17.93 16.00 -23.91
N SER B 276 16.73 16.14 -24.44
CA SER B 276 16.51 16.09 -25.88
C SER B 276 15.46 17.08 -26.36
N THR B 277 15.63 17.57 -27.59
CA THR B 277 14.70 18.48 -28.23
C THR B 277 13.68 17.71 -29.07
N SER B 278 13.95 16.42 -29.30
CA SER B 278 13.07 15.56 -30.09
CA SER B 278 13.08 15.56 -30.09
C SER B 278 11.74 15.31 -29.39
N LYS B 279 10.66 15.38 -30.16
CA LYS B 279 9.32 15.11 -29.65
C LYS B 279 8.97 13.62 -29.76
N SER B 280 9.88 12.84 -30.36
CA SER B 280 9.66 11.42 -30.55
CA SER B 280 9.69 11.41 -30.58
C SER B 280 10.41 10.57 -29.51
N LEU B 281 11.21 11.22 -28.68
CA LEU B 281 11.94 10.53 -27.61
C LEU B 281 11.29 10.81 -26.24
N PRO B 282 10.60 9.80 -25.67
CA PRO B 282 9.85 9.99 -24.44
C PRO B 282 10.73 10.24 -23.23
N ARG B 283 10.18 10.96 -22.26
CA ARG B 283 10.83 11.16 -20.96
C ARG B 283 10.34 10.11 -19.99
N GLY B 284 11.23 9.67 -19.09
CA GLY B 284 10.85 8.74 -18.03
C GLY B 284 10.88 9.48 -16.71
N TYR B 285 11.67 8.96 -15.77
CA TYR B 285 11.89 9.63 -14.50
C TYR B 285 12.82 10.84 -14.70
N ASP B 286 12.79 11.75 -13.72
CA ASP B 286 13.72 12.89 -13.64
C ASP B 286 13.57 13.91 -14.78
N ASN B 287 12.41 13.90 -15.43
CA ASN B 287 12.06 14.83 -16.53
C ASN B 287 13.03 14.82 -17.72
N CYS B 288 13.53 13.62 -18.05
CA CYS B 288 14.46 13.47 -19.18
C CYS B 288 14.44 12.05 -19.74
N PRO B 289 14.82 11.88 -21.03
CA PRO B 289 14.92 10.56 -21.66
C PRO B 289 15.74 9.56 -20.83
N PHE B 290 16.96 9.92 -20.44
CA PHE B 290 17.81 9.00 -19.67
C PHE B 290 18.88 9.71 -18.83
N TYR B 291 19.18 9.12 -17.68
CA TYR B 291 20.14 9.69 -16.74
C TYR B 291 20.82 8.60 -15.92
N PHE B 292 21.86 8.96 -15.15
CA PHE B 292 22.49 8.02 -14.23
C PHE B 292 23.37 8.71 -13.19
N TRP B 293 23.56 8.01 -12.08
CA TRP B 293 24.49 8.40 -11.03
C TRP B 293 25.71 7.49 -11.05
N PHE B 294 26.85 8.06 -10.64
CA PHE B 294 28.06 7.29 -10.36
C PHE B 294 28.90 8.03 -9.33
N ASN B 295 29.78 7.31 -8.66
CA ASN B 295 30.71 7.93 -7.74
C ASN B 295 32.12 7.90 -8.32
N THR B 296 32.80 9.05 -8.30
CA THR B 296 34.15 9.19 -8.85
C THR B 296 35.17 8.23 -8.24
N SER B 297 35.04 7.96 -6.94
CA SER B 297 35.95 7.05 -6.23
C SER B 297 35.82 5.58 -6.67
N LEU B 298 34.67 5.24 -7.24
CA LEU B 298 34.39 3.86 -7.63
C LEU B 298 34.67 3.59 -9.10
N VAL B 299 35.02 4.65 -9.84
CA VAL B 299 35.40 4.55 -11.25
C VAL B 299 36.68 3.72 -11.43
N GLU B 300 36.60 2.72 -12.33
CA GLU B 300 37.72 1.86 -12.67
C GLU B 300 38.44 2.39 -13.90
N GLY B 301 39.70 2.78 -13.74
CA GLY B 301 40.52 3.24 -14.86
C GLY B 301 40.12 4.62 -15.38
N ASP B 302 39.99 4.73 -16.70
CA ASP B 302 39.74 6.02 -17.35
C ASP B 302 38.35 6.18 -17.96
N HIS B 303 37.49 5.18 -17.77
CA HIS B 303 36.13 5.22 -18.31
C HIS B 303 35.11 4.44 -17.47
N VAL B 304 33.87 4.90 -17.50
CA VAL B 304 32.74 4.09 -17.00
C VAL B 304 31.78 3.87 -18.16
N THR B 305 31.50 2.61 -18.46
CA THR B 305 30.54 2.24 -19.51
C THR B 305 29.33 1.62 -18.85
N LEU B 306 28.15 2.05 -19.30
CA LEU B 306 26.89 1.56 -18.76
C LEU B 306 26.03 0.98 -19.86
N LYS B 307 25.53 -0.23 -19.63
CA LYS B 307 24.62 -0.90 -20.56
C LYS B 307 23.21 -0.41 -20.32
N ARG B 308 22.30 -0.78 -21.23
CA ARG B 308 20.90 -0.36 -21.17
C ARG B 308 20.25 -0.56 -19.80
N GLU B 309 20.49 -1.74 -19.20
CA GLU B 309 19.93 -2.11 -17.90
CA GLU B 309 19.91 -2.09 -17.91
C GLU B 309 20.55 -1.32 -16.74
N GLU B 310 21.65 -0.64 -17.03
CA GLU B 310 22.41 0.12 -16.04
C GLU B 310 22.12 1.63 -16.08
N ILE B 311 21.25 2.05 -16.99
CA ILE B 311 20.93 3.47 -17.17
C ILE B 311 19.48 3.70 -16.73
N ASP B 312 19.27 4.79 -16.00
CA ASP B 312 17.93 5.14 -15.51
C ASP B 312 16.99 5.59 -16.62
N ASN B 313 15.93 4.80 -16.80
CA ASN B 313 14.88 4.96 -17.84
C ASN B 313 14.94 3.91 -18.96
N PRO B 314 16.11 3.74 -19.63
CA PRO B 314 16.24 2.60 -20.55
C PRO B 314 16.17 1.25 -19.82
N HIS B 315 16.32 1.26 -18.48
CA HIS B 315 16.24 0.04 -17.67
C HIS B 315 14.86 -0.63 -17.72
N LYS B 316 13.85 0.14 -18.10
CA LYS B 316 12.49 -0.38 -18.26
C LYS B 316 12.28 -0.97 -19.65
N LYS B 317 11.67 -2.15 -19.69
CA LYS B 317 11.43 -2.92 -20.91
C LYS B 317 10.56 -2.18 -21.94
N LYS B 318 9.71 -1.28 -21.47
CA LYS B 318 8.80 -0.53 -22.34
C LYS B 318 9.51 0.46 -23.28
N THR B 319 10.81 0.63 -23.11
CA THR B 319 11.60 1.55 -23.93
C THR B 319 12.55 0.82 -24.89
N TRP B 320 12.44 -0.50 -24.94
CA TRP B 320 13.43 -1.35 -25.62
C TRP B 320 13.35 -1.36 -27.15
N LYS B 321 12.32 -0.72 -27.71
CA LYS B 321 12.30 -0.46 -29.15
C LYS B 321 13.05 0.84 -29.48
N ILE B 322 13.23 1.68 -28.46
CA ILE B 322 14.02 2.90 -28.58
C ILE B 322 15.48 2.59 -28.24
N TYR B 323 15.69 2.04 -27.05
CA TYR B 323 17.03 1.63 -26.61
C TYR B 323 17.21 0.14 -26.84
N ARG B 324 17.99 -0.20 -27.87
CA ARG B 324 18.26 -1.59 -28.22
C ARG B 324 19.26 -2.23 -27.27
N ASP B 325 19.42 -3.55 -27.37
CA ASP B 325 20.27 -4.31 -26.44
C ASP B 325 21.73 -3.84 -26.41
N ASN B 326 22.17 -3.19 -27.49
CA ASN B 326 23.54 -2.66 -27.58
C ASN B 326 23.67 -1.16 -27.27
N PHE B 327 22.59 -0.55 -26.77
CA PHE B 327 22.61 0.85 -26.34
C PHE B 327 23.48 0.99 -25.09
N THR B 328 24.54 1.78 -25.18
CA THR B 328 25.47 1.99 -24.06
C THR B 328 25.90 3.46 -23.99
N VAL B 329 26.11 3.95 -22.76
CA VAL B 329 26.72 5.27 -22.57
C VAL B 329 28.06 5.11 -21.84
N LYS B 330 29.10 5.65 -22.44
CA LYS B 330 30.45 5.62 -21.87
C LYS B 330 30.98 7.02 -21.60
N LEU B 331 31.42 7.24 -20.36
CA LEU B 331 32.10 8.48 -20.00
C LEU B 331 33.59 8.25 -19.93
N THR B 332 34.35 9.05 -20.68
CA THR B 332 35.81 9.01 -20.65
C THR B 332 36.32 10.08 -19.70
N PHE B 333 37.29 9.71 -18.87
CA PHE B 333 37.80 10.60 -17.84
C PHE B 333 39.28 10.94 -18.03
N SER B 334 39.69 12.00 -17.36
CA SER B 334 41.09 12.30 -17.13
C SER B 334 41.27 12.48 -15.62
N ASP B 335 42.42 12.03 -15.12
CA ASP B 335 42.74 12.19 -13.71
CA ASP B 335 42.77 12.19 -13.71
C ASP B 335 42.93 13.66 -13.37
N ALA B 336 42.13 14.15 -12.42
CA ALA B 336 42.12 15.56 -12.06
C ALA B 336 42.71 15.84 -10.67
N GLU B 337 43.54 14.90 -10.20
CA GLU B 337 44.22 15.06 -8.91
C GLU B 337 45.34 16.08 -9.00
N ASP B 338 45.51 16.85 -7.92
CA ASP B 338 46.52 17.90 -7.86
C ASP B 338 47.77 17.42 -7.13
N GLN C 13 -18.61 -45.95 -27.80
CA GLN C 13 -18.64 -44.80 -26.86
C GLN C 13 -19.14 -45.20 -25.47
N ASN C 14 -19.30 -46.51 -25.25
CA ASN C 14 -19.79 -47.04 -23.98
C ASN C 14 -18.75 -46.95 -22.85
N LYS C 15 -17.47 -47.00 -23.23
CA LYS C 15 -16.38 -46.74 -22.30
C LYS C 15 -16.25 -45.24 -22.01
N ARG C 16 -16.65 -44.43 -22.98
CA ARG C 16 -16.58 -42.97 -22.88
C ARG C 16 -17.72 -42.39 -22.05
N ARG C 17 -18.89 -43.02 -22.13
CA ARG C 17 -20.10 -42.50 -21.48
C ARG C 17 -20.42 -43.17 -20.15
N TYR C 18 -20.96 -42.38 -19.22
CA TYR C 18 -21.45 -42.87 -17.95
C TYR C 18 -22.96 -43.08 -18.08
N ARG C 19 -23.39 -44.34 -18.03
CA ARG C 19 -24.80 -44.69 -18.24
C ARG C 19 -25.39 -45.47 -17.07
N LYS C 20 -25.27 -44.93 -15.86
CA LYS C 20 -25.74 -45.59 -14.64
C LYS C 20 -26.45 -44.64 -13.69
N ASP C 21 -27.40 -45.19 -12.93
CA ASP C 21 -28.12 -44.48 -11.86
C ASP C 21 -28.93 -43.27 -12.35
N GLY C 22 -29.51 -43.40 -13.54
CA GLY C 22 -30.30 -42.32 -14.14
C GLY C 22 -29.47 -41.20 -14.73
N PHE C 23 -28.24 -41.53 -15.13
CA PHE C 23 -27.34 -40.56 -15.76
C PHE C 23 -26.91 -41.04 -17.15
N ASP C 24 -26.77 -40.09 -18.06
CA ASP C 24 -26.26 -40.35 -19.40
C ASP C 24 -25.41 -39.16 -19.83
N LEU C 25 -24.11 -39.24 -19.56
CA LEU C 25 -23.20 -38.12 -19.77
C LEU C 25 -21.87 -38.56 -20.39
N ASP C 26 -21.24 -37.67 -21.16
CA ASP C 26 -19.89 -37.87 -21.62
C ASP C 26 -18.94 -37.62 -20.45
N LEU C 27 -18.73 -38.67 -19.67
CA LEU C 27 -17.98 -38.59 -18.42
C LEU C 27 -17.18 -39.88 -18.22
N THR C 28 -15.88 -39.71 -17.94
CA THR C 28 -14.98 -40.84 -17.79
C THR C 28 -14.22 -40.75 -16.47
N TYR C 29 -14.31 -41.81 -15.68
CA TYR C 29 -13.41 -41.97 -14.53
C TYR C 29 -12.08 -42.51 -15.06
N VAL C 30 -11.13 -41.61 -15.30
CA VAL C 30 -9.77 -41.99 -15.69
C VAL C 30 -9.17 -42.85 -14.58
N THR C 31 -9.28 -42.35 -13.34
CA THR C 31 -9.14 -43.15 -12.13
C THR C 31 -10.41 -42.94 -11.31
N ASP C 32 -10.48 -43.54 -10.12
CA ASP C 32 -11.62 -43.38 -9.22
C ASP C 32 -11.75 -41.96 -8.67
N HIS C 33 -10.66 -41.20 -8.71
CA HIS C 33 -10.65 -39.85 -8.17
C HIS C 33 -10.33 -38.77 -9.21
N VAL C 34 -10.13 -39.18 -10.45
CA VAL C 34 -9.85 -38.23 -11.54
C VAL C 34 -10.79 -38.43 -12.71
N ILE C 35 -11.63 -37.43 -12.95
CA ILE C 35 -12.64 -37.50 -14.00
C ILE C 35 -12.29 -36.61 -15.18
N ALA C 36 -12.51 -37.13 -16.39
CA ALA C 36 -12.40 -36.37 -17.61
C ALA C 36 -13.78 -36.29 -18.24
N MET C 37 -14.16 -35.10 -18.72
CA MET C 37 -15.48 -34.91 -19.32
C MET C 37 -15.50 -33.82 -20.40
N SER C 38 -16.64 -33.73 -21.10
CA SER C 38 -16.87 -32.67 -22.07
C SER C 38 -17.48 -31.45 -21.36
N PHE C 39 -17.71 -30.38 -22.10
CA PHE C 39 -18.20 -29.10 -21.56
C PHE C 39 -19.60 -29.20 -20.95
N PRO C 40 -19.80 -28.62 -19.75
CA PRO C 40 -21.14 -28.48 -19.15
C PRO C 40 -21.99 -27.46 -19.91
N SER C 41 -22.83 -27.95 -20.82
CA SER C 41 -23.56 -27.10 -21.74
C SER C 41 -24.88 -26.60 -21.15
N SER C 42 -25.20 -25.34 -21.46
CA SER C 42 -26.42 -24.70 -20.96
C SER C 42 -27.64 -25.24 -21.71
N GLY C 43 -28.81 -25.08 -21.11
CA GLY C 43 -30.04 -25.65 -21.67
C GLY C 43 -30.19 -27.11 -21.30
N ARG C 44 -31.33 -27.69 -21.65
CA ARG C 44 -31.63 -29.07 -21.29
C ARG C 44 -31.28 -30.09 -22.38
N GLN C 45 -31.12 -29.61 -23.62
CA GLN C 45 -30.76 -30.44 -24.76
C GLN C 45 -29.57 -31.35 -24.43
N SER C 46 -29.69 -32.64 -24.75
CA SER C 46 -28.72 -33.65 -24.33
C SER C 46 -28.01 -34.37 -25.47
N LEU C 47 -28.41 -34.10 -26.71
CA LEU C 47 -27.78 -34.75 -27.87
C LEU C 47 -26.43 -34.13 -28.20
N PHE C 48 -25.39 -34.95 -28.13
CA PHE C 48 -23.99 -34.54 -28.35
C PHE C 48 -23.52 -33.45 -27.38
N ARG C 49 -24.16 -33.39 -26.21
CA ARG C 49 -23.87 -32.37 -25.20
C ARG C 49 -24.27 -32.81 -23.79
N ASN C 50 -23.43 -32.46 -22.82
CA ASN C 50 -23.72 -32.70 -21.41
C ASN C 50 -24.49 -31.52 -20.83
N PRO C 51 -25.76 -31.75 -20.44
CA PRO C 51 -26.54 -30.68 -19.83
C PRO C 51 -25.97 -30.32 -18.45
N ILE C 52 -25.64 -29.03 -18.28
CA ILE C 52 -25.05 -28.53 -17.03
C ILE C 52 -25.86 -28.90 -15.79
N GLY C 53 -27.18 -29.00 -15.94
CA GLY C 53 -28.06 -29.42 -14.85
C GLY C 53 -27.77 -30.84 -14.38
N GLU C 54 -27.57 -31.74 -15.34
CA GLU C 54 -27.26 -33.14 -15.05
C GLU C 54 -25.84 -33.33 -14.53
N VAL C 55 -24.89 -32.57 -15.08
CA VAL C 55 -23.50 -32.62 -14.62
C VAL C 55 -23.41 -32.13 -13.18
N SER C 56 -24.09 -31.01 -12.90
CA SER C 56 -24.26 -30.48 -11.53
C SER C 56 -24.85 -31.53 -10.59
N ARG C 57 -25.92 -32.18 -11.05
CA ARG C 57 -26.61 -33.19 -10.26
C ARG C 57 -25.71 -34.42 -10.01
N PHE C 58 -24.90 -34.78 -11.00
CA PHE C 58 -23.99 -35.92 -10.87
C PHE C 58 -23.02 -35.72 -9.72
N PHE C 59 -22.37 -34.56 -9.68
CA PHE C 59 -21.36 -34.30 -8.65
C PHE C 59 -21.94 -34.06 -7.27
N LYS C 60 -23.09 -33.39 -7.21
CA LYS C 60 -23.75 -33.09 -5.94
C LYS C 60 -24.28 -34.34 -5.22
N THR C 61 -24.56 -35.39 -5.99
CA THR C 61 -25.08 -36.64 -5.43
C THR C 61 -23.97 -37.67 -5.18
N LYS C 62 -23.07 -37.82 -6.14
CA LYS C 62 -22.06 -38.87 -6.10
C LYS C 62 -20.77 -38.48 -5.37
N HIS C 63 -20.48 -37.17 -5.33
CA HIS C 63 -19.34 -36.66 -4.57
C HIS C 63 -19.73 -35.39 -3.79
N PRO C 64 -20.73 -35.49 -2.88
CA PRO C 64 -21.21 -34.29 -2.17
C PRO C 64 -20.11 -33.61 -1.37
N ASP C 65 -19.87 -32.34 -1.70
CA ASP C 65 -18.86 -31.49 -1.06
C ASP C 65 -17.42 -32.04 -1.14
N LYS C 66 -17.20 -32.97 -2.07
CA LYS C 66 -15.89 -33.61 -2.23
C LYS C 66 -15.38 -33.60 -3.68
N PHE C 67 -15.85 -32.61 -4.45
CA PHE C 67 -15.45 -32.46 -5.85
C PHE C 67 -14.88 -31.08 -6.18
N ARG C 68 -13.96 -31.04 -7.15
CA ARG C 68 -13.47 -29.79 -7.72
C ARG C 68 -13.50 -29.90 -9.25
N ILE C 69 -13.99 -28.84 -9.89
CA ILE C 69 -14.13 -28.80 -11.36
C ILE C 69 -13.07 -27.90 -11.99
N TYR C 70 -12.48 -28.35 -13.10
CA TYR C 70 -11.52 -27.54 -13.83
C TYR C 70 -12.00 -27.29 -15.25
N ASN C 71 -12.35 -26.04 -15.53
CA ASN C 71 -12.66 -25.58 -16.89
C ASN C 71 -11.41 -25.12 -17.63
N LEU C 72 -11.08 -25.83 -18.71
CA LEU C 72 -9.86 -25.57 -19.46
C LEU C 72 -10.06 -24.71 -20.71
N CYS C 73 -11.25 -24.13 -20.82
CA CYS C 73 -11.64 -23.38 -22.01
C CYS C 73 -11.47 -21.88 -21.83
N SER C 74 -10.63 -21.28 -22.66
CA SER C 74 -10.52 -19.83 -22.73
C SER C 74 -11.79 -19.23 -23.34
N GLU C 75 -12.43 -19.99 -24.22
CA GLU C 75 -13.53 -19.49 -25.05
C GLU C 75 -14.82 -19.24 -24.27
N ARG C 76 -15.04 -19.99 -23.20
CA ARG C 76 -16.37 -20.07 -22.59
C ARG C 76 -16.33 -20.53 -21.13
N GLY C 77 -17.09 -19.81 -20.29
CA GLY C 77 -17.38 -20.24 -18.93
C GLY C 77 -18.83 -20.63 -18.82
N TYR C 78 -19.34 -20.62 -17.60
CA TYR C 78 -20.72 -21.01 -17.28
C TYR C 78 -21.10 -20.58 -15.86
N ASP C 79 -22.34 -20.89 -15.47
CA ASP C 79 -22.83 -20.65 -14.12
C ASP C 79 -22.10 -21.57 -13.14
N GLU C 80 -21.07 -21.03 -12.49
CA GLU C 80 -20.22 -21.82 -11.59
C GLU C 80 -20.89 -22.16 -10.25
N THR C 81 -21.98 -21.46 -9.94
CA THR C 81 -22.80 -21.73 -8.76
C THR C 81 -23.52 -23.09 -8.87
N LYS C 82 -23.76 -23.55 -10.11
CA LYS C 82 -24.32 -24.89 -10.32
CA LYS C 82 -24.31 -24.88 -10.34
C LYS C 82 -23.35 -25.96 -9.82
N PHE C 83 -22.09 -25.57 -9.63
CA PHE C 83 -21.07 -26.46 -9.07
C PHE C 83 -20.56 -25.94 -7.72
N ASP C 84 -21.46 -25.27 -7.00
CA ASP C 84 -21.20 -24.74 -5.65
C ASP C 84 -19.96 -23.83 -5.59
N ASN C 85 -19.65 -23.18 -6.70
CA ASN C 85 -18.51 -22.27 -6.81
C ASN C 85 -17.17 -22.99 -6.60
N HIS C 86 -17.14 -24.27 -6.95
CA HIS C 86 -15.90 -25.05 -6.86
C HIS C 86 -15.31 -25.29 -8.24
N VAL C 87 -15.25 -24.21 -9.03
CA VAL C 87 -14.67 -24.26 -10.37
C VAL C 87 -13.37 -23.47 -10.39
N TYR C 88 -12.36 -24.06 -11.04
CA TYR C 88 -11.08 -23.43 -11.27
C TYR C 88 -10.89 -23.32 -12.78
N ARG C 89 -10.48 -22.14 -13.24
CA ARG C 89 -10.32 -21.91 -14.68
C ARG C 89 -8.88 -21.86 -15.13
N VAL C 90 -8.55 -22.71 -16.09
CA VAL C 90 -7.28 -22.64 -16.81
C VAL C 90 -7.63 -22.15 -18.22
N MET C 91 -7.12 -20.98 -18.58
CA MET C 91 -7.43 -20.35 -19.87
C MET C 91 -6.55 -20.90 -21.00
N ILE C 92 -7.04 -21.94 -21.67
CA ILE C 92 -6.35 -22.52 -22.82
C ILE C 92 -7.21 -22.40 -24.07
N ASP C 93 -6.63 -21.84 -25.15
CA ASP C 93 -7.28 -21.86 -26.47
C ASP C 93 -7.38 -23.29 -26.98
N ASP C 94 -8.45 -23.59 -27.70
CA ASP C 94 -8.59 -24.94 -28.25
C ASP C 94 -7.42 -25.24 -29.15
N HIS C 95 -6.98 -26.50 -29.10
CA HIS C 95 -5.85 -27.01 -29.88
C HIS C 95 -4.51 -26.34 -29.53
N ASN C 96 -4.47 -25.76 -28.34
CA ASN C 96 -3.26 -25.13 -27.82
C ASN C 96 -2.92 -25.64 -26.42
N VAL C 97 -1.89 -25.05 -25.82
CA VAL C 97 -1.37 -25.54 -24.54
C VAL C 97 -1.49 -24.49 -23.44
N PRO C 98 -1.57 -24.94 -22.17
CA PRO C 98 -1.39 -23.99 -21.07
C PRO C 98 0.04 -23.47 -21.04
N THR C 99 0.21 -22.28 -20.47
CA THR C 99 1.55 -21.80 -20.18
C THR C 99 2.11 -22.72 -19.10
N LEU C 100 3.43 -22.87 -19.05
CA LEU C 100 4.01 -23.68 -17.96
C LEU C 100 3.70 -23.12 -16.59
N VAL C 101 3.72 -21.79 -16.47
CA VAL C 101 3.23 -21.10 -15.28
C VAL C 101 1.82 -21.59 -14.90
N ASP C 102 0.90 -21.61 -15.87
CA ASP C 102 -0.48 -22.01 -15.60
C ASP C 102 -0.63 -23.49 -15.29
N LEU C 103 0.16 -24.33 -15.96
CA LEU C 103 0.13 -25.76 -15.72
C LEU C 103 0.58 -26.10 -14.30
N LEU C 104 1.73 -25.55 -13.89
CA LEU C 104 2.26 -25.75 -12.55
CA LEU C 104 2.26 -25.76 -12.54
C LEU C 104 1.32 -25.21 -11.48
N LYS C 105 0.67 -24.09 -11.79
CA LYS C 105 -0.32 -23.45 -10.92
C LYS C 105 -1.52 -24.37 -10.69
N PHE C 106 -2.02 -24.95 -11.78
CA PHE C 106 -3.08 -25.96 -11.72
C PHE C 106 -2.65 -27.16 -10.88
N ILE C 107 -1.41 -27.60 -11.07
CA ILE C 107 -0.90 -28.77 -10.37
C ILE C 107 -0.91 -28.54 -8.85
N ASP C 108 -0.52 -27.35 -8.42
CA ASP C 108 -0.53 -27.02 -6.99
C ASP C 108 -1.95 -26.91 -6.43
N ASP C 109 -2.85 -26.28 -7.19
CA ASP C 109 -4.25 -26.15 -6.80
C ASP C 109 -4.90 -27.53 -6.57
N ALA C 110 -4.66 -28.45 -7.50
CA ALA C 110 -5.15 -29.82 -7.41
C ALA C 110 -4.54 -30.57 -6.22
N LYS C 111 -3.22 -30.46 -6.05
CA LYS C 111 -2.54 -31.09 -4.91
C LYS C 111 -3.11 -30.60 -3.58
N VAL C 112 -3.29 -29.29 -3.45
CA VAL C 112 -3.90 -28.73 -2.24
C VAL C 112 -5.26 -29.38 -1.96
N TRP C 113 -6.08 -29.47 -3.01
CA TRP C 113 -7.41 -30.07 -2.94
C TRP C 113 -7.40 -31.57 -2.63
N MET C 114 -6.48 -32.31 -3.28
CA MET C 114 -6.43 -33.76 -3.17
C MET C 114 -5.74 -34.27 -1.90
N THR C 115 -4.73 -33.53 -1.42
CA THR C 115 -3.98 -33.91 -0.23
C THR C 115 -4.81 -33.76 1.05
N SER C 116 -5.79 -32.85 1.01
CA SER C 116 -6.60 -32.52 2.17
C SER C 116 -7.63 -33.59 2.55
N ASP C 117 -7.91 -34.52 1.62
CA ASP C 117 -8.91 -35.56 1.82
C ASP C 117 -8.77 -36.67 0.77
N PRO C 118 -8.67 -37.94 1.21
CA PRO C 118 -8.53 -39.09 0.31
C PRO C 118 -9.78 -39.36 -0.55
N ASP C 119 -10.94 -38.92 -0.09
CA ASP C 119 -12.20 -39.08 -0.84
C ASP C 119 -12.45 -37.96 -1.84
N HIS C 120 -11.57 -36.96 -1.87
CA HIS C 120 -11.71 -35.84 -2.82
C HIS C 120 -11.48 -36.27 -4.25
N VAL C 121 -12.27 -35.71 -5.16
CA VAL C 121 -12.11 -35.97 -6.59
C VAL C 121 -11.93 -34.67 -7.36
N ILE C 122 -11.25 -34.77 -8.49
CA ILE C 122 -11.14 -33.66 -9.43
C ILE C 122 -11.77 -34.06 -10.76
N ALA C 123 -12.49 -33.13 -11.38
CA ALA C 123 -13.09 -33.35 -12.69
C ALA C 123 -12.59 -32.30 -13.68
N ILE C 124 -11.87 -32.76 -14.70
CA ILE C 124 -11.26 -31.88 -15.68
C ILE C 124 -12.04 -31.94 -16.99
N HIS C 125 -12.35 -30.76 -17.53
CA HIS C 125 -13.05 -30.68 -18.81
C HIS C 125 -12.51 -29.58 -19.72
N SER C 126 -12.76 -29.74 -21.01
CA SER C 126 -12.52 -28.69 -21.99
C SER C 126 -13.80 -28.56 -22.82
N LYS C 127 -13.69 -28.57 -24.15
CA LYS C 127 -14.88 -28.62 -24.99
C LYS C 127 -15.31 -30.08 -25.21
N GLY C 128 -14.51 -30.83 -25.96
CA GLY C 128 -14.77 -32.26 -26.15
C GLY C 128 -14.20 -33.12 -25.03
N GLY C 129 -13.36 -32.52 -24.19
CA GLY C 129 -12.65 -33.27 -23.15
C GLY C 129 -11.62 -34.22 -23.73
N LYS C 130 -10.91 -33.76 -24.76
CA LYS C 130 -9.89 -34.56 -25.43
C LYS C 130 -8.48 -33.98 -25.25
N GLY C 131 -8.10 -33.06 -26.15
CA GLY C 131 -6.75 -32.53 -26.23
C GLY C 131 -6.28 -31.79 -24.99
N ARG C 132 -6.96 -30.70 -24.65
CA ARG C 132 -6.60 -29.89 -23.48
C ARG C 132 -6.73 -30.66 -22.16
N THR C 133 -7.85 -31.37 -22.01
CA THR C 133 -8.12 -32.21 -20.84
C THR C 133 -7.01 -33.25 -20.67
N GLY C 134 -6.69 -33.92 -21.77
CA GLY C 134 -5.60 -34.90 -21.77
C GLY C 134 -4.27 -34.34 -21.31
N THR C 135 -4.00 -33.08 -21.64
CA THR C 135 -2.76 -32.44 -21.24
C THR C 135 -2.64 -32.32 -19.72
N LEU C 136 -3.68 -31.82 -19.07
CA LEU C 136 -3.67 -31.62 -17.62
C LEU C 136 -3.89 -32.89 -16.81
N VAL C 137 -4.70 -33.81 -17.34
CA VAL C 137 -4.94 -35.10 -16.71
C VAL C 137 -3.65 -35.92 -16.70
N SER C 138 -2.98 -36.01 -17.85
CA SER C 138 -1.71 -36.75 -17.94
C SER C 138 -0.64 -36.13 -17.04
N SER C 139 -0.61 -34.79 -16.98
CA SER C 139 0.30 -34.07 -16.09
C SER C 139 0.02 -34.40 -14.62
N TRP C 140 -1.27 -34.41 -14.25
CA TRP C 140 -1.64 -34.73 -12.88
C TRP C 140 -1.25 -36.17 -12.51
N LEU C 141 -1.41 -37.10 -13.46
CA LEU C 141 -1.09 -38.50 -13.24
C LEU C 141 0.40 -38.71 -12.99
N LEU C 142 1.21 -37.92 -13.69
CA LEU C 142 2.65 -37.92 -13.46
C LEU C 142 2.96 -37.37 -12.08
N GLU C 143 2.26 -36.30 -11.70
CA GLU C 143 2.42 -35.69 -10.39
C GLU C 143 2.07 -36.67 -9.27
N ASP C 144 0.95 -37.38 -9.47
CA ASP C 144 0.44 -38.36 -8.52
C ASP C 144 1.27 -39.66 -8.49
N GLY C 145 2.22 -39.78 -9.41
CA GLY C 145 3.16 -40.89 -9.42
C GLY C 145 2.65 -42.21 -9.99
N LYS C 146 1.47 -42.20 -10.60
CA LYS C 146 0.91 -43.40 -11.24
C LYS C 146 1.75 -43.84 -12.43
N PHE C 147 2.38 -42.88 -13.09
CA PHE C 147 3.29 -43.13 -14.21
C PHE C 147 4.56 -42.29 -14.01
N ASP C 148 5.66 -42.77 -14.58
CA ASP C 148 6.95 -42.06 -14.51
C ASP C 148 7.25 -41.29 -15.80
N THR C 149 6.62 -41.69 -16.91
CA THR C 149 6.87 -41.05 -18.21
C THR C 149 5.60 -40.41 -18.77
N ALA C 150 5.77 -39.30 -19.49
CA ALA C 150 4.68 -38.61 -20.18
C ALA C 150 4.00 -39.54 -21.18
N LYS C 151 4.81 -40.33 -21.89
CA LYS C 151 4.32 -41.29 -22.88
C LYS C 151 3.26 -42.23 -22.30
N GLU C 152 3.55 -42.79 -21.12
CA GLU C 152 2.62 -43.70 -20.45
C GLU C 152 1.37 -42.99 -19.93
N ALA C 153 1.55 -41.80 -19.34
CA ALA C 153 0.42 -41.02 -18.84
C ALA C 153 -0.57 -40.65 -19.94
N LEU C 154 -0.06 -40.26 -21.12
CA LEU C 154 -0.89 -39.87 -22.26
C LEU C 154 -1.63 -41.06 -22.88
N GLU C 155 -0.93 -42.18 -23.00
CA GLU C 155 -1.49 -43.41 -23.55
C GLU C 155 -2.58 -43.96 -22.64
N TYR C 156 -2.40 -43.84 -21.33
CA TYR C 156 -3.43 -44.24 -20.37
C TYR C 156 -4.68 -43.39 -20.52
N PHE C 157 -4.49 -42.07 -20.62
CA PHE C 157 -5.61 -41.16 -20.86
C PHE C 157 -6.34 -41.53 -22.15
N GLY C 158 -5.56 -41.81 -23.20
CA GLY C 158 -6.11 -42.23 -24.49
C GLY C 158 -6.92 -43.51 -24.41
N SER C 159 -6.38 -44.50 -23.69
CA SER C 159 -7.05 -45.78 -23.47
C SER C 159 -8.30 -45.68 -22.59
N ARG C 160 -8.41 -44.57 -21.87
CA ARG C 160 -9.55 -44.35 -20.97
C ARG C 160 -10.59 -43.40 -21.57
N ARG C 161 -10.11 -42.44 -22.37
CA ARG C 161 -10.97 -41.38 -22.92
C ARG C 161 -11.36 -41.60 -24.40
N THR C 162 -10.58 -42.40 -25.12
CA THR C 162 -10.86 -42.64 -26.55
C THR C 162 -10.84 -44.12 -26.92
N ASP C 163 -10.89 -44.39 -28.23
CA ASP C 163 -10.86 -45.76 -28.76
C ASP C 163 -9.45 -46.35 -28.71
N PHE C 164 -8.48 -45.51 -28.33
CA PHE C 164 -7.07 -45.88 -28.28
C PHE C 164 -6.80 -47.12 -27.42
N GLU C 165 -5.86 -47.94 -27.89
CA GLU C 165 -5.43 -49.14 -27.18
C GLU C 165 -3.91 -49.12 -27.02
N VAL C 166 -3.44 -49.50 -25.84
CA VAL C 166 -2.00 -49.62 -25.58
C VAL C 166 -1.39 -50.59 -26.58
N GLY C 167 -0.31 -50.17 -27.24
CA GLY C 167 0.29 -50.95 -28.32
C GLY C 167 0.11 -50.30 -29.68
N ASP C 168 -1.03 -49.61 -29.85
CA ASP C 168 -1.33 -48.88 -31.08
C ASP C 168 -0.58 -47.56 -31.14
N VAL C 169 -0.49 -46.98 -32.34
CA VAL C 169 0.21 -45.70 -32.53
C VAL C 169 -0.62 -44.53 -32.00
N PHE C 170 -0.03 -43.77 -31.09
CA PHE C 170 -0.69 -42.66 -30.42
C PHE C 170 -0.93 -41.49 -31.36
N GLN C 171 -2.15 -41.42 -31.90
CA GLN C 171 -2.54 -40.37 -32.84
C GLN C 171 -3.93 -39.82 -32.52
N GLY C 172 -4.25 -38.66 -33.09
CA GLY C 172 -5.48 -37.95 -32.77
C GLY C 172 -5.37 -37.29 -31.41
N VAL C 173 -6.50 -37.21 -30.71
CA VAL C 173 -6.61 -36.67 -29.33
C VAL C 173 -5.72 -35.43 -29.04
N GLU C 174 -4.45 -35.66 -28.69
CA GLU C 174 -3.54 -34.57 -28.37
C GLU C 174 -2.83 -34.01 -29.60
N THR C 175 -2.62 -32.69 -29.60
CA THR C 175 -1.78 -32.06 -30.61
C THR C 175 -0.33 -32.37 -30.30
N ALA C 176 0.57 -32.04 -31.22
CA ALA C 176 2.00 -32.25 -31.02
C ALA C 176 2.54 -31.43 -29.84
N SER C 177 2.08 -30.19 -29.72
CA SER C 177 2.51 -29.31 -28.62
C SER C 177 1.98 -29.78 -27.27
N GLN C 178 0.73 -30.24 -27.25
CA GLN C 178 0.13 -30.82 -26.05
C GLN C 178 0.94 -32.01 -25.55
N ILE C 179 1.35 -32.87 -26.48
CA ILE C 179 2.27 -33.97 -26.20
C ILE C 179 3.58 -33.42 -25.63
N ARG C 180 4.17 -32.45 -26.32
CA ARG C 180 5.41 -31.80 -25.89
C ARG C 180 5.33 -31.22 -24.47
N TYR C 181 4.21 -30.59 -24.14
CA TYR C 181 4.06 -29.91 -22.86
C TYR C 181 3.87 -30.85 -21.66
N VAL C 182 3.32 -32.04 -21.91
CA VAL C 182 3.30 -33.08 -20.87
C VAL C 182 4.75 -33.59 -20.70
N GLY C 183 5.48 -33.64 -21.81
CA GLY C 183 6.89 -33.99 -21.82
C GLY C 183 7.70 -33.00 -21.02
N TYR C 184 7.39 -31.72 -21.22
CA TYR C 184 8.00 -30.62 -20.46
C TYR C 184 7.79 -30.82 -18.96
N PHE C 185 6.57 -31.19 -18.58
CA PHE C 185 6.24 -31.40 -17.16
C PHE C 185 7.03 -32.56 -16.56
N GLU C 186 7.16 -33.63 -17.32
CA GLU C 186 8.02 -34.76 -16.94
C GLU C 186 9.46 -34.31 -16.72
N LYS C 187 10.00 -33.55 -17.68
CA LYS C 187 11.34 -32.99 -17.57
C LYS C 187 11.46 -32.07 -16.36
N ILE C 188 10.40 -31.31 -16.07
CA ILE C 188 10.39 -30.42 -14.90
C ILE C 188 10.42 -31.20 -13.58
N LYS C 189 9.66 -32.29 -13.51
CA LYS C 189 9.61 -33.13 -12.32
CA LYS C 189 9.62 -33.12 -12.32
C LYS C 189 10.92 -33.89 -12.11
N LYS C 190 11.48 -34.41 -13.19
CA LYS C 190 12.69 -35.24 -13.12
C LYS C 190 14.00 -34.47 -12.97
N ASN C 191 14.06 -33.27 -13.55
CA ASN C 191 15.30 -32.48 -13.58
C ASN C 191 15.29 -31.23 -12.71
N TYR C 192 14.10 -30.70 -12.43
CA TYR C 192 13.98 -29.40 -11.77
C TYR C 192 13.10 -29.40 -10.51
N GLY C 193 12.90 -30.58 -9.93
CA GLY C 193 12.16 -30.73 -8.67
C GLY C 193 10.70 -30.34 -8.71
N GLY C 194 10.14 -30.25 -9.92
CA GLY C 194 8.73 -29.89 -10.09
C GLY C 194 8.47 -28.42 -10.34
N GLN C 195 9.53 -27.62 -10.33
CA GLN C 195 9.43 -26.18 -10.57
C GLN C 195 10.09 -25.76 -11.87
N LEU C 196 9.82 -24.52 -12.31
CA LEU C 196 10.35 -24.02 -13.57
C LEU C 196 11.88 -24.00 -13.57
N PRO C 197 12.50 -24.35 -14.71
CA PRO C 197 13.96 -24.22 -14.84
C PRO C 197 14.38 -22.75 -14.82
N PRO C 198 15.69 -22.47 -14.62
CA PRO C 198 16.16 -21.10 -14.74
C PRO C 198 15.77 -20.51 -16.09
N MET C 199 15.30 -19.26 -16.09
CA MET C 199 14.83 -18.62 -17.31
C MET C 199 15.94 -18.39 -18.33
N LYS C 200 15.67 -18.77 -19.57
CA LYS C 200 16.56 -18.44 -20.68
C LYS C 200 15.85 -17.47 -21.61
N LYS C 201 16.49 -16.34 -21.87
CA LYS C 201 15.93 -15.31 -22.75
CA LYS C 201 15.94 -15.30 -22.74
C LYS C 201 16.58 -15.39 -24.12
N LEU C 202 15.76 -15.47 -25.15
CA LEU C 202 16.24 -15.73 -26.51
C LEU C 202 15.67 -14.79 -27.57
N LYS C 203 16.43 -14.63 -28.65
CA LYS C 203 15.93 -14.00 -29.88
C LYS C 203 16.02 -15.02 -31.02
N VAL C 204 14.96 -15.12 -31.81
CA VAL C 204 14.97 -15.96 -33.01
C VAL C 204 15.74 -15.23 -34.10
N THR C 205 16.74 -15.92 -34.67
CA THR C 205 17.61 -15.31 -35.67
C THR C 205 17.45 -15.94 -37.06
N GLY C 206 16.90 -17.14 -37.10
CA GLY C 206 16.68 -17.83 -38.37
C GLY C 206 15.66 -18.94 -38.29
N VAL C 207 15.04 -19.22 -39.42
CA VAL C 207 14.12 -20.35 -39.54
C VAL C 207 14.47 -21.13 -40.81
N THR C 208 14.52 -22.46 -40.68
CA THR C 208 14.84 -23.36 -41.77
C THR C 208 13.76 -24.44 -41.87
N ILE C 209 13.17 -24.54 -43.06
CA ILE C 209 12.14 -25.53 -43.34
C ILE C 209 12.62 -26.50 -44.41
N THR C 210 12.79 -27.77 -44.04
CA THR C 210 13.20 -28.82 -44.97
C THR C 210 11.98 -29.46 -45.63
N ALA C 211 12.21 -30.10 -46.77
CA ALA C 211 11.17 -30.71 -47.60
C ALA C 211 10.09 -29.69 -47.96
N ILE C 212 10.52 -28.58 -48.55
CA ILE C 212 9.65 -27.47 -48.89
C ILE C 212 8.80 -27.74 -50.15
N GLN C 213 9.33 -28.58 -51.04
CA GLN C 213 8.64 -28.95 -52.28
C GLN C 213 7.26 -29.53 -51.97
N GLY C 214 6.23 -28.97 -52.61
CA GLY C 214 4.85 -29.40 -52.39
C GLY C 214 4.13 -28.69 -51.25
N VAL C 215 4.89 -27.96 -50.42
CA VAL C 215 4.31 -27.18 -49.33
C VAL C 215 4.03 -25.76 -49.84
N GLY C 216 2.75 -25.47 -50.07
CA GLY C 216 2.36 -24.20 -50.67
C GLY C 216 2.92 -24.09 -52.07
N ARG C 217 3.69 -23.02 -52.31
CA ARG C 217 4.30 -22.78 -53.62
C ARG C 217 5.62 -23.53 -53.81
N GLY C 218 6.12 -24.11 -52.71
CA GLY C 218 7.28 -24.99 -52.72
C GLY C 218 8.64 -24.30 -52.66
N ASN C 219 8.63 -22.99 -52.39
CA ASN C 219 9.84 -22.18 -52.42
C ASN C 219 9.88 -21.11 -51.32
N GLY C 220 8.92 -21.19 -50.39
CA GLY C 220 8.83 -20.26 -49.27
C GLY C 220 8.07 -18.97 -49.54
N SER C 221 7.82 -18.69 -50.82
CA SER C 221 7.28 -17.39 -51.26
C SER C 221 5.88 -17.06 -50.72
N ASP C 222 5.10 -18.10 -50.42
CA ASP C 222 3.73 -17.92 -49.93
C ASP C 222 3.65 -17.77 -48.41
N LEU C 223 4.73 -18.12 -47.73
CA LEU C 223 4.74 -18.27 -46.28
C LEU C 223 5.03 -16.99 -45.52
N SER C 224 4.43 -16.89 -44.34
CA SER C 224 4.79 -15.89 -43.35
C SER C 224 4.85 -16.56 -41.98
N MET C 225 5.61 -15.97 -41.06
CA MET C 225 5.75 -16.52 -39.72
C MET C 225 5.36 -15.49 -38.66
N GLN C 226 4.45 -15.89 -37.78
CA GLN C 226 4.05 -15.06 -36.65
C GLN C 226 4.58 -15.62 -35.33
N ILE C 227 5.26 -14.77 -34.55
CA ILE C 227 5.70 -15.15 -33.21
C ILE C 227 4.77 -14.54 -32.17
N VAL C 228 4.23 -15.40 -31.30
CA VAL C 228 3.27 -14.98 -30.28
C VAL C 228 3.85 -15.19 -28.88
N SER C 229 3.76 -14.14 -28.06
CA SER C 229 4.20 -14.20 -26.68
C SER C 229 3.15 -13.53 -25.80
N GLU C 230 2.68 -14.28 -24.79
CA GLU C 230 1.67 -13.78 -23.85
C GLU C 230 0.42 -13.28 -24.56
N ARG C 231 -0.07 -14.10 -25.48
CA ARG C 231 -1.31 -13.84 -26.25
C ARG C 231 -1.25 -12.67 -27.24
N GLN C 232 -0.06 -12.13 -27.46
CA GLN C 232 0.12 -11.00 -28.37
C GLN C 232 1.19 -11.29 -29.40
N GLU C 233 1.00 -10.79 -30.62
CA GLU C 233 2.03 -10.89 -31.65
C GLU C 233 3.20 -9.98 -31.27
N VAL C 234 4.41 -10.54 -31.35
CA VAL C 234 5.63 -9.78 -31.08
C VAL C 234 6.54 -9.66 -32.31
N LEU C 235 6.29 -10.51 -33.31
CA LEU C 235 7.00 -10.42 -34.57
C LEU C 235 6.20 -11.08 -35.69
N LEU C 236 6.15 -10.41 -36.84
CA LEU C 236 5.63 -10.98 -38.07
C LEU C 236 6.70 -10.91 -39.16
N CYS C 237 6.94 -12.05 -39.80
CA CYS C 237 7.91 -12.13 -40.89
C CYS C 237 7.17 -12.58 -42.14
N LYS C 238 7.29 -11.80 -43.21
CA LYS C 238 6.75 -12.22 -44.51
C LYS C 238 7.89 -12.54 -45.47
N PHE C 239 7.99 -13.81 -45.82
CA PHE C 239 9.20 -14.38 -46.45
C PHE C 239 9.59 -13.79 -47.81
N ALA C 240 8.67 -13.84 -48.77
CA ALA C 240 8.97 -13.39 -50.12
C ALA C 240 9.34 -11.91 -50.18
N GLU C 241 8.65 -11.12 -49.37
CA GLU C 241 8.80 -9.65 -49.39
C GLU C 241 10.00 -9.15 -48.59
N GLY C 242 10.56 -10.01 -47.74
CA GLY C 242 11.65 -9.61 -46.84
C GLY C 242 11.17 -8.70 -45.72
N TYR C 243 9.90 -8.84 -45.36
CA TYR C 243 9.31 -8.13 -44.23
C TYR C 243 9.87 -8.74 -42.95
N ASN C 244 10.71 -7.97 -42.24
CA ASN C 244 11.40 -8.46 -41.03
C ASN C 244 12.19 -9.76 -41.23
N CYS C 245 12.64 -10.00 -42.46
CA CYS C 245 13.36 -11.23 -42.80
C CYS C 245 14.12 -11.15 -44.13
N ALA C 246 14.80 -12.24 -44.46
CA ALA C 246 15.51 -12.39 -45.72
C ALA C 246 15.47 -13.86 -46.15
N LEU C 247 14.68 -14.15 -47.17
CA LEU C 247 14.44 -15.51 -47.61
C LEU C 247 15.46 -15.97 -48.63
N GLN C 248 15.92 -17.21 -48.47
CA GLN C 248 16.75 -17.86 -49.46
C GLN C 248 16.20 -19.25 -49.75
N TYR C 249 15.92 -19.50 -51.02
CA TYR C 249 15.40 -20.80 -51.43
C TYR C 249 16.50 -21.66 -52.04
N ASP C 250 16.63 -22.87 -51.50
CA ASP C 250 17.66 -23.82 -51.89
C ASP C 250 17.00 -25.02 -52.55
N ALA C 251 16.79 -24.94 -53.87
CA ALA C 251 16.11 -25.97 -54.63
C ALA C 251 16.85 -27.31 -54.59
N THR C 252 18.18 -27.24 -54.64
CA THR C 252 19.03 -28.44 -54.67
C THR C 252 18.84 -29.31 -53.42
N ASP C 253 18.80 -28.66 -52.26
CA ASP C 253 18.66 -29.34 -50.97
C ASP C 253 17.20 -29.43 -50.51
N ASP C 254 16.30 -28.87 -51.32
CA ASP C 254 14.85 -28.87 -51.06
C ASP C 254 14.47 -28.25 -49.70
N CYS C 255 14.91 -27.02 -49.47
CA CYS C 255 14.66 -26.33 -48.22
C CYS C 255 14.60 -24.83 -48.41
N VAL C 256 14.12 -24.13 -47.39
CA VAL C 256 14.20 -22.67 -47.34
C VAL C 256 14.89 -22.24 -46.06
N THR C 257 15.76 -21.24 -46.18
CA THR C 257 16.34 -20.58 -45.02
C THR C 257 15.91 -19.13 -45.00
N CYS C 258 15.61 -18.62 -43.81
CA CYS C 258 15.17 -17.26 -43.67
C CYS C 258 15.75 -16.60 -42.44
N GLU C 259 16.60 -15.58 -42.67
CA GLU C 259 17.13 -14.79 -41.57
CA GLU C 259 17.14 -14.75 -41.60
C GLU C 259 15.99 -14.03 -40.92
N VAL C 260 15.88 -14.15 -39.61
CA VAL C 260 14.82 -13.47 -38.87
C VAL C 260 15.38 -12.17 -38.30
N LYS C 261 14.75 -11.05 -38.65
CA LYS C 261 15.23 -9.73 -38.27
C LYS C 261 14.34 -9.09 -37.20
N ASN C 262 14.98 -8.36 -36.28
CA ASN C 262 14.31 -7.52 -35.29
C ASN C 262 13.42 -8.27 -34.30
N CYS C 263 13.79 -9.51 -33.98
CA CYS C 263 13.06 -10.28 -32.98
C CYS C 263 13.29 -9.67 -31.60
N PRO C 264 12.20 -9.32 -30.90
CA PRO C 264 12.39 -8.87 -29.53
C PRO C 264 12.84 -10.03 -28.65
N VAL C 265 13.31 -9.72 -27.44
CA VAL C 265 13.73 -10.75 -26.50
C VAL C 265 12.51 -11.58 -26.11
N LEU C 266 12.66 -12.90 -26.20
CA LEU C 266 11.57 -13.82 -25.89
C LEU C 266 11.86 -14.58 -24.60
N ALA C 267 10.83 -14.71 -23.78
CA ALA C 267 10.92 -15.47 -22.53
C ALA C 267 9.65 -16.28 -22.31
N GLY C 268 9.82 -17.51 -21.84
CA GLY C 268 8.69 -18.37 -21.49
C GLY C 268 8.13 -19.11 -22.68
N ASP C 269 6.80 -19.18 -22.73
CA ASP C 269 6.10 -19.95 -23.76
C ASP C 269 5.84 -19.14 -25.03
N ILE C 270 6.36 -19.66 -26.14
CA ILE C 270 6.34 -18.98 -27.42
C ILE C 270 5.57 -19.83 -28.42
N LYS C 271 4.57 -19.21 -29.04
CA LYS C 271 3.79 -19.86 -30.08
C LYS C 271 4.24 -19.34 -31.44
N VAL C 272 4.56 -20.25 -32.33
CA VAL C 272 5.03 -19.88 -33.68
C VAL C 272 4.01 -20.38 -34.69
N ARG C 273 3.44 -19.46 -35.45
CA ARG C 273 2.40 -19.77 -36.42
C ARG C 273 2.90 -19.50 -37.83
N PHE C 274 2.62 -20.43 -38.75
CA PHE C 274 3.00 -20.25 -40.14
C PHE C 274 1.77 -20.11 -41.01
N MET C 275 1.67 -18.98 -41.70
CA MET C 275 0.53 -18.70 -42.57
C MET C 275 0.95 -18.77 -44.03
N SER C 276 -0.03 -18.96 -44.91
CA SER C 276 0.25 -19.11 -46.34
C SER C 276 -0.79 -18.40 -47.19
N THR C 277 -0.32 -17.78 -48.27
CA THR C 277 -1.21 -17.16 -49.26
C THR C 277 -1.69 -18.20 -50.28
N SER C 278 -1.12 -19.41 -50.20
CA SER C 278 -1.47 -20.50 -51.11
C SER C 278 -2.77 -21.20 -50.73
N LYS C 279 -3.65 -21.35 -51.73
CA LYS C 279 -4.89 -22.09 -51.55
C LYS C 279 -4.67 -23.61 -51.60
N SER C 280 -3.48 -24.02 -52.01
CA SER C 280 -3.13 -25.44 -52.08
C SER C 280 -2.46 -25.95 -50.80
N LEU C 281 -2.42 -25.09 -49.78
CA LEU C 281 -1.95 -25.48 -48.46
C LEU C 281 -3.10 -25.31 -47.46
N PRO C 282 -3.79 -26.43 -47.15
CA PRO C 282 -4.94 -26.41 -46.24
C PRO C 282 -4.59 -25.97 -44.84
N ARG C 283 -5.47 -25.18 -44.22
CA ARG C 283 -5.30 -24.82 -42.81
C ARG C 283 -5.85 -25.93 -41.92
N GLY C 284 -5.14 -26.21 -40.84
CA GLY C 284 -5.61 -27.17 -39.86
C GLY C 284 -6.22 -26.44 -38.67
N TYR C 285 -5.80 -26.84 -37.48
CA TYR C 285 -6.17 -26.12 -36.26
C TYR C 285 -5.56 -24.73 -36.26
N ASP C 286 -6.11 -23.85 -35.42
CA ASP C 286 -5.53 -22.52 -35.17
C ASP C 286 -5.52 -21.59 -36.39
N ASN C 287 -6.41 -21.84 -37.35
CA ASN C 287 -6.57 -21.01 -38.54
C ASN C 287 -5.29 -20.80 -39.35
N CYS C 288 -4.45 -21.82 -39.42
CA CYS C 288 -3.22 -21.77 -40.22
C CYS C 288 -2.73 -23.17 -40.64
N PRO C 289 -1.87 -23.24 -41.68
CA PRO C 289 -1.27 -24.50 -42.14
C PRO C 289 -0.57 -25.29 -41.04
N PHE C 290 0.39 -24.66 -40.36
CA PHE C 290 1.12 -25.32 -39.26
C PHE C 290 1.67 -24.35 -38.22
N TYR C 291 1.83 -24.87 -37.01
CA TYR C 291 2.24 -24.06 -35.85
C TYR C 291 2.81 -24.95 -34.75
N PHE C 292 3.45 -24.33 -33.75
CA PHE C 292 3.93 -25.06 -32.57
C PHE C 292 4.19 -24.13 -31.39
N TRP C 293 4.28 -24.74 -30.22
CA TRP C 293 4.67 -24.06 -28.99
C TRP C 293 5.99 -24.61 -28.50
N PHE C 294 6.81 -23.75 -27.91
CA PHE C 294 7.99 -24.19 -27.16
C PHE C 294 8.22 -23.24 -26.00
N ASN C 295 9.01 -23.67 -25.03
CA ASN C 295 9.40 -22.82 -23.92
C ASN C 295 10.88 -22.50 -24.00
N THR C 296 11.20 -21.21 -23.98
CA THR C 296 12.58 -20.73 -24.11
C THR C 296 13.54 -21.35 -23.09
N SER C 297 13.02 -21.64 -21.90
CA SER C 297 13.84 -22.19 -20.81
C SER C 297 14.21 -23.66 -21.00
N LEU C 298 13.45 -24.37 -21.82
CA LEU C 298 13.71 -25.78 -22.09
C LEU C 298 14.44 -26.01 -23.42
N VAL C 299 14.83 -24.91 -24.06
CA VAL C 299 15.65 -24.94 -25.28
C VAL C 299 17.06 -25.41 -24.94
N GLU C 300 17.55 -26.38 -25.70
CA GLU C 300 18.91 -26.90 -25.56
C GLU C 300 19.78 -26.37 -26.68
N GLY C 301 20.90 -25.73 -26.31
CA GLY C 301 21.81 -25.13 -27.29
C GLY C 301 21.27 -23.85 -27.91
N ASP C 302 21.59 -23.64 -29.18
CA ASP C 302 21.19 -22.42 -29.89
C ASP C 302 20.12 -22.65 -30.97
N HIS C 303 19.46 -23.81 -30.91
CA HIS C 303 18.39 -24.12 -31.85
C HIS C 303 17.35 -25.09 -31.29
N VAL C 304 16.17 -25.09 -31.89
CA VAL C 304 15.20 -26.15 -31.69
C VAL C 304 14.73 -26.65 -33.06
N THR C 305 14.83 -27.96 -33.25
CA THR C 305 14.43 -28.61 -34.47
C THR C 305 13.23 -29.52 -34.19
N LEU C 306 12.18 -29.35 -34.98
CA LEU C 306 10.95 -30.10 -34.80
C LEU C 306 10.67 -30.95 -36.03
N LYS C 307 10.45 -32.24 -35.81
CA LYS C 307 10.11 -33.15 -36.89
C LYS C 307 8.64 -33.03 -37.19
N ARG C 308 8.20 -33.66 -38.28
CA ARG C 308 6.81 -33.55 -38.73
C ARG C 308 5.80 -33.90 -37.62
N GLU C 309 6.09 -34.96 -36.85
CA GLU C 309 5.18 -35.44 -35.82
C GLU C 309 5.13 -34.51 -34.62
N GLU C 310 6.10 -33.59 -34.57
CA GLU C 310 6.25 -32.65 -33.46
C GLU C 310 5.65 -31.28 -33.77
N ILE C 311 5.04 -31.14 -34.93
CA ILE C 311 4.49 -29.86 -35.37
C ILE C 311 2.97 -29.97 -35.48
N ASP C 312 2.27 -28.96 -34.94
CA ASP C 312 0.82 -28.98 -34.92
C ASP C 312 0.21 -28.79 -36.31
N ASN C 313 -0.60 -29.79 -36.69
CA ASN C 313 -1.23 -29.94 -38.02
C ASN C 313 -0.51 -30.95 -38.96
N PRO C 314 0.82 -30.81 -39.18
CA PRO C 314 1.52 -31.88 -39.87
C PRO C 314 1.57 -33.19 -39.07
N HIS C 315 1.23 -33.11 -37.78
CA HIS C 315 1.23 -34.29 -36.92
C HIS C 315 0.16 -35.32 -37.34
N LYS C 316 -0.90 -34.86 -38.00
CA LYS C 316 -1.99 -35.71 -38.46
C LYS C 316 -1.64 -36.38 -39.80
N LYS C 317 -1.89 -37.69 -39.88
CA LYS C 317 -1.49 -38.51 -41.02
C LYS C 317 -2.12 -38.11 -42.36
N LYS C 318 -3.27 -37.45 -42.29
CA LYS C 318 -4.00 -36.99 -43.47
C LYS C 318 -3.26 -35.91 -44.28
N THR C 319 -2.24 -35.30 -43.69
CA THR C 319 -1.52 -34.20 -44.32
C THR C 319 -0.16 -34.66 -44.84
N TRP C 320 0.10 -35.97 -44.79
CA TRP C 320 1.43 -36.51 -45.04
C TRP C 320 1.85 -36.53 -46.52
N LYS C 321 0.91 -36.29 -47.41
CA LYS C 321 1.22 -36.08 -48.83
C LYS C 321 1.82 -34.68 -49.06
N ILE C 322 1.49 -33.75 -48.16
CA ILE C 322 2.03 -32.39 -48.23
C ILE C 322 3.30 -32.28 -47.39
N TYR C 323 3.19 -32.70 -46.13
CA TYR C 323 4.33 -32.72 -45.23
C TYR C 323 4.93 -34.11 -45.25
N ARG C 324 6.00 -34.26 -46.01
CA ARG C 324 6.68 -35.55 -46.17
C ARG C 324 7.47 -35.91 -44.91
N ASP C 325 8.03 -37.13 -44.87
CA ASP C 325 8.62 -37.63 -43.62
C ASP C 325 9.85 -36.86 -43.14
N ASN C 326 10.48 -36.13 -44.06
CA ASN C 326 11.65 -35.30 -43.76
C ASN C 326 11.32 -33.81 -43.69
N PHE C 327 10.06 -33.49 -43.42
CA PHE C 327 9.64 -32.13 -43.17
C PHE C 327 10.01 -31.76 -41.74
N THR C 328 10.86 -30.75 -41.60
CA THR C 328 11.26 -30.26 -40.29
C THR C 328 11.23 -28.74 -40.27
N VAL C 329 11.08 -28.17 -39.08
CA VAL C 329 11.19 -26.72 -38.89
C VAL C 329 12.21 -26.48 -37.78
N LYS C 330 13.22 -25.68 -38.09
CA LYS C 330 14.28 -25.37 -37.15
C LYS C 330 14.41 -23.88 -36.90
N LEU C 331 14.34 -23.48 -35.63
CA LEU C 331 14.57 -22.10 -35.24
C LEU C 331 15.96 -21.95 -34.64
N THR C 332 16.70 -20.96 -35.13
CA THR C 332 18.00 -20.62 -34.56
C THR C 332 17.80 -19.47 -33.57
N PHE C 333 18.55 -19.49 -32.48
CA PHE C 333 18.48 -18.44 -31.46
C PHE C 333 19.81 -17.75 -31.21
N SER C 334 19.72 -16.53 -30.69
CA SER C 334 20.84 -15.87 -30.01
C SER C 334 20.44 -15.74 -28.53
N ASP C 335 21.42 -15.73 -27.64
CA ASP C 335 21.13 -15.73 -26.20
C ASP C 335 21.10 -14.32 -25.62
N ALA C 336 19.93 -13.93 -25.10
CA ALA C 336 19.71 -12.60 -24.56
C ALA C 336 19.82 -12.59 -23.04
N ARG D 9 -45.52 -5.41 -17.03
CA ARG D 9 -45.06 -4.24 -16.24
C ARG D 9 -45.69 -2.94 -16.73
N THR D 10 -45.79 -1.96 -15.83
CA THR D 10 -46.35 -0.65 -16.16
C THR D 10 -45.35 0.19 -16.97
N ILE D 11 -45.86 1.18 -17.71
CA ILE D 11 -45.03 2.09 -18.51
C ILE D 11 -44.09 2.90 -17.61
N SER D 12 -44.57 3.22 -16.41
CA SER D 12 -43.85 4.04 -15.45
C SER D 12 -42.56 3.41 -14.93
N GLN D 13 -42.61 2.12 -14.61
CA GLN D 13 -41.44 1.39 -14.13
C GLN D 13 -40.50 0.92 -15.25
N ASN D 14 -41.00 1.02 -16.49
CA ASN D 14 -40.18 0.74 -17.68
C ASN D 14 -39.29 1.92 -18.07
N LYS D 15 -39.44 3.03 -17.36
CA LYS D 15 -38.67 4.26 -17.63
C LYS D 15 -37.19 4.15 -17.28
N ARG D 16 -36.83 3.13 -16.49
CA ARG D 16 -35.43 2.89 -16.11
C ARG D 16 -34.63 2.23 -17.24
N ARG D 17 -35.34 1.73 -18.25
CA ARG D 17 -34.74 0.96 -19.33
C ARG D 17 -33.95 1.81 -20.32
N TYR D 18 -32.89 1.22 -20.89
CA TYR D 18 -32.07 1.86 -21.91
C TYR D 18 -32.59 1.48 -23.29
N ARG D 19 -33.40 2.36 -23.87
CA ARG D 19 -34.03 2.08 -25.17
C ARG D 19 -33.57 3.10 -26.23
N LYS D 20 -32.31 2.98 -26.63
CA LYS D 20 -31.71 3.83 -27.67
C LYS D 20 -30.51 3.14 -28.31
N ASP D 21 -30.05 3.69 -29.44
CA ASP D 21 -28.89 3.18 -30.19
C ASP D 21 -29.00 1.69 -30.54
N GLY D 22 -30.22 1.23 -30.83
CA GLY D 22 -30.47 -0.17 -31.18
C GLY D 22 -30.44 -1.14 -30.02
N PHE D 23 -30.53 -0.61 -28.80
CA PHE D 23 -30.57 -1.44 -27.59
C PHE D 23 -31.87 -1.28 -26.83
N ASP D 24 -32.32 -2.36 -26.21
CA ASP D 24 -33.47 -2.34 -25.30
C ASP D 24 -33.14 -3.21 -24.10
N LEU D 25 -32.55 -2.58 -23.07
CA LEU D 25 -32.00 -3.30 -21.94
C LEU D 25 -32.43 -2.70 -20.60
N ASP D 26 -32.54 -3.56 -19.59
CA ASP D 26 -32.81 -3.09 -18.24
C ASP D 26 -31.50 -2.60 -17.64
N LEU D 27 -31.12 -1.40 -18.04
CA LEU D 27 -29.81 -0.82 -17.78
C LEU D 27 -29.97 0.68 -17.60
N THR D 28 -29.41 1.20 -16.51
CA THR D 28 -29.56 2.62 -16.18
C THR D 28 -28.22 3.24 -15.81
N TYR D 29 -27.88 4.34 -16.47
CA TYR D 29 -26.74 5.16 -16.08
C TYR D 29 -27.11 5.97 -14.83
N VAL D 30 -26.60 5.53 -13.67
CA VAL D 30 -26.76 6.26 -12.41
C VAL D 30 -25.87 7.51 -12.44
N THR D 31 -24.65 7.35 -12.95
CA THR D 31 -23.83 8.45 -13.41
C THR D 31 -23.35 8.08 -14.81
N ASP D 32 -22.61 8.98 -15.46
CA ASP D 32 -22.05 8.71 -16.78
C ASP D 32 -21.11 7.51 -16.78
N HIS D 33 -20.62 7.15 -15.60
CA HIS D 33 -19.62 6.09 -15.46
C HIS D 33 -20.03 4.97 -14.49
N VAL D 34 -21.23 5.09 -13.92
CA VAL D 34 -21.73 4.08 -12.99
C VAL D 34 -23.10 3.60 -13.45
N ILE D 35 -23.16 2.33 -13.81
CA ILE D 35 -24.34 1.70 -14.38
C ILE D 35 -24.97 0.72 -13.39
N ALA D 36 -26.30 0.78 -13.29
CA ALA D 36 -27.07 -0.16 -12.50
C ALA D 36 -27.99 -0.92 -13.46
N MET D 37 -28.02 -2.24 -13.33
CA MET D 37 -28.76 -3.08 -14.28
C MET D 37 -29.23 -4.40 -13.67
N SER D 38 -30.13 -5.07 -14.39
CA SER D 38 -30.64 -6.39 -14.01
C SER D 38 -29.69 -7.49 -14.43
N PHE D 39 -30.01 -8.71 -14.01
CA PHE D 39 -29.20 -9.90 -14.36
C PHE D 39 -29.10 -10.09 -15.87
N PRO D 40 -27.88 -10.36 -16.39
CA PRO D 40 -27.71 -10.71 -17.81
C PRO D 40 -28.15 -12.14 -18.05
N SER D 41 -29.43 -12.31 -18.41
CA SER D 41 -30.06 -13.63 -18.49
C SER D 41 -29.73 -14.44 -19.75
N SER D 42 -29.87 -15.76 -19.63
CA SER D 42 -29.78 -16.68 -20.76
C SER D 42 -31.04 -17.53 -20.87
N PHE D 48 -37.18 -9.48 -17.14
CA PHE D 48 -36.52 -8.17 -17.21
C PHE D 48 -36.03 -7.81 -18.62
N ARG D 49 -36.24 -8.71 -19.57
CA ARG D 49 -35.84 -8.52 -20.97
C ARG D 49 -34.40 -7.99 -21.08
N ASN D 50 -33.47 -8.77 -20.53
CA ASN D 50 -32.06 -8.36 -20.43
C ASN D 50 -31.12 -9.50 -20.84
N PRO D 51 -31.07 -9.84 -22.15
CA PRO D 51 -30.28 -11.00 -22.59
C PRO D 51 -28.78 -10.76 -22.62
N ILE D 52 -28.02 -11.73 -22.10
CA ILE D 52 -26.56 -11.62 -21.96
C ILE D 52 -25.84 -11.27 -23.26
N GLY D 53 -26.35 -11.77 -24.39
CA GLY D 53 -25.78 -11.46 -25.69
C GLY D 53 -25.83 -9.97 -25.99
N GLU D 54 -26.98 -9.36 -25.73
CA GLU D 54 -27.18 -7.93 -25.95
C GLU D 54 -26.44 -7.05 -24.95
N VAL D 55 -26.44 -7.45 -23.68
CA VAL D 55 -25.74 -6.71 -22.62
C VAL D 55 -24.22 -6.71 -22.88
N SER D 56 -23.67 -7.88 -23.21
CA SER D 56 -22.24 -7.97 -23.55
C SER D 56 -21.91 -7.11 -24.77
N ARG D 57 -22.78 -7.15 -25.78
CA ARG D 57 -22.64 -6.33 -26.97
C ARG D 57 -22.70 -4.83 -26.65
N PHE D 58 -23.55 -4.46 -25.69
CA PHE D 58 -23.64 -3.06 -25.24
C PHE D 58 -22.32 -2.57 -24.65
N PHE D 59 -21.68 -3.41 -23.84
CA PHE D 59 -20.43 -3.02 -23.20
C PHE D 59 -19.22 -3.03 -24.11
N LYS D 60 -19.19 -3.98 -25.05
CA LYS D 60 -18.13 -4.04 -26.06
C LYS D 60 -18.24 -2.91 -27.09
N THR D 61 -19.45 -2.40 -27.29
CA THR D 61 -19.71 -1.35 -28.28
C THR D 61 -19.60 0.06 -27.69
N LYS D 62 -20.07 0.24 -26.46
CA LYS D 62 -20.13 1.57 -25.83
C LYS D 62 -18.97 1.88 -24.88
N HIS D 63 -18.34 0.83 -24.35
CA HIS D 63 -17.20 1.01 -23.45
C HIS D 63 -16.13 -0.06 -23.71
N PRO D 64 -15.59 -0.11 -24.94
CA PRO D 64 -14.65 -1.19 -25.26
C PRO D 64 -13.37 -1.10 -24.43
N ASP D 65 -13.02 -2.22 -23.77
CA ASP D 65 -11.82 -2.34 -22.93
C ASP D 65 -11.83 -1.38 -21.74
N LYS D 66 -13.00 -0.83 -21.41
CA LYS D 66 -13.14 0.16 -20.34
C LYS D 66 -14.29 -0.11 -19.35
N PHE D 67 -14.75 -1.36 -19.27
CA PHE D 67 -15.82 -1.71 -18.35
C PHE D 67 -15.45 -2.80 -17.36
N ARG D 68 -16.12 -2.77 -16.22
CA ARG D 68 -16.03 -3.81 -15.21
C ARG D 68 -17.45 -4.13 -14.71
N ILE D 69 -17.77 -5.41 -14.66
CA ILE D 69 -19.12 -5.84 -14.30
C ILE D 69 -19.09 -6.47 -12.92
N TYR D 70 -20.07 -6.09 -12.09
CA TYR D 70 -20.21 -6.64 -10.76
C TYR D 70 -21.48 -7.47 -10.63
N ASN D 71 -21.31 -8.78 -10.46
CA ASN D 71 -22.42 -9.68 -10.18
C ASN D 71 -22.63 -9.86 -8.69
N LEU D 72 -23.76 -9.37 -8.20
CA LEU D 72 -24.05 -9.41 -6.77
C LEU D 72 -24.88 -10.62 -6.32
N CYS D 73 -25.13 -11.55 -7.24
CA CYS D 73 -25.97 -12.71 -6.95
C CYS D 73 -25.19 -13.91 -6.41
N SER D 74 -25.51 -14.32 -5.18
CA SER D 74 -24.99 -15.57 -4.63
C SER D 74 -25.59 -16.76 -5.39
N GLU D 75 -26.80 -16.58 -5.90
CA GLU D 75 -27.62 -17.67 -6.43
C GLU D 75 -27.23 -18.12 -7.83
N ARG D 76 -26.67 -17.20 -8.61
CA ARG D 76 -26.45 -17.45 -10.04
CA ARG D 76 -26.45 -17.44 -10.04
C ARG D 76 -25.26 -16.68 -10.61
N GLY D 77 -24.42 -17.39 -11.35
CA GLY D 77 -23.36 -16.79 -12.14
C GLY D 77 -23.76 -16.94 -13.60
N TYR D 78 -22.80 -16.73 -14.50
CA TYR D 78 -23.01 -16.89 -15.94
C TYR D 78 -21.66 -17.04 -16.63
N ASP D 79 -21.68 -17.06 -17.95
CA ASP D 79 -20.45 -17.11 -18.75
C ASP D 79 -19.79 -15.72 -18.73
N GLU D 80 -18.80 -15.58 -17.85
CA GLU D 80 -18.10 -14.30 -17.68
C GLU D 80 -17.16 -13.96 -18.84
N THR D 81 -16.89 -14.94 -19.70
CA THR D 81 -16.08 -14.69 -20.89
C THR D 81 -16.84 -13.87 -21.95
N LYS D 82 -18.17 -13.78 -21.80
CA LYS D 82 -18.99 -12.91 -22.65
C LYS D 82 -18.70 -11.43 -22.34
N PHE D 83 -18.25 -11.18 -21.11
CA PHE D 83 -17.81 -9.85 -20.69
C PHE D 83 -16.29 -9.74 -20.64
N ASP D 84 -15.61 -10.53 -21.46
CA ASP D 84 -14.14 -10.55 -21.52
C ASP D 84 -13.45 -10.80 -20.18
N ASN D 85 -14.12 -11.56 -19.30
CA ASN D 85 -13.57 -12.00 -18.01
C ASN D 85 -13.41 -10.84 -17.03
N HIS D 86 -14.15 -9.77 -17.28
CA HIS D 86 -14.10 -8.57 -16.47
C HIS D 86 -15.28 -8.56 -15.50
N VAL D 87 -15.45 -9.67 -14.80
CA VAL D 87 -16.56 -9.86 -13.88
C VAL D 87 -16.04 -10.17 -12.48
N TYR D 88 -16.48 -9.36 -11.52
CA TYR D 88 -16.14 -9.50 -10.13
C TYR D 88 -17.42 -9.91 -9.42
N ARG D 89 -17.35 -10.97 -8.63
CA ARG D 89 -18.53 -11.46 -7.92
C ARG D 89 -18.53 -11.06 -6.44
N VAL D 90 -19.67 -10.56 -5.97
CA VAL D 90 -19.93 -10.37 -4.54
C VAL D 90 -21.11 -11.26 -4.18
N MET D 91 -20.90 -12.20 -3.27
CA MET D 91 -21.89 -13.22 -2.95
C MET D 91 -22.91 -12.72 -1.92
N ILE D 92 -24.03 -12.21 -2.42
CA ILE D 92 -25.09 -11.66 -1.57
C ILE D 92 -26.41 -12.37 -1.85
N ASP D 93 -27.04 -12.89 -0.80
CA ASP D 93 -28.37 -13.48 -0.94
C ASP D 93 -29.39 -12.38 -1.23
N ASP D 94 -30.39 -12.71 -2.06
CA ASP D 94 -31.48 -11.78 -2.34
C ASP D 94 -32.12 -11.32 -1.03
N HIS D 95 -32.43 -10.03 -0.96
CA HIS D 95 -33.06 -9.40 0.20
C HIS D 95 -32.15 -9.47 1.43
N ASN D 96 -30.86 -9.60 1.18
CA ASN D 96 -29.86 -9.56 2.25
C ASN D 96 -28.70 -8.61 1.94
N VAL D 97 -27.70 -8.60 2.80
CA VAL D 97 -26.56 -7.67 2.67
C VAL D 97 -25.24 -8.41 2.44
N PRO D 98 -24.23 -7.72 1.86
CA PRO D 98 -22.87 -8.26 1.88
C PRO D 98 -22.30 -8.16 3.28
N THR D 99 -21.32 -8.99 3.60
CA THR D 99 -20.52 -8.75 4.79
C THR D 99 -19.76 -7.43 4.61
N LEU D 100 -19.40 -6.76 5.71
CA LEU D 100 -18.67 -5.50 5.60
C LEU D 100 -17.27 -5.71 5.00
N VAL D 101 -16.68 -6.87 5.27
CA VAL D 101 -15.42 -7.26 4.64
C VAL D 101 -15.57 -7.30 3.12
N ASP D 102 -16.64 -7.96 2.63
CA ASP D 102 -16.93 -8.00 1.19
C ASP D 102 -17.30 -6.64 0.61
N LEU D 103 -18.00 -5.82 1.39
CA LEU D 103 -18.35 -4.48 0.94
C LEU D 103 -17.11 -3.61 0.71
N LEU D 104 -16.19 -3.62 1.67
CA LEU D 104 -14.98 -2.81 1.57
C LEU D 104 -14.04 -3.34 0.48
N LYS D 105 -14.01 -4.67 0.33
CA LYS D 105 -13.28 -5.30 -0.75
C LYS D 105 -13.82 -4.80 -2.09
N PHE D 106 -15.14 -4.84 -2.26
CA PHE D 106 -15.76 -4.28 -3.46
C PHE D 106 -15.34 -2.82 -3.69
N ILE D 107 -15.42 -1.99 -2.66
CA ILE D 107 -15.07 -0.58 -2.77
C ILE D 107 -13.63 -0.41 -3.25
N ASP D 108 -12.72 -1.20 -2.68
CA ASP D 108 -11.31 -1.19 -3.08
C ASP D 108 -11.13 -1.53 -4.56
N ASP D 109 -11.83 -2.59 -5.01
CA ASP D 109 -11.73 -3.07 -6.40
C ASP D 109 -12.27 -2.05 -7.38
N ALA D 110 -13.38 -1.41 -7.02
CA ALA D 110 -13.96 -0.36 -7.83
C ALA D 110 -13.07 0.87 -7.85
N LYS D 111 -12.50 1.23 -6.71
CA LYS D 111 -11.63 2.40 -6.59
C LYS D 111 -10.38 2.32 -7.46
N VAL D 112 -9.70 1.16 -7.42
CA VAL D 112 -8.51 0.94 -8.25
C VAL D 112 -8.88 1.05 -9.73
N TRP D 113 -9.94 0.35 -10.12
CA TRP D 113 -10.42 0.36 -11.49
C TRP D 113 -10.75 1.77 -11.98
N MET D 114 -11.51 2.51 -11.17
CA MET D 114 -11.99 3.83 -11.57
C MET D 114 -10.92 4.92 -11.60
N THR D 115 -9.97 4.86 -10.67
CA THR D 115 -8.91 5.87 -10.62
C THR D 115 -7.85 5.73 -11.73
N SER D 116 -7.77 4.55 -12.34
CA SER D 116 -6.77 4.28 -13.37
C SER D 116 -7.10 4.81 -14.77
N ASP D 117 -8.34 5.24 -14.97
CA ASP D 117 -8.82 5.72 -16.27
C ASP D 117 -10.10 6.53 -16.06
N PRO D 118 -10.13 7.79 -16.53
CA PRO D 118 -11.32 8.63 -16.40
C PRO D 118 -12.49 8.13 -17.24
N ASP D 119 -12.19 7.29 -18.23
CA ASP D 119 -13.19 6.74 -19.13
C ASP D 119 -13.63 5.33 -18.72
N HIS D 120 -13.11 4.83 -17.60
CA HIS D 120 -13.55 3.54 -17.06
C HIS D 120 -14.96 3.64 -16.50
N VAL D 121 -15.70 2.54 -16.64
CA VAL D 121 -17.05 2.46 -16.09
C VAL D 121 -17.24 1.17 -15.28
N ILE D 122 -18.12 1.25 -14.29
CA ILE D 122 -18.56 0.08 -13.55
C ILE D 122 -20.04 -0.17 -13.80
N ALA D 123 -20.39 -1.44 -13.98
CA ALA D 123 -21.79 -1.84 -14.11
C ALA D 123 -22.14 -2.84 -13.01
N ILE D 124 -23.02 -2.42 -12.12
CA ILE D 124 -23.41 -3.23 -10.98
C ILE D 124 -24.79 -3.82 -11.21
N HIS D 125 -24.90 -5.14 -11.03
CA HIS D 125 -26.16 -5.86 -11.20
C HIS D 125 -26.42 -6.91 -10.12
N SER D 126 -27.70 -7.20 -9.91
CA SER D 126 -28.13 -8.29 -9.06
C SER D 126 -29.15 -9.12 -9.85
N LYS D 127 -30.33 -9.38 -9.30
CA LYS D 127 -31.38 -10.04 -10.07
C LYS D 127 -32.17 -8.98 -10.84
N GLY D 128 -32.85 -8.11 -10.10
CA GLY D 128 -33.62 -7.02 -10.70
C GLY D 128 -32.92 -5.68 -10.67
N GLY D 129 -31.72 -5.64 -10.13
CA GLY D 129 -30.92 -4.41 -10.05
C GLY D 129 -31.52 -3.38 -9.11
N LYS D 130 -32.14 -3.87 -8.04
CA LYS D 130 -32.83 -3.02 -7.09
C LYS D 130 -32.11 -2.99 -5.74
N GLY D 131 -32.48 -3.91 -4.86
CA GLY D 131 -32.02 -3.91 -3.46
C GLY D 131 -30.53 -4.11 -3.27
N ARG D 132 -30.00 -5.22 -3.76
CA ARG D 132 -28.57 -5.50 -3.61
C ARG D 132 -27.74 -4.51 -4.41
N THR D 133 -28.14 -4.26 -5.66
CA THR D 133 -27.47 -3.27 -6.50
C THR D 133 -27.47 -1.90 -5.82
N GLY D 134 -28.59 -1.56 -5.20
CA GLY D 134 -28.75 -0.30 -4.50
C GLY D 134 -27.78 -0.12 -3.36
N THR D 135 -27.50 -1.21 -2.65
CA THR D 135 -26.59 -1.16 -1.52
C THR D 135 -25.16 -0.82 -1.94
N LEU D 136 -24.67 -1.46 -3.00
CA LEU D 136 -23.29 -1.26 -3.46
CA LEU D 136 -23.30 -1.25 -3.46
C LEU D 136 -23.12 0.01 -4.31
N VAL D 137 -24.13 0.32 -5.13
CA VAL D 137 -24.11 1.57 -5.90
C VAL D 137 -24.11 2.79 -4.96
N SER D 138 -24.98 2.77 -3.95
CA SER D 138 -25.06 3.87 -2.98
C SER D 138 -23.76 4.02 -2.21
N SER D 139 -23.14 2.90 -1.84
CA SER D 139 -21.86 2.88 -1.15
C SER D 139 -20.74 3.49 -2.01
N TRP D 140 -20.64 3.03 -3.26
CA TRP D 140 -19.73 3.63 -4.23
C TRP D 140 -19.92 5.14 -4.37
N LEU D 141 -21.18 5.59 -4.53
CA LEU D 141 -21.49 7.01 -4.66
C LEU D 141 -20.99 7.82 -3.46
N LEU D 142 -21.06 7.21 -2.28
CA LEU D 142 -20.50 7.80 -1.05
C LEU D 142 -18.98 7.85 -1.12
N GLU D 143 -18.35 6.78 -1.60
CA GLU D 143 -16.90 6.73 -1.71
C GLU D 143 -16.40 7.77 -2.71
N ASP D 144 -17.13 7.91 -3.81
CA ASP D 144 -16.79 8.84 -4.89
C ASP D 144 -17.09 10.31 -4.56
N GLY D 145 -17.68 10.55 -3.40
CA GLY D 145 -17.93 11.92 -2.92
C GLY D 145 -19.09 12.61 -3.59
N LYS D 146 -19.82 11.88 -4.44
CA LYS D 146 -21.00 12.42 -5.11
C LYS D 146 -22.08 12.83 -4.11
N PHE D 147 -22.18 12.06 -3.02
CA PHE D 147 -23.09 12.33 -1.91
C PHE D 147 -22.35 12.21 -0.58
N ASP D 148 -22.80 12.98 0.40
CA ASP D 148 -22.20 13.00 1.74
CA ASP D 148 -22.18 12.96 1.73
C ASP D 148 -22.92 12.07 2.71
N THR D 149 -24.21 11.85 2.47
CA THR D 149 -25.02 10.99 3.34
C THR D 149 -25.56 9.75 2.63
N ALA D 150 -25.74 8.68 3.40
CA ALA D 150 -26.33 7.45 2.90
C ALA D 150 -27.74 7.69 2.37
N LYS D 151 -28.52 8.47 3.12
CA LYS D 151 -29.90 8.80 2.75
C LYS D 151 -29.99 9.44 1.36
N GLU D 152 -29.16 10.45 1.10
CA GLU D 152 -29.12 11.11 -0.21
C GLU D 152 -28.71 10.13 -1.31
N ALA D 153 -27.67 9.35 -1.06
CA ALA D 153 -27.21 8.38 -2.05
C ALA D 153 -28.28 7.34 -2.40
N LEU D 154 -28.95 6.82 -1.37
CA LEU D 154 -30.02 5.84 -1.54
C LEU D 154 -31.20 6.38 -2.35
N GLU D 155 -31.60 7.61 -2.04
CA GLU D 155 -32.72 8.25 -2.71
C GLU D 155 -32.39 8.58 -4.15
N TYR D 156 -31.13 8.94 -4.39
CA TYR D 156 -30.68 9.17 -5.75
C TYR D 156 -30.70 7.86 -6.56
N PHE D 157 -30.16 6.79 -5.99
CA PHE D 157 -30.23 5.49 -6.65
C PHE D 157 -31.68 5.09 -6.87
N GLY D 158 -32.51 5.30 -5.85
CA GLY D 158 -33.94 5.03 -5.92
C GLY D 158 -34.62 5.75 -7.07
N SER D 159 -34.23 7.00 -7.32
CA SER D 159 -34.81 7.79 -8.41
C SER D 159 -34.39 7.30 -9.80
N ARG D 160 -33.30 6.54 -9.85
CA ARG D 160 -32.76 6.05 -11.12
C ARG D 160 -33.22 4.63 -11.49
N ARG D 161 -33.41 3.78 -10.49
CA ARG D 161 -33.78 2.37 -10.72
C ARG D 161 -35.24 2.01 -10.41
N THR D 162 -35.95 2.93 -9.74
CA THR D 162 -37.39 2.79 -9.52
C THR D 162 -38.08 4.10 -9.89
N ASP D 163 -39.39 4.17 -9.69
CA ASP D 163 -40.15 5.38 -9.98
C ASP D 163 -40.13 6.39 -8.82
N PHE D 164 -39.43 6.05 -7.74
CA PHE D 164 -39.29 6.93 -6.59
C PHE D 164 -38.77 8.31 -6.99
N GLU D 165 -39.36 9.35 -6.41
CA GLU D 165 -38.89 10.72 -6.62
C GLU D 165 -38.41 11.34 -5.31
N VAL D 166 -37.31 12.10 -5.39
CA VAL D 166 -36.75 12.79 -4.23
C VAL D 166 -37.79 13.72 -3.59
N GLY D 167 -37.98 13.56 -2.29
CA GLY D 167 -38.98 14.32 -1.55
C GLY D 167 -40.15 13.46 -1.09
N ASP D 168 -40.26 12.28 -1.68
CA ASP D 168 -41.35 11.35 -1.37
C ASP D 168 -40.93 10.29 -0.34
N VAL D 169 -41.85 9.40 0.00
CA VAL D 169 -41.59 8.33 0.95
C VAL D 169 -40.72 7.27 0.29
N PHE D 170 -39.55 7.05 0.87
CA PHE D 170 -38.57 6.09 0.33
C PHE D 170 -38.96 4.66 0.70
N GLN D 171 -39.68 4.02 -0.22
CA GLN D 171 -40.15 2.64 -0.01
C GLN D 171 -39.98 1.81 -1.28
N GLY D 172 -39.93 0.50 -1.10
CA GLY D 172 -39.89 -0.46 -2.20
C GLY D 172 -38.57 -0.57 -2.95
N VAL D 173 -37.50 0.01 -2.39
CA VAL D 173 -36.20 -0.03 -3.07
C VAL D 173 -35.22 -0.99 -2.40
N GLU D 174 -34.93 -0.75 -1.12
CA GLU D 174 -34.06 -1.62 -0.33
C GLU D 174 -34.78 -2.20 0.90
N THR D 175 -34.21 -3.27 1.47
CA THR D 175 -34.64 -3.77 2.77
C THR D 175 -34.08 -2.83 3.84
N ALA D 176 -34.51 -3.03 5.08
CA ALA D 176 -34.01 -2.24 6.19
C ALA D 176 -32.52 -2.47 6.46
N SER D 177 -32.07 -3.72 6.40
CA SER D 177 -30.66 -4.03 6.59
C SER D 177 -29.82 -3.43 5.48
N GLN D 178 -30.35 -3.44 4.26
CA GLN D 178 -29.67 -2.83 3.14
C GLN D 178 -29.40 -1.34 3.36
N ILE D 179 -30.40 -0.65 3.91
CA ILE D 179 -30.30 0.75 4.28
C ILE D 179 -29.25 0.89 5.40
N ARG D 180 -29.36 0.03 6.41
CA ARG D 180 -28.40 -0.01 7.53
C ARG D 180 -26.95 -0.13 7.05
N TYR D 181 -26.70 -1.06 6.13
CA TYR D 181 -25.32 -1.34 5.68
C TYR D 181 -24.69 -0.25 4.82
N VAL D 182 -25.50 0.48 4.06
CA VAL D 182 -25.04 1.71 3.44
C VAL D 182 -24.66 2.75 4.53
N GLY D 183 -25.44 2.78 5.61
CA GLY D 183 -25.20 3.65 6.75
C GLY D 183 -23.92 3.27 7.45
N TYR D 184 -23.68 1.97 7.53
CA TYR D 184 -22.43 1.43 8.07
C TYR D 184 -21.24 1.94 7.25
N PHE D 185 -21.35 1.89 5.92
CA PHE D 185 -20.25 2.36 5.08
C PHE D 185 -19.98 3.85 5.29
N GLU D 186 -21.04 4.65 5.34
CA GLU D 186 -20.95 6.08 5.64
C GLU D 186 -20.16 6.29 6.93
N LYS D 187 -20.54 5.54 7.98
CA LYS D 187 -19.87 5.58 9.28
C LYS D 187 -18.40 5.19 9.18
N ILE D 188 -18.11 4.19 8.35
CA ILE D 188 -16.75 3.68 8.16
C ILE D 188 -15.85 4.73 7.48
N LYS D 189 -16.35 5.32 6.39
CA LYS D 189 -15.60 6.33 5.65
C LYS D 189 -15.33 7.58 6.50
N LYS D 190 -16.35 8.09 7.17
CA LYS D 190 -16.24 9.33 7.95
C LYS D 190 -15.46 9.15 9.24
N ASN D 191 -15.78 8.10 10.00
CA ASN D 191 -15.28 7.97 11.37
C ASN D 191 -14.25 6.87 11.63
N TYR D 192 -13.99 6.05 10.61
CA TYR D 192 -13.00 4.98 10.72
C TYR D 192 -12.00 4.97 9.56
N GLY D 193 -11.92 6.09 8.85
CA GLY D 193 -10.96 6.28 7.75
C GLY D 193 -11.07 5.28 6.61
N GLY D 194 -12.29 4.80 6.37
CA GLY D 194 -12.55 3.85 5.28
C GLY D 194 -12.16 2.41 5.57
N GLN D 195 -11.82 2.14 6.83
CA GLN D 195 -11.39 0.81 7.24
C GLN D 195 -12.31 0.23 8.31
N LEU D 196 -12.31 -1.09 8.45
CA LEU D 196 -13.13 -1.76 9.45
C LEU D 196 -12.82 -1.24 10.85
N PRO D 197 -13.88 -0.94 11.63
CA PRO D 197 -13.76 -0.53 13.03
C PRO D 197 -13.10 -1.62 13.87
N PRO D 198 -12.65 -1.28 15.11
CA PRO D 198 -12.10 -2.31 15.97
C PRO D 198 -13.08 -3.46 16.17
N MET D 199 -12.59 -4.70 16.03
CA MET D 199 -13.38 -5.91 16.21
CA MET D 199 -13.43 -5.89 16.19
C MET D 199 -13.93 -6.01 17.63
N LYS D 200 -15.24 -6.26 17.74
CA LYS D 200 -15.89 -6.47 19.03
C LYS D 200 -16.60 -7.82 19.06
N LYS D 201 -16.19 -8.66 20.00
CA LYS D 201 -16.78 -9.99 20.18
C LYS D 201 -17.87 -9.93 21.25
N LEU D 202 -19.06 -10.42 20.89
CA LEU D 202 -20.23 -10.34 21.76
C LEU D 202 -20.96 -11.68 21.86
N LYS D 203 -21.77 -11.81 22.92
CA LYS D 203 -22.75 -12.88 23.02
C LYS D 203 -24.13 -12.25 23.24
N VAL D 204 -25.13 -12.77 22.53
CA VAL D 204 -26.52 -12.38 22.78
C VAL D 204 -26.98 -13.10 24.05
N THR D 205 -27.45 -12.31 25.03
CA THR D 205 -27.94 -12.85 26.30
C THR D 205 -29.41 -12.53 26.54
N GLY D 206 -29.97 -11.70 25.67
CA GLY D 206 -31.36 -11.29 25.79
C GLY D 206 -31.94 -10.79 24.48
N VAL D 207 -33.22 -11.11 24.27
CA VAL D 207 -34.02 -10.52 23.19
C VAL D 207 -35.32 -9.96 23.79
N THR D 208 -35.66 -8.75 23.38
CA THR D 208 -36.84 -8.06 23.89
C THR D 208 -37.65 -7.58 22.70
N ILE D 209 -38.94 -7.93 22.69
CA ILE D 209 -39.83 -7.55 21.60
C ILE D 209 -41.01 -6.76 22.16
N THR D 210 -41.10 -5.48 21.77
CA THR D 210 -42.18 -4.60 22.22
C THR D 210 -43.36 -4.66 21.24
N ALA D 211 -44.55 -4.27 21.71
CA ALA D 211 -45.79 -4.39 20.92
C ALA D 211 -46.03 -5.82 20.43
N ILE D 212 -45.98 -6.76 21.36
CA ILE D 212 -46.09 -8.18 21.04
C ILE D 212 -47.51 -8.64 20.71
N GLN D 213 -48.52 -7.97 21.29
CA GLN D 213 -49.93 -8.27 20.99
C GLN D 213 -50.22 -8.14 19.48
N GLY D 214 -50.88 -9.16 18.92
CA GLY D 214 -51.23 -9.17 17.51
C GLY D 214 -50.16 -9.79 16.62
N VAL D 215 -48.96 -9.95 17.17
CA VAL D 215 -47.86 -10.61 16.48
C VAL D 215 -47.87 -12.09 16.85
N GLY D 216 -48.27 -12.92 15.90
CA GLY D 216 -48.43 -14.36 16.17
C GLY D 216 -49.52 -14.58 17.21
N ARG D 217 -49.18 -15.29 18.27
CA ARG D 217 -50.12 -15.55 19.36
CA ARG D 217 -50.11 -15.56 19.36
C ARG D 217 -50.25 -14.32 20.25
N GLY D 218 -49.20 -13.49 20.27
CA GLY D 218 -49.24 -12.23 21.00
C GLY D 218 -48.60 -12.27 22.37
N ASN D 219 -47.95 -13.38 22.69
CA ASN D 219 -47.31 -13.55 23.99
C ASN D 219 -45.94 -14.24 23.85
N GLY D 220 -45.45 -14.32 22.62
CA GLY D 220 -44.14 -14.90 22.33
C GLY D 220 -44.07 -16.42 22.25
N SER D 221 -45.18 -17.09 22.53
CA SER D 221 -45.21 -18.56 22.61
C SER D 221 -44.98 -19.24 21.26
N ASP D 222 -45.29 -18.54 20.17
CA ASP D 222 -45.14 -19.11 18.83
C ASP D 222 -43.73 -18.90 18.26
N LEU D 223 -42.94 -18.05 18.91
CA LEU D 223 -41.72 -17.53 18.30
C LEU D 223 -40.48 -18.36 18.56
N SER D 224 -39.63 -18.42 17.54
CA SER D 224 -38.27 -18.91 17.69
C SER D 224 -37.31 -17.91 17.06
N MET D 225 -36.05 -17.95 17.49
CA MET D 225 -35.02 -17.05 16.98
C MET D 225 -33.79 -17.83 16.56
N GLN D 226 -33.37 -17.63 15.31
CA GLN D 226 -32.15 -18.22 14.79
C GLN D 226 -31.06 -17.14 14.61
N ILE D 227 -29.85 -17.43 15.08
CA ILE D 227 -28.72 -16.55 14.84
C ILE D 227 -27.81 -17.20 13.81
N VAL D 228 -27.47 -16.45 12.77
CA VAL D 228 -26.66 -16.94 11.65
C VAL D 228 -25.37 -16.11 11.52
N SER D 229 -24.24 -16.81 11.39
CA SER D 229 -22.93 -16.18 11.19
C SER D 229 -22.16 -16.92 10.10
N GLU D 230 -21.63 -16.16 9.14
CA GLU D 230 -20.93 -16.70 7.98
C GLU D 230 -21.70 -17.89 7.36
N ARG D 231 -22.98 -17.63 7.07
CA ARG D 231 -23.87 -18.55 6.36
C ARG D 231 -24.18 -19.86 7.10
N GLN D 232 -23.93 -19.89 8.41
CA GLN D 232 -24.21 -21.08 9.22
C GLN D 232 -24.96 -20.69 10.49
N GLU D 233 -25.92 -21.52 10.88
CA GLU D 233 -26.62 -21.34 12.15
C GLU D 233 -25.65 -21.54 13.31
N VAL D 234 -25.64 -20.59 14.25
CA VAL D 234 -24.78 -20.69 15.42
C VAL D 234 -25.57 -20.79 16.73
N LEU D 235 -26.86 -20.44 16.67
CA LEU D 235 -27.77 -20.64 17.80
C LEU D 235 -29.22 -20.69 17.33
N LEU D 236 -29.99 -21.58 17.92
CA LEU D 236 -31.44 -21.60 17.76
C LEU D 236 -32.11 -21.54 19.13
N CYS D 237 -33.06 -20.62 19.28
CA CYS D 237 -33.82 -20.44 20.51
CA CYS D 237 -33.82 -20.54 20.56
C CYS D 237 -35.30 -20.69 20.23
N LYS D 238 -35.92 -21.55 21.03
CA LYS D 238 -37.38 -21.74 20.93
C LYS D 238 -38.02 -21.27 22.23
N PHE D 239 -38.83 -20.21 22.13
CA PHE D 239 -39.28 -19.41 23.26
C PHE D 239 -40.18 -20.16 24.24
N ALA D 240 -41.27 -20.74 23.75
CA ALA D 240 -42.22 -21.44 24.60
C ALA D 240 -41.60 -22.58 25.39
N GLU D 241 -40.73 -23.34 24.74
CA GLU D 241 -40.19 -24.58 25.28
C GLU D 241 -38.96 -24.36 26.13
N GLY D 242 -38.36 -23.17 26.03
CA GLY D 242 -37.13 -22.88 26.76
C GLY D 242 -35.90 -23.55 26.17
N TYR D 243 -35.98 -23.82 24.87
CA TYR D 243 -34.86 -24.34 24.07
C TYR D 243 -33.81 -23.22 23.93
N ASN D 244 -32.67 -23.39 24.59
CA ASN D 244 -31.61 -22.36 24.67
C ASN D 244 -32.09 -20.97 25.10
N CYS D 245 -33.13 -20.93 25.93
CA CYS D 245 -33.71 -19.67 26.36
C CYS D 245 -34.75 -19.81 27.49
N ALA D 246 -35.22 -18.67 27.98
CA ALA D 246 -36.26 -18.62 28.99
C ALA D 246 -37.11 -17.39 28.72
N LEU D 247 -38.37 -17.63 28.36
CA LEU D 247 -39.29 -16.58 27.96
C LEU D 247 -40.09 -16.04 29.13
N GLN D 248 -40.19 -14.71 29.20
CA GLN D 248 -41.15 -14.04 30.07
C GLN D 248 -42.07 -13.14 29.24
N TYR D 249 -43.37 -13.25 29.47
CA TYR D 249 -44.32 -12.36 28.82
C TYR D 249 -44.90 -11.38 29.83
N ASP D 250 -44.76 -10.09 29.54
CA ASP D 250 -45.29 -9.01 30.36
C ASP D 250 -46.50 -8.39 29.66
N ALA D 251 -47.68 -8.86 30.03
CA ALA D 251 -48.94 -8.42 29.39
C ALA D 251 -49.23 -6.94 29.63
N THR D 252 -48.82 -6.43 30.80
CA THR D 252 -49.01 -5.04 31.19
C THR D 252 -48.25 -4.09 30.24
N ASP D 253 -46.96 -4.39 30.03
CA ASP D 253 -46.11 -3.56 29.19
CA ASP D 253 -46.08 -3.57 29.20
C ASP D 253 -46.16 -3.94 27.72
N ASP D 254 -46.94 -4.98 27.41
CA ASP D 254 -47.16 -5.48 26.04
C ASP D 254 -45.84 -5.87 25.37
N CYS D 255 -45.03 -6.65 26.09
CA CYS D 255 -43.71 -7.03 25.59
CA CYS D 255 -43.68 -6.98 25.66
C CYS D 255 -43.27 -8.40 26.09
N VAL D 256 -42.38 -9.02 25.31
CA VAL D 256 -41.76 -10.27 25.72
C VAL D 256 -40.26 -10.06 25.90
N THR D 257 -39.72 -10.66 26.95
CA THR D 257 -38.28 -10.67 27.20
C THR D 257 -37.81 -12.12 27.29
N CYS D 258 -36.77 -12.46 26.54
CA CYS D 258 -36.31 -13.83 26.50
C CYS D 258 -34.82 -13.88 26.81
N GLU D 259 -34.48 -14.49 27.94
CA GLU D 259 -33.08 -14.74 28.32
C GLU D 259 -32.51 -15.69 27.28
N VAL D 260 -31.36 -15.35 26.71
CA VAL D 260 -30.77 -16.15 25.65
C VAL D 260 -29.58 -16.92 26.22
N LYS D 261 -29.64 -18.24 26.13
CA LYS D 261 -28.65 -19.11 26.76
C LYS D 261 -27.77 -19.81 25.74
N ASN D 262 -26.51 -20.05 26.10
CA ASN D 262 -25.55 -20.84 25.32
C ASN D 262 -25.09 -20.21 23.98
N CYS D 263 -25.33 -18.92 23.81
CA CYS D 263 -24.87 -18.23 22.61
C CYS D 263 -23.35 -18.27 22.51
N PRO D 264 -22.82 -18.72 21.36
CA PRO D 264 -21.38 -18.73 21.18
C PRO D 264 -20.85 -17.34 20.89
N VAL D 265 -19.53 -17.19 20.92
CA VAL D 265 -18.91 -15.90 20.64
C VAL D 265 -19.26 -15.44 19.23
N LEU D 266 -19.77 -14.21 19.13
CA LEU D 266 -20.18 -13.64 17.86
C LEU D 266 -19.26 -12.48 17.46
N ALA D 267 -18.87 -12.48 16.19
CA ALA D 267 -18.03 -11.43 15.65
C ALA D 267 -18.35 -11.19 14.18
N GLY D 268 -18.44 -9.91 13.80
CA GLY D 268 -18.70 -9.55 12.41
C GLY D 268 -20.17 -9.41 12.10
N ASP D 269 -20.57 -9.84 10.91
CA ASP D 269 -21.95 -9.67 10.44
C ASP D 269 -22.88 -10.79 10.92
N ILE D 270 -23.91 -10.39 11.64
CA ILE D 270 -24.82 -11.35 12.25
C ILE D 270 -26.23 -11.16 11.71
N LYS D 271 -26.84 -12.27 11.31
CA LYS D 271 -28.20 -12.30 10.76
C LYS D 271 -29.13 -12.98 11.77
N VAL D 272 -30.18 -12.28 12.18
CA VAL D 272 -31.10 -12.81 13.17
C VAL D 272 -32.50 -12.96 12.56
N ARG D 273 -33.01 -14.19 12.60
CA ARG D 273 -34.29 -14.50 11.96
C ARG D 273 -35.32 -14.94 12.99
N PHE D 274 -36.54 -14.45 12.86
CA PHE D 274 -37.60 -14.83 13.78
C PHE D 274 -38.67 -15.59 13.03
N MET D 275 -39.05 -16.72 13.60
CA MET D 275 -39.98 -17.65 12.95
C MET D 275 -41.17 -17.92 13.88
N SER D 276 -42.30 -18.27 13.29
CA SER D 276 -43.52 -18.49 14.06
C SER D 276 -44.23 -19.79 13.70
N THR D 277 -44.79 -20.45 14.71
CA THR D 277 -45.63 -21.63 14.53
C THR D 277 -47.05 -21.24 14.14
N SER D 278 -47.35 -19.95 14.28
CA SER D 278 -48.66 -19.41 13.90
CA SER D 278 -48.66 -19.41 13.91
C SER D 278 -48.77 -19.23 12.40
N LYS D 279 -49.86 -19.74 11.82
CA LYS D 279 -50.11 -19.59 10.39
C LYS D 279 -50.60 -18.19 10.07
N SER D 280 -51.25 -17.56 11.05
CA SER D 280 -51.83 -16.22 10.91
C SER D 280 -50.79 -15.10 10.84
N LEU D 281 -49.54 -15.40 11.19
CA LEU D 281 -48.44 -14.44 11.06
C LEU D 281 -47.70 -14.66 9.73
N PRO D 282 -47.93 -13.76 8.76
CA PRO D 282 -47.38 -13.92 7.41
C PRO D 282 -45.86 -13.85 7.36
N ARG D 283 -45.28 -14.54 6.38
CA ARG D 283 -43.85 -14.48 6.12
C ARG D 283 -43.58 -13.48 5.00
N GLY D 284 -42.47 -12.74 5.15
CA GLY D 284 -42.03 -11.81 4.12
C GLY D 284 -40.84 -12.42 3.41
N TYR D 285 -39.79 -11.63 3.23
CA TYR D 285 -38.53 -12.12 2.67
C TYR D 285 -37.87 -13.10 3.63
N ASP D 286 -36.98 -13.93 3.09
CA ASP D 286 -36.13 -14.84 3.87
C ASP D 286 -36.93 -15.93 4.61
N ASN D 287 -38.10 -16.27 4.07
CA ASN D 287 -38.94 -17.34 4.60
C ASN D 287 -39.25 -17.25 6.11
N CYS D 288 -39.55 -16.04 6.57
CA CYS D 288 -39.90 -15.80 7.97
C CYS D 288 -40.66 -14.48 8.14
N PRO D 289 -41.36 -14.32 9.28
CA PRO D 289 -42.09 -13.06 9.54
C PRO D 289 -41.19 -11.82 9.61
N PHE D 290 -40.08 -11.89 10.34
CA PHE D 290 -39.14 -10.77 10.42
C PHE D 290 -37.68 -11.19 10.75
N TYR D 291 -36.75 -10.38 10.26
CA TYR D 291 -35.31 -10.64 10.41
C TYR D 291 -34.48 -9.36 10.32
N PHE D 292 -33.21 -9.43 10.73
CA PHE D 292 -32.30 -8.31 10.52
C PHE D 292 -30.84 -8.72 10.54
N TRP D 293 -30.03 -7.85 9.96
CA TRP D 293 -28.58 -7.96 9.98
C TRP D 293 -27.98 -6.85 10.83
N PHE D 294 -26.90 -7.17 11.55
CA PHE D 294 -26.10 -6.14 12.21
C PHE D 294 -24.65 -6.59 12.26
N ASN D 295 -23.76 -5.63 12.49
CA ASN D 295 -22.34 -5.91 12.67
C ASN D 295 -21.92 -5.62 14.11
N THR D 296 -21.28 -6.61 14.73
CA THR D 296 -20.93 -6.54 16.16
C THR D 296 -20.04 -5.36 16.52
N SER D 297 -19.15 -4.97 15.61
CA SER D 297 -18.21 -3.87 15.84
C SER D 297 -18.90 -2.50 15.86
N LEU D 298 -20.07 -2.41 15.23
CA LEU D 298 -20.82 -1.16 15.18
CA LEU D 298 -20.79 -1.15 15.20
C LEU D 298 -21.90 -1.07 16.27
N VAL D 299 -21.98 -2.12 17.11
CA VAL D 299 -22.89 -2.12 18.26
C VAL D 299 -22.35 -1.16 19.32
N GLU D 300 -23.22 -0.27 19.79
CA GLU D 300 -22.87 0.68 20.84
C GLU D 300 -23.50 0.27 22.17
N GLY D 301 -22.73 0.37 23.25
CA GLY D 301 -23.20 -0.05 24.56
C GLY D 301 -23.36 -1.56 24.66
N ASP D 302 -24.39 -2.00 25.36
CA ASP D 302 -24.62 -3.43 25.59
C ASP D 302 -25.85 -3.97 24.87
N HIS D 303 -26.37 -3.19 23.92
CA HIS D 303 -27.59 -3.56 23.20
C HIS D 303 -27.72 -2.89 21.83
N VAL D 304 -28.52 -3.50 20.96
CA VAL D 304 -28.95 -2.82 19.75
C VAL D 304 -30.49 -2.87 19.68
N THR D 305 -31.11 -1.71 19.50
CA THR D 305 -32.57 -1.63 19.39
C THR D 305 -32.99 -1.17 18.01
N LEU D 306 -33.82 -1.98 17.35
CA LEU D 306 -34.30 -1.68 16.02
C LEU D 306 -35.79 -1.39 16.05
N LYS D 307 -36.16 -0.23 15.50
CA LYS D 307 -37.56 0.16 15.38
C LYS D 307 -38.19 -0.61 14.22
N ARG D 308 -39.51 -0.47 14.08
CA ARG D 308 -40.26 -1.15 13.03
C ARG D 308 -39.65 -0.99 11.63
N GLU D 309 -39.31 0.25 11.29
CA GLU D 309 -38.78 0.56 9.96
CA GLU D 309 -38.78 0.55 9.96
C GLU D 309 -37.35 0.04 9.76
N GLU D 310 -36.69 -0.32 10.86
CA GLU D 310 -35.31 -0.81 10.85
C GLU D 310 -35.17 -2.35 10.77
N ILE D 311 -36.29 -3.04 10.75
CA ILE D 311 -36.33 -4.51 10.72
C ILE D 311 -36.87 -4.97 9.38
N ASP D 312 -36.28 -6.03 8.83
CA ASP D 312 -36.68 -6.54 7.50
C ASP D 312 -38.01 -7.30 7.50
N ASN D 313 -38.95 -6.76 6.74
CA ASN D 313 -40.36 -7.22 6.60
C ASN D 313 -41.39 -6.31 7.29
N PRO D 314 -41.19 -5.99 8.60
CA PRO D 314 -42.04 -4.96 9.18
C PRO D 314 -41.79 -3.56 8.59
N HIS D 315 -40.72 -3.41 7.82
CA HIS D 315 -40.40 -2.15 7.14
C HIS D 315 -41.41 -1.80 6.05
N LYS D 316 -42.09 -2.82 5.51
CA LYS D 316 -43.13 -2.63 4.50
C LYS D 316 -44.44 -2.22 5.17
N LYS D 317 -45.05 -1.14 4.66
CA LYS D 317 -46.24 -0.54 5.28
C LYS D 317 -47.48 -1.44 5.28
N LYS D 318 -47.47 -2.48 4.45
CA LYS D 318 -48.57 -3.43 4.38
C LYS D 318 -48.71 -4.27 5.66
N THR D 319 -47.62 -4.34 6.43
CA THR D 319 -47.58 -5.17 7.64
C THR D 319 -47.90 -4.38 8.92
N TRP D 320 -48.13 -3.09 8.76
CA TRP D 320 -48.26 -2.15 9.89
C TRP D 320 -49.51 -2.34 10.74
N LYS D 321 -50.44 -3.16 10.26
CA LYS D 321 -51.56 -3.64 11.08
C LYS D 321 -51.06 -4.61 12.15
N ILE D 322 -50.07 -5.43 11.78
CA ILE D 322 -49.50 -6.45 12.68
C ILE D 322 -48.37 -5.90 13.53
N TYR D 323 -47.40 -5.26 12.88
CA TYR D 323 -46.32 -4.56 13.59
C TYR D 323 -46.70 -3.12 13.74
N ARG D 324 -47.16 -2.76 14.94
CA ARG D 324 -47.61 -1.39 15.21
C ARG D 324 -46.43 -0.44 15.37
N ASP D 325 -46.69 0.86 15.47
CA ASP D 325 -45.63 1.87 15.42
C ASP D 325 -44.57 1.74 16.53
N ASN D 326 -44.94 1.08 17.63
CA ASN D 326 -44.03 0.89 18.75
C ASN D 326 -43.39 -0.51 18.81
N PHE D 327 -43.57 -1.30 17.74
CA PHE D 327 -42.90 -2.60 17.60
C PHE D 327 -41.40 -2.40 17.44
N THR D 328 -40.64 -2.93 18.39
CA THR D 328 -39.17 -2.91 18.35
C THR D 328 -38.61 -4.27 18.74
N VAL D 329 -37.39 -4.54 18.29
CA VAL D 329 -36.62 -5.70 18.75
C VAL D 329 -35.29 -5.20 19.29
N LYS D 330 -35.00 -5.53 20.55
CA LYS D 330 -33.70 -5.24 21.14
C LYS D 330 -32.93 -6.51 21.45
N LEU D 331 -31.66 -6.53 21.06
CA LEU D 331 -30.74 -7.58 21.50
C LEU D 331 -29.85 -7.04 22.60
N THR D 332 -29.77 -7.76 23.71
CA THR D 332 -28.85 -7.46 24.79
C THR D 332 -27.62 -8.35 24.67
N PHE D 333 -26.44 -7.75 24.79
CA PHE D 333 -25.18 -8.46 24.61
C PHE D 333 -24.38 -8.58 25.89
N SER D 334 -23.50 -9.57 25.92
CA SER D 334 -22.44 -9.65 26.93
CA SER D 334 -22.44 -9.63 26.92
C SER D 334 -21.10 -9.51 26.22
N ASP D 335 -20.12 -8.94 26.93
CA ASP D 335 -18.78 -8.76 26.40
C ASP D 335 -18.08 -10.11 26.31
N ALA D 336 -17.53 -10.41 25.14
CA ALA D 336 -16.95 -11.73 24.87
C ALA D 336 -15.50 -11.69 24.39
N GLU D 337 -14.74 -10.71 24.89
CA GLU D 337 -13.33 -10.58 24.53
C GLU D 337 -12.47 -11.59 25.30
N ASP D 338 -11.41 -12.07 24.65
CA ASP D 338 -10.48 -13.01 25.26
C ASP D 338 -9.42 -12.27 26.06
P PO4 E . 5.89 30.23 24.66
O1 PO4 E . 5.56 29.09 23.74
O2 PO4 E . 5.52 31.53 24.01
O3 PO4 E . 5.14 30.04 25.96
O4 PO4 E . 7.37 30.19 24.97
P PO4 F . 9.95 5.53 -3.50
O1 PO4 F . 9.29 5.17 -4.82
O2 PO4 F . 9.35 6.80 -2.96
O3 PO4 F . 9.69 4.45 -2.49
O4 PO4 F . 11.43 5.70 -3.71
P PO4 G . 17.15 -10.44 13.46
O1 PO4 G . 16.89 -10.58 14.93
O2 PO4 G . 15.87 -10.62 12.69
O3 PO4 G . 17.72 -9.07 13.17
O4 PO4 G . 18.15 -11.49 13.04
P PO4 H . -6.07 -15.62 -16.80
O1 PO4 H . -6.01 -16.95 -16.10
O2 PO4 H . -6.12 -15.82 -18.29
O3 PO4 H . -7.32 -14.88 -16.41
O4 PO4 H . -4.86 -14.77 -16.46
P PO4 I . -10.74 -30.26 -26.35
O1 PO4 I . -10.37 -31.22 -27.46
O2 PO4 I . -11.62 -29.14 -26.86
O3 PO4 I . -11.49 -31.01 -25.28
O4 PO4 I . -9.47 -29.71 -25.73
P PO4 J . -6.64 -43.21 -6.19
O1 PO4 J . -7.57 -44.17 -6.88
O2 PO4 J . -6.75 -41.85 -6.86
O3 PO4 J . -7.01 -43.10 -4.73
O4 PO4 J . -5.23 -43.72 -6.29
P PO4 K . -2.63 -16.32 -18.94
O1 PO4 K . -3.95 -17.04 -19.08
O2 PO4 K . -2.36 -15.48 -20.17
O3 PO4 K . -2.61 -15.39 -17.75
O4 PO4 K . -1.54 -17.35 -18.80
P PO4 L . -32.38 -7.42 -6.16
O1 PO4 L . -32.99 -8.80 -6.16
O2 PO4 L . -31.74 -7.13 -7.49
O3 PO4 L . -33.46 -6.40 -5.91
O4 PO4 L . -31.38 -7.31 -5.05
P PO4 M . -17.75 11.19 -13.37
O1 PO4 M . -16.70 10.32 -12.72
O2 PO4 M . -18.89 10.34 -13.87
O3 PO4 M . -18.28 12.18 -12.35
O4 PO4 M . -17.14 11.94 -14.53
#